data_9JM2
# 
_entry.id   9JM2 
# 
_audit_conform.dict_name       mmcif_pdbx.dic 
_audit_conform.dict_version    5.407 
_audit_conform.dict_location   http://mmcif.pdb.org/dictionaries/ascii/mmcif_pdbx.dic 
# 
loop_
_database_2.database_id 
_database_2.database_code 
_database_2.pdbx_database_accession 
_database_2.pdbx_DOI 
PDB   9JM2         pdb_00009jm2 10.2210/pdb9jm2/pdb 
WWPDB D_1300051657 ?            ?                   
# 
loop_
_pdbx_audit_revision_history.ordinal 
_pdbx_audit_revision_history.data_content_type 
_pdbx_audit_revision_history.major_revision 
_pdbx_audit_revision_history.minor_revision 
_pdbx_audit_revision_history.revision_date 
_pdbx_audit_revision_history.part_number 
1 'Structure model' 1 0 2025-08-27 ? 
2 'Structure model' 1 1 2025-09-10 ? 
3 'Structure model' 1 2 2025-12-17 ? 
# 
_pdbx_audit_revision_details.ordinal             1 
_pdbx_audit_revision_details.revision_ordinal    1 
_pdbx_audit_revision_details.data_content_type   'Structure model' 
_pdbx_audit_revision_details.provider            repository 
_pdbx_audit_revision_details.type                'Initial release' 
_pdbx_audit_revision_details.description         ? 
_pdbx_audit_revision_details.details             ? 
# 
loop_
_pdbx_audit_revision_group.ordinal 
_pdbx_audit_revision_group.revision_ordinal 
_pdbx_audit_revision_group.data_content_type 
_pdbx_audit_revision_group.group 
1 2 'Structure model' 'Database references' 
2 3 'Structure model' 'Database references' 
# 
loop_
_pdbx_audit_revision_category.ordinal 
_pdbx_audit_revision_category.revision_ordinal 
_pdbx_audit_revision_category.data_content_type 
_pdbx_audit_revision_category.category 
1 2 'Structure model' citation        
2 2 'Structure model' citation_author 
3 3 'Structure model' citation        
4 3 'Structure model' citation_author 
# 
loop_
_pdbx_audit_revision_item.ordinal 
_pdbx_audit_revision_item.revision_ordinal 
_pdbx_audit_revision_item.data_content_type 
_pdbx_audit_revision_item.item 
1  2 'Structure model' '_citation.country'                 
2  2 'Structure model' '_citation.journal_abbrev'          
3  2 'Structure model' '_citation.journal_id_CSD'          
4  2 'Structure model' '_citation.journal_id_ISSN'         
5  2 'Structure model' '_citation.pdbx_database_id_DOI'    
6  2 'Structure model' '_citation.pdbx_database_id_PubMed' 
7  2 'Structure model' '_citation.title'                   
8  2 'Structure model' '_citation.year'                    
9  3 'Structure model' '_citation.journal_volume'          
10 3 'Structure model' '_citation.page_first'              
11 3 'Structure model' '_citation.page_last'               
12 3 'Structure model' '_citation_author.identifier_ORCID' 
# 
_pdbx_database_status.status_code                     REL 
_pdbx_database_status.status_code_sf                  REL 
_pdbx_database_status.status_code_mr                  ? 
_pdbx_database_status.entry_id                        9JM2 
_pdbx_database_status.recvd_initial_deposition_date   2024-09-20 
_pdbx_database_status.SG_entry                        N 
_pdbx_database_status.deposit_site                    PDBJ 
_pdbx_database_status.process_site                    PDBC 
_pdbx_database_status.status_code_cs                  ? 
_pdbx_database_status.status_code_nmr_data            ? 
_pdbx_database_status.methods_development_category    ? 
_pdbx_database_status.pdb_format_compatible           Y 
# 
loop_
_pdbx_contact_author.id 
_pdbx_contact_author.email 
_pdbx_contact_author.name_first 
_pdbx_contact_author.name_last 
_pdbx_contact_author.name_mi 
_pdbx_contact_author.role 
_pdbx_contact_author.identifier_ORCID 
2 caolongxing@westlake.edu.cn Longxing Cao ? 'principal investigator/group leader' 0000-0003-4002-3648 
3 yubowen@westlake.edu.cn     Bowen    Yu  ? 'principal investigator/group leader' 0000-0002-0852-6280 
# 
loop_
_audit_author.name 
_audit_author.pdbx_ordinal 
_audit_author.identifier_ORCID 
'Yu, B.'  1 0000-0002-0852-6280 
'Cao, L.' 2 0000-0003-4002-3648 
# 
_citation.abstract                  ? 
_citation.abstract_id_CAS           ? 
_citation.book_id_ISBN              ? 
_citation.book_publisher            ? 
_citation.book_publisher_city       ? 
_citation.book_title                ? 
_citation.coordinate_linkage        ? 
_citation.country                   UK 
_citation.database_id_Medline       ? 
_citation.details                   ? 
_citation.id                        primary 
_citation.journal_abbrev            Nat.Chem. 
_citation.journal_id_ASTM           ? 
_citation.journal_id_CSD            ? 
_citation.journal_id_ISSN           1755-4349 
_citation.journal_full              ? 
_citation.journal_issue             ? 
_citation.journal_volume            17 
_citation.language                  ? 
_citation.page_first                1910 
_citation.page_last                 1919 
_citation.title                     
'De novo design of light-responsive protein-protein interactions enables reversible formation of protein assemblies.' 
_citation.year                      2025 
_citation.database_id_CSD           ? 
_citation.pdbx_database_id_DOI      10.1038/s41557-025-01929-2 
_citation.pdbx_database_id_PubMed   40877575 
_citation.pdbx_database_id_patent   ? 
_citation.unpublished_flag          ? 
# 
loop_
_citation_author.citation_id 
_citation_author.name 
_citation_author.ordinal 
_citation_author.identifier_ORCID 
primary 'Yu, B.'    1  ? 
primary 'Liu, J.'   2  ? 
primary 'Cui, Z.'   3  ? 
primary 'Wang, C.'  4  ? 
primary 'Chen, P.'  5  ? 
primary 'Wang, C.'  6  ? 
primary 'Zhang, Y.' 7  ? 
primary 'Zhu, X.'   8  ? 
primary 'Zhang, Z.' 9  ? 
primary 'Li, S.'    10 ? 
primary 'Pan, J.'   11 ? 
primary 'Xie, M.'   12 ? 
primary 'Shen, H.'  13 ? 
primary 'Cao, L.'   14 ? 
# 
loop_
_entity.id 
_entity.type 
_entity.src_method 
_entity.pdbx_description 
_entity.formula_weight 
_entity.pdbx_number_of_molecules 
_entity.pdbx_ec 
_entity.pdbx_mutation 
_entity.pdbx_fragment 
_entity.details 
1 polymer man LRO-C2-35 8636.998 2   ? ? ? ? 
2 water   nat water     18.015   123 ? ? ? ? 
# 
_entity_poly.entity_id                      1 
_entity_poly.type                           'polypeptide(L)' 
_entity_poly.nstd_linkage                   no 
_entity_poly.nstd_monomer                   yes 
_entity_poly.pdbx_seq_one_letter_code       'MGEFEKRAKELIERAKKLNTPAAKVIEEALKL(OZW)IEAYKEAKKKGDALQQALLEESLAQAEEMLRRLEHHHHHH' 
_entity_poly.pdbx_seq_one_letter_code_can   MGEFEKRAKELIERAKKLNTPAAKVIEEALKLFIEAYKEAKKKGDALQQALLEESLAQAEEMLRRLEHHHHHH 
_entity_poly.pdbx_strand_id                 B,A 
_entity_poly.pdbx_target_identifier         ? 
# 
_pdbx_entity_nonpoly.entity_id   2 
_pdbx_entity_nonpoly.name        water 
_pdbx_entity_nonpoly.comp_id     HOH 
# 
loop_
_entity_poly_seq.entity_id 
_entity_poly_seq.num 
_entity_poly_seq.mon_id 
_entity_poly_seq.hetero 
1 1  MET n 
1 2  GLY n 
1 3  GLU n 
1 4  PHE n 
1 5  GLU n 
1 6  LYS n 
1 7  ARG n 
1 8  ALA n 
1 9  LYS n 
1 10 GLU n 
1 11 LEU n 
1 12 ILE n 
1 13 GLU n 
1 14 ARG n 
1 15 ALA n 
1 16 LYS n 
1 17 LYS n 
1 18 LEU n 
1 19 ASN n 
1 20 THR n 
1 21 PRO n 
1 22 ALA n 
1 23 ALA n 
1 24 LYS n 
1 25 VAL n 
1 26 ILE n 
1 27 GLU n 
1 28 GLU n 
1 29 ALA n 
1 30 LEU n 
1 31 LYS n 
1 32 LEU n 
1 33 OZW n 
1 34 ILE n 
1 35 GLU n 
1 36 ALA n 
1 37 TYR n 
1 38 LYS n 
1 39 GLU n 
1 40 ALA n 
1 41 LYS n 
1 42 LYS n 
1 43 LYS n 
1 44 GLY n 
1 45 ASP n 
1 46 ALA n 
1 47 LEU n 
1 48 GLN n 
1 49 GLN n 
1 50 ALA n 
1 51 LEU n 
1 52 LEU n 
1 53 GLU n 
1 54 GLU n 
1 55 SER n 
1 56 LEU n 
1 57 ALA n 
1 58 GLN n 
1 59 ALA n 
1 60 GLU n 
1 61 GLU n 
1 62 MET n 
1 63 LEU n 
1 64 ARG n 
1 65 ARG n 
1 66 LEU n 
1 67 GLU n 
1 68 HIS n 
1 69 HIS n 
1 70 HIS n 
1 71 HIS n 
1 72 HIS n 
1 73 HIS n 
# 
_entity_src_gen.entity_id                          1 
_entity_src_gen.pdbx_src_id                        1 
_entity_src_gen.pdbx_alt_source_flag               sample 
_entity_src_gen.pdbx_seq_type                      'Biological sequence' 
_entity_src_gen.pdbx_beg_seq_num                   1 
_entity_src_gen.pdbx_end_seq_num                   73 
_entity_src_gen.gene_src_common_name               ? 
_entity_src_gen.gene_src_genus                     ? 
_entity_src_gen.pdbx_gene_src_gene                 ? 
_entity_src_gen.gene_src_species                   ? 
_entity_src_gen.gene_src_strain                    ? 
_entity_src_gen.gene_src_tissue                    ? 
_entity_src_gen.gene_src_tissue_fraction           ? 
_entity_src_gen.gene_src_details                   ? 
_entity_src_gen.pdbx_gene_src_fragment             ? 
_entity_src_gen.pdbx_gene_src_scientific_name      'Escherichia coli' 
_entity_src_gen.pdbx_gene_src_ncbi_taxonomy_id     562 
_entity_src_gen.pdbx_gene_src_variant              ? 
_entity_src_gen.pdbx_gene_src_cell_line            ? 
_entity_src_gen.pdbx_gene_src_atcc                 ? 
_entity_src_gen.pdbx_gene_src_organ                ? 
_entity_src_gen.pdbx_gene_src_organelle            ? 
_entity_src_gen.pdbx_gene_src_cell                 ? 
_entity_src_gen.pdbx_gene_src_cellular_location    ? 
_entity_src_gen.host_org_common_name               ? 
_entity_src_gen.pdbx_host_org_scientific_name      'Escherichia coli' 
_entity_src_gen.pdbx_host_org_ncbi_taxonomy_id     562 
_entity_src_gen.host_org_genus                     ? 
_entity_src_gen.pdbx_host_org_gene                 ? 
_entity_src_gen.pdbx_host_org_organ                ? 
_entity_src_gen.host_org_species                   ? 
_entity_src_gen.pdbx_host_org_tissue               ? 
_entity_src_gen.pdbx_host_org_tissue_fraction      ? 
_entity_src_gen.pdbx_host_org_strain               ? 
_entity_src_gen.pdbx_host_org_variant              ? 
_entity_src_gen.pdbx_host_org_cell_line            ? 
_entity_src_gen.pdbx_host_org_atcc                 ? 
_entity_src_gen.pdbx_host_org_culture_collection   ? 
_entity_src_gen.pdbx_host_org_cell                 ? 
_entity_src_gen.pdbx_host_org_organelle            ? 
_entity_src_gen.pdbx_host_org_cellular_location    ? 
_entity_src_gen.pdbx_host_org_vector_type          ? 
_entity_src_gen.pdbx_host_org_vector               ? 
_entity_src_gen.host_org_details                   ? 
_entity_src_gen.expression_system_id               ? 
_entity_src_gen.plasmid_name                       ? 
_entity_src_gen.plasmid_details                    ? 
_entity_src_gen.pdbx_description                   ? 
# 
loop_
_chem_comp.id 
_chem_comp.type 
_chem_comp.mon_nstd_flag 
_chem_comp.name 
_chem_comp.pdbx_synonyms 
_chem_comp.formula 
_chem_comp.formula_weight 
ALA 'L-peptide linking' y ALANINE                          ? 'C3 H7 N O2'     89.093  
ARG 'L-peptide linking' y ARGININE                         ? 'C6 H15 N4 O2 1' 175.209 
ASN 'L-peptide linking' y ASPARAGINE                       ? 'C4 H8 N2 O3'    132.118 
ASP 'L-peptide linking' y 'ASPARTIC ACID'                  ? 'C4 H7 N O4'     133.103 
GLN 'L-peptide linking' y GLUTAMINE                        ? 'C5 H10 N2 O3'   146.144 
GLU 'L-peptide linking' y 'GLUTAMIC ACID'                  ? 'C5 H9 N O4'     147.129 
GLY 'peptide linking'   y GLYCINE                          ? 'C2 H5 N O2'     75.067  
HIS 'L-peptide linking' y HISTIDINE                        ? 'C6 H10 N3 O2 1' 156.162 
HOH non-polymer         . WATER                            ? 'H2 O'           18.015  
ILE 'L-peptide linking' y ISOLEUCINE                       ? 'C6 H13 N O2'    131.173 
LEU 'L-peptide linking' y LEUCINE                          ? 'C6 H13 N O2'    131.173 
LYS 'L-peptide linking' y LYSINE                           ? 'C6 H15 N2 O2 1' 147.195 
MET 'L-peptide linking' y METHIONINE                       ? 'C5 H11 N O2 S'  149.211 
OZW 'L-peptide linking' n 'phenylhydrazinyl phenylalanine' ? 'C15 H17 N3 O2'  271.314 
PHE 'L-peptide linking' y PHENYLALANINE                    ? 'C9 H11 N O2'    165.189 
PRO 'L-peptide linking' y PROLINE                          ? 'C5 H9 N O2'     115.130 
SER 'L-peptide linking' y SERINE                           ? 'C3 H7 N O3'     105.093 
THR 'L-peptide linking' y THREONINE                        ? 'C4 H9 N O3'     119.119 
TYR 'L-peptide linking' y TYROSINE                         ? 'C9 H11 N O3'    181.189 
VAL 'L-peptide linking' y VALINE                           ? 'C5 H11 N O2'    117.146 
# 
loop_
_pdbx_poly_seq_scheme.asym_id 
_pdbx_poly_seq_scheme.entity_id 
_pdbx_poly_seq_scheme.seq_id 
_pdbx_poly_seq_scheme.mon_id 
_pdbx_poly_seq_scheme.ndb_seq_num 
_pdbx_poly_seq_scheme.pdb_seq_num 
_pdbx_poly_seq_scheme.auth_seq_num 
_pdbx_poly_seq_scheme.pdb_mon_id 
_pdbx_poly_seq_scheme.auth_mon_id 
_pdbx_poly_seq_scheme.pdb_strand_id 
_pdbx_poly_seq_scheme.pdb_ins_code 
_pdbx_poly_seq_scheme.hetero 
A 1 1  MET 1  1  1  MET MET B . n 
A 1 2  GLY 2  2  2  GLY GLY B . n 
A 1 3  GLU 3  3  3  GLU GLU B . n 
A 1 4  PHE 4  4  4  PHE PHE B . n 
A 1 5  GLU 5  5  5  GLU GLU B . n 
A 1 6  LYS 6  6  6  LYS LYS B . n 
A 1 7  ARG 7  7  7  ARG ARG B . n 
A 1 8  ALA 8  8  8  ALA ALA B . n 
A 1 9  LYS 9  9  9  LYS LYS B . n 
A 1 10 GLU 10 10 10 GLU GLU B . n 
A 1 11 LEU 11 11 11 LEU LEU B . n 
A 1 12 ILE 12 12 12 ILE ILE B . n 
A 1 13 GLU 13 13 13 GLU GLU B . n 
A 1 14 ARG 14 14 14 ARG ARG B . n 
A 1 15 ALA 15 15 15 ALA ALA B . n 
A 1 16 LYS 16 16 16 LYS LYS B . n 
A 1 17 LYS 17 17 17 LYS LYS B . n 
A 1 18 LEU 18 18 18 LEU LEU B . n 
A 1 19 ASN 19 19 19 ASN ASN B . n 
A 1 20 THR 20 20 20 THR THR B . n 
A 1 21 PRO 21 21 21 PRO PRO B . n 
A 1 22 ALA 22 22 22 ALA ALA B . n 
A 1 23 ALA 23 23 23 ALA ALA B . n 
A 1 24 LYS 24 24 24 LYS LYS B . n 
A 1 25 VAL 25 25 25 VAL VAL B . n 
A 1 26 ILE 26 26 26 ILE ILE B . n 
A 1 27 GLU 27 27 27 GLU GLU B . n 
A 1 28 GLU 28 28 28 GLU GLU B . n 
A 1 29 ALA 29 29 29 ALA ALA B . n 
A 1 30 LEU 30 30 30 LEU LEU B . n 
A 1 31 LYS 31 31 31 LYS LYS B . n 
A 1 32 LEU 32 32 32 LEU LEU B . n 
A 1 33 OZW 33 33 33 OZW AFT B . n 
A 1 34 ILE 34 34 34 ILE ILE B . n 
A 1 35 GLU 35 35 35 GLU GLU B . n 
A 1 36 ALA 36 36 36 ALA ALA B . n 
A 1 37 TYR 37 37 37 TYR TYR B . n 
A 1 38 LYS 38 38 38 LYS LYS B . n 
A 1 39 GLU 39 39 39 GLU GLU B . n 
A 1 40 ALA 40 40 40 ALA ALA B . n 
A 1 41 LYS 41 41 41 LYS LYS B . n 
A 1 42 LYS 42 42 42 LYS LYS B . n 
A 1 43 LYS 43 43 43 LYS LYS B . n 
A 1 44 GLY 44 44 44 GLY GLY B . n 
A 1 45 ASP 45 45 45 ASP ASP B . n 
A 1 46 ALA 46 46 46 ALA ALA B . n 
A 1 47 LEU 47 47 47 LEU LEU B . n 
A 1 48 GLN 48 48 48 GLN GLN B . n 
A 1 49 GLN 49 49 49 GLN GLN B . n 
A 1 50 ALA 50 50 50 ALA ALA B . n 
A 1 51 LEU 51 51 51 LEU LEU B . n 
A 1 52 LEU 52 52 52 LEU LEU B . n 
A 1 53 GLU 53 53 53 GLU GLU B . n 
A 1 54 GLU 54 54 54 GLU GLU B . n 
A 1 55 SER 55 55 55 SER SER B . n 
A 1 56 LEU 56 56 56 LEU LEU B . n 
A 1 57 ALA 57 57 57 ALA ALA B . n 
A 1 58 GLN 58 58 58 GLN GLN B . n 
A 1 59 ALA 59 59 59 ALA ALA B . n 
A 1 60 GLU 60 60 60 GLU GLU B . n 
A 1 61 GLU 61 61 61 GLU GLU B . n 
A 1 62 MET 62 62 62 MET MET B . n 
A 1 63 LEU 63 63 63 LEU LEU B . n 
A 1 64 ARG 64 64 64 ARG ARG B . n 
A 1 65 ARG 65 65 65 ARG ARG B . n 
A 1 66 LEU 66 66 66 LEU LEU B . n 
A 1 67 GLU 67 67 67 GLU GLU B . n 
A 1 68 HIS 68 68 68 HIS HIS B . n 
A 1 69 HIS 69 69 69 HIS HIS B . n 
A 1 70 HIS 70 70 ?  ?   ?   B . n 
A 1 71 HIS 71 71 ?  ?   ?   B . n 
A 1 72 HIS 72 72 ?  ?   ?   B . n 
A 1 73 HIS 73 73 ?  ?   ?   B . n 
B 1 1  MET 1  1  ?  ?   ?   A . n 
B 1 2  GLY 2  2  2  GLY GLY A . n 
B 1 3  GLU 3  3  3  GLU GLU A . n 
B 1 4  PHE 4  4  4  PHE PHE A . n 
B 1 5  GLU 5  5  5  GLU GLU A . n 
B 1 6  LYS 6  6  6  LYS LYS A . n 
B 1 7  ARG 7  7  7  ARG ARG A . n 
B 1 8  ALA 8  8  8  ALA ALA A . n 
B 1 9  LYS 9  9  9  LYS LYS A . n 
B 1 10 GLU 10 10 10 GLU GLU A . n 
B 1 11 LEU 11 11 11 LEU LEU A . n 
B 1 12 ILE 12 12 12 ILE ILE A . n 
B 1 13 GLU 13 13 13 GLU GLU A . n 
B 1 14 ARG 14 14 14 ARG ARG A . n 
B 1 15 ALA 15 15 15 ALA ALA A . n 
B 1 16 LYS 16 16 16 LYS LYS A . n 
B 1 17 LYS 17 17 17 LYS LYS A . n 
B 1 18 LEU 18 18 18 LEU LEU A . n 
B 1 19 ASN 19 19 19 ASN ASN A . n 
B 1 20 THR 20 20 20 THR THR A . n 
B 1 21 PRO 21 21 21 PRO PRO A . n 
B 1 22 ALA 22 22 22 ALA ALA A . n 
B 1 23 ALA 23 23 23 ALA ALA A . n 
B 1 24 LYS 24 24 24 LYS LYS A . n 
B 1 25 VAL 25 25 25 VAL VAL A . n 
B 1 26 ILE 26 26 26 ILE ILE A . n 
B 1 27 GLU 27 27 27 GLU GLU A . n 
B 1 28 GLU 28 28 28 GLU GLU A . n 
B 1 29 ALA 29 29 29 ALA ALA A . n 
B 1 30 LEU 30 30 30 LEU LEU A . n 
B 1 31 LYS 31 31 31 LYS LYS A . n 
B 1 32 LEU 32 32 32 LEU LEU A . n 
B 1 33 OZW 33 33 33 OZW AFT A . n 
B 1 34 ILE 34 34 34 ILE ILE A . n 
B 1 35 GLU 35 35 35 GLU GLU A . n 
B 1 36 ALA 36 36 36 ALA ALA A . n 
B 1 37 TYR 37 37 37 TYR TYR A . n 
B 1 38 LYS 38 38 38 LYS LYS A . n 
B 1 39 GLU 39 39 39 GLU GLU A . n 
B 1 40 ALA 40 40 40 ALA ALA A . n 
B 1 41 LYS 41 41 41 LYS LYS A . n 
B 1 42 LYS 42 42 42 LYS LYS A . n 
B 1 43 LYS 43 43 43 LYS LYS A . n 
B 1 44 GLY 44 44 44 GLY GLY A . n 
B 1 45 ASP 45 45 45 ASP ASP A . n 
B 1 46 ALA 46 46 46 ALA ALA A . n 
B 1 47 LEU 47 47 47 LEU LEU A . n 
B 1 48 GLN 48 48 48 GLN GLN A . n 
B 1 49 GLN 49 49 49 GLN GLN A . n 
B 1 50 ALA 50 50 50 ALA ALA A . n 
B 1 51 LEU 51 51 51 LEU LEU A . n 
B 1 52 LEU 52 52 52 LEU LEU A . n 
B 1 53 GLU 53 53 53 GLU GLU A . n 
B 1 54 GLU 54 54 54 GLU GLU A . n 
B 1 55 SER 55 55 55 SER SER A . n 
B 1 56 LEU 56 56 56 LEU LEU A . n 
B 1 57 ALA 57 57 57 ALA ALA A . n 
B 1 58 GLN 58 58 58 GLN GLN A . n 
B 1 59 ALA 59 59 59 ALA ALA A . n 
B 1 60 GLU 60 60 60 GLU GLU A . n 
B 1 61 GLU 61 61 61 GLU GLU A . n 
B 1 62 MET 62 62 62 MET MET A . n 
B 1 63 LEU 63 63 63 LEU LEU A . n 
B 1 64 ARG 64 64 64 ARG ARG A . n 
B 1 65 ARG 65 65 65 ARG ARG A . n 
B 1 66 LEU 66 66 66 LEU LEU A . n 
B 1 67 GLU 67 67 67 GLU GLU A . n 
B 1 68 HIS 68 68 68 HIS HIS A . n 
B 1 69 HIS 69 69 ?  ?   ?   A . n 
B 1 70 HIS 70 70 ?  ?   ?   A . n 
B 1 71 HIS 71 71 ?  ?   ?   A . n 
B 1 72 HIS 72 72 ?  ?   ?   A . n 
B 1 73 HIS 73 73 ?  ?   ?   A . n 
# 
_pdbx_entity_instance_feature.ordinal        1 
_pdbx_entity_instance_feature.comp_id        OZW 
_pdbx_entity_instance_feature.asym_id        ? 
_pdbx_entity_instance_feature.seq_num        ? 
_pdbx_entity_instance_feature.auth_comp_id   OZW 
_pdbx_entity_instance_feature.auth_asym_id   ? 
_pdbx_entity_instance_feature.auth_seq_num   ? 
_pdbx_entity_instance_feature.feature_type   'SUBJECT OF INVESTIGATION' 
_pdbx_entity_instance_feature.details        ? 
# 
loop_
_pdbx_nonpoly_scheme.asym_id 
_pdbx_nonpoly_scheme.entity_id 
_pdbx_nonpoly_scheme.mon_id 
_pdbx_nonpoly_scheme.ndb_seq_num 
_pdbx_nonpoly_scheme.pdb_seq_num 
_pdbx_nonpoly_scheme.auth_seq_num 
_pdbx_nonpoly_scheme.pdb_mon_id 
_pdbx_nonpoly_scheme.auth_mon_id 
_pdbx_nonpoly_scheme.pdb_strand_id 
_pdbx_nonpoly_scheme.pdb_ins_code 
C 2 HOH 1  101 120 HOH HOH B . 
C 2 HOH 2  102 81  HOH HOH B . 
C 2 HOH 3  103 117 HOH HOH B . 
C 2 HOH 4  104 85  HOH HOH B . 
C 2 HOH 5  105 80  HOH HOH B . 
C 2 HOH 6  106 44  HOH HOH B . 
C 2 HOH 7  107 57  HOH HOH B . 
C 2 HOH 8  108 14  HOH HOH B . 
C 2 HOH 9  109 93  HOH HOH B . 
C 2 HOH 10 110 66  HOH HOH B . 
C 2 HOH 11 111 34  HOH HOH B . 
C 2 HOH 12 112 31  HOH HOH B . 
C 2 HOH 13 113 106 HOH HOH B . 
C 2 HOH 14 114 20  HOH HOH B . 
C 2 HOH 15 115 113 HOH HOH B . 
C 2 HOH 16 116 79  HOH HOH B . 
C 2 HOH 17 117 5   HOH HOH B . 
C 2 HOH 18 118 15  HOH HOH B . 
C 2 HOH 19 119 77  HOH HOH B . 
C 2 HOH 20 120 71  HOH HOH B . 
C 2 HOH 21 121 42  HOH HOH B . 
C 2 HOH 22 122 90  HOH HOH B . 
C 2 HOH 23 123 7   HOH HOH B . 
C 2 HOH 24 124 37  HOH HOH B . 
C 2 HOH 25 125 2   HOH HOH B . 
C 2 HOH 26 126 3   HOH HOH B . 
C 2 HOH 27 127 96  HOH HOH B . 
C 2 HOH 28 128 33  HOH HOH B . 
C 2 HOH 29 129 16  HOH HOH B . 
C 2 HOH 30 130 110 HOH HOH B . 
C 2 HOH 31 131 19  HOH HOH B . 
C 2 HOH 32 132 49  HOH HOH B . 
C 2 HOH 33 133 95  HOH HOH B . 
C 2 HOH 34 134 12  HOH HOH B . 
C 2 HOH 35 135 35  HOH HOH B . 
C 2 HOH 36 136 112 HOH HOH B . 
C 2 HOH 37 137 48  HOH HOH B . 
C 2 HOH 38 138 115 HOH HOH B . 
C 2 HOH 39 139 53  HOH HOH B . 
C 2 HOH 40 140 89  HOH HOH B . 
C 2 HOH 41 141 52  HOH HOH B . 
C 2 HOH 42 142 23  HOH HOH B . 
C 2 HOH 43 143 125 HOH HOH B . 
C 2 HOH 44 144 124 HOH HOH B . 
C 2 HOH 45 145 72  HOH HOH B . 
C 2 HOH 46 146 30  HOH HOH B . 
C 2 HOH 47 147 8   HOH HOH B . 
C 2 HOH 48 148 97  HOH HOH B . 
C 2 HOH 49 149 119 HOH HOH B . 
C 2 HOH 50 150 11  HOH HOH B . 
C 2 HOH 51 151 94  HOH HOH B . 
C 2 HOH 52 152 86  HOH HOH B . 
C 2 HOH 53 153 98  HOH HOH B . 
C 2 HOH 54 154 114 HOH HOH B . 
C 2 HOH 55 155 73  HOH HOH B . 
C 2 HOH 56 156 55  HOH HOH B . 
C 2 HOH 57 157 107 HOH HOH B . 
C 2 HOH 58 158 62  HOH HOH B . 
C 2 HOH 59 159 64  HOH HOH B . 
C 2 HOH 60 160 56  HOH HOH B . 
C 2 HOH 61 161 69  HOH HOH B . 
C 2 HOH 62 162 43  HOH HOH B . 
C 2 HOH 63 163 38  HOH HOH B . 
C 2 HOH 64 164 10  HOH HOH B . 
C 2 HOH 65 165 109 HOH HOH B . 
C 2 HOH 66 166 51  HOH HOH B . 
D 2 HOH 1  101 21  HOH HOH A . 
D 2 HOH 2  102 27  HOH HOH A . 
D 2 HOH 3  103 84  HOH HOH A . 
D 2 HOH 4  104 82  HOH HOH A . 
D 2 HOH 5  105 78  HOH HOH A . 
D 2 HOH 6  106 54  HOH HOH A . 
D 2 HOH 7  107 108 HOH HOH A . 
D 2 HOH 8  108 70  HOH HOH A . 
D 2 HOH 9  109 111 HOH HOH A . 
D 2 HOH 10 110 67  HOH HOH A . 
D 2 HOH 11 111 18  HOH HOH A . 
D 2 HOH 12 112 92  HOH HOH A . 
D 2 HOH 13 113 4   HOH HOH A . 
D 2 HOH 14 114 9   HOH HOH A . 
D 2 HOH 15 115 13  HOH HOH A . 
D 2 HOH 16 116 22  HOH HOH A . 
D 2 HOH 17 117 40  HOH HOH A . 
D 2 HOH 18 118 118 HOH HOH A . 
D 2 HOH 19 119 46  HOH HOH A . 
D 2 HOH 20 120 32  HOH HOH A . 
D 2 HOH 21 121 101 HOH HOH A . 
D 2 HOH 22 122 87  HOH HOH A . 
D 2 HOH 23 123 29  HOH HOH A . 
D 2 HOH 24 124 74  HOH HOH A . 
D 2 HOH 25 125 6   HOH HOH A . 
D 2 HOH 26 126 63  HOH HOH A . 
D 2 HOH 27 127 59  HOH HOH A . 
D 2 HOH 28 128 47  HOH HOH A . 
D 2 HOH 29 129 105 HOH HOH A . 
D 2 HOH 30 130 28  HOH HOH A . 
D 2 HOH 31 131 41  HOH HOH A . 
D 2 HOH 32 132 25  HOH HOH A . 
D 2 HOH 33 133 99  HOH HOH A . 
D 2 HOH 34 134 61  HOH HOH A . 
D 2 HOH 35 135 26  HOH HOH A . 
D 2 HOH 36 136 24  HOH HOH A . 
D 2 HOH 37 137 39  HOH HOH A . 
D 2 HOH 38 138 68  HOH HOH A . 
D 2 HOH 39 139 104 HOH HOH A . 
D 2 HOH 40 140 88  HOH HOH A . 
D 2 HOH 41 141 75  HOH HOH A . 
D 2 HOH 42 142 76  HOH HOH A . 
D 2 HOH 43 143 1   HOH HOH A . 
D 2 HOH 44 144 60  HOH HOH A . 
D 2 HOH 45 145 121 HOH HOH A . 
D 2 HOH 46 146 103 HOH HOH A . 
D 2 HOH 47 147 83  HOH HOH A . 
D 2 HOH 48 148 50  HOH HOH A . 
D 2 HOH 49 149 123 HOH HOH A . 
D 2 HOH 50 150 122 HOH HOH A . 
D 2 HOH 51 151 45  HOH HOH A . 
D 2 HOH 52 152 36  HOH HOH A . 
D 2 HOH 53 153 116 HOH HOH A . 
D 2 HOH 54 154 58  HOH HOH A . 
D 2 HOH 55 155 17  HOH HOH A . 
D 2 HOH 56 156 102 HOH HOH A . 
D 2 HOH 57 157 91  HOH HOH A . 
# 
loop_
_pdbx_unobs_or_zero_occ_atoms.id 
_pdbx_unobs_or_zero_occ_atoms.PDB_model_num 
_pdbx_unobs_or_zero_occ_atoms.polymer_flag 
_pdbx_unobs_or_zero_occ_atoms.occupancy_flag 
_pdbx_unobs_or_zero_occ_atoms.auth_asym_id 
_pdbx_unobs_or_zero_occ_atoms.auth_comp_id 
_pdbx_unobs_or_zero_occ_atoms.auth_seq_id 
_pdbx_unobs_or_zero_occ_atoms.PDB_ins_code 
_pdbx_unobs_or_zero_occ_atoms.auth_atom_id 
_pdbx_unobs_or_zero_occ_atoms.label_alt_id 
_pdbx_unobs_or_zero_occ_atoms.label_asym_id 
_pdbx_unobs_or_zero_occ_atoms.label_comp_id 
_pdbx_unobs_or_zero_occ_atoms.label_seq_id 
_pdbx_unobs_or_zero_occ_atoms.label_atom_id 
1  1 Y 1 B HIS 68 ? CG  ? A HIS 68 CG  
2  1 Y 1 B HIS 68 ? ND1 ? A HIS 68 ND1 
3  1 Y 1 B HIS 68 ? CD2 ? A HIS 68 CD2 
4  1 Y 1 B HIS 68 ? CE1 ? A HIS 68 CE1 
5  1 Y 1 B HIS 68 ? NE2 ? A HIS 68 NE2 
6  1 Y 1 B HIS 69 ? ND1 ? A HIS 69 ND1 
7  1 Y 1 B HIS 69 ? CD2 ? A HIS 69 CD2 
8  1 Y 1 B HIS 69 ? CE1 ? A HIS 69 CE1 
9  1 Y 1 B HIS 69 ? NE2 ? A HIS 69 NE2 
10 1 Y 1 A GLU 3  ? CG  ? B GLU 3  CG  
11 1 Y 1 A GLU 3  ? CD  ? B GLU 3  CD  
12 1 Y 1 A GLU 3  ? OE1 ? B GLU 3  OE1 
13 1 Y 1 A GLU 3  ? OE2 ? B GLU 3  OE2 
14 1 Y 1 A GLU 67 ? OE2 ? B GLU 67 OE2 
15 1 Y 1 A HIS 68 ? CG  ? B HIS 68 CG  
16 1 Y 1 A HIS 68 ? ND1 ? B HIS 68 ND1 
17 1 Y 1 A HIS 68 ? CD2 ? B HIS 68 CD2 
18 1 Y 1 A HIS 68 ? CE1 ? B HIS 68 CE1 
19 1 Y 1 A HIS 68 ? NE2 ? B HIS 68 NE2 
# 
loop_
_software.citation_id 
_software.classification 
_software.compiler_name 
_software.compiler_version 
_software.contact_author 
_software.contact_author_email 
_software.date 
_software.description 
_software.dependencies 
_software.hardware 
_software.language 
_software.location 
_software.mods 
_software.name 
_software.os 
_software.os_version 
_software.type 
_software.version 
_software.pdbx_ordinal 
? refinement       ? ? ? ? ? ? ? ? ? ? ? PHENIX      ? ? ? '(1.20.1_4487: ???)' 1 
? phasing          ? ? ? ? ? ? ? ? ? ? ? PHENIX      ? ? ? .                    2 
? 'data reduction' ? ? ? ? ? ? ? ? ? ? ? CrysalisPro ? ? ? .                    3 
? 'data scaling'   ? ? ? ? ? ? ? ? ? ? ? CrysalisPro ? ? ? .                    4 
# 
_cell.angle_alpha                  90.00 
_cell.angle_alpha_esd              ? 
_cell.angle_beta                   90.00 
_cell.angle_beta_esd               ? 
_cell.angle_gamma                  90.00 
_cell.angle_gamma_esd              ? 
_cell.entry_id                     9JM2 
_cell.details                      ? 
_cell.formula_units_Z              ? 
_cell.length_a                     44.940 
_cell.length_a_esd                 ? 
_cell.length_b                     50.664 
_cell.length_b_esd                 ? 
_cell.length_c                     63.923 
_cell.length_c_esd                 ? 
_cell.volume                       ? 
_cell.volume_esd                   ? 
_cell.Z_PDB                        8 
_cell.reciprocal_angle_alpha       ? 
_cell.reciprocal_angle_beta        ? 
_cell.reciprocal_angle_gamma       ? 
_cell.reciprocal_angle_alpha_esd   ? 
_cell.reciprocal_angle_beta_esd    ? 
_cell.reciprocal_angle_gamma_esd   ? 
_cell.reciprocal_length_a          ? 
_cell.reciprocal_length_b          ? 
_cell.reciprocal_length_c          ? 
_cell.reciprocal_length_a_esd      ? 
_cell.reciprocal_length_b_esd      ? 
_cell.reciprocal_length_c_esd      ? 
_cell.pdbx_unique_axis             ? 
_cell.pdbx_esd_method              ? 
# 
_symmetry.entry_id                         9JM2 
_symmetry.cell_setting                     ? 
_symmetry.Int_Tables_number                19 
_symmetry.space_group_name_Hall            ? 
_symmetry.space_group_name_H-M             'P 21 21 21' 
_symmetry.pdbx_full_space_group_name_H-M   ? 
# 
_exptl.absorpt_coefficient_mu     ? 
_exptl.absorpt_correction_T_max   ? 
_exptl.absorpt_correction_T_min   ? 
_exptl.absorpt_correction_type    ? 
_exptl.absorpt_process_details    ? 
_exptl.entry_id                   9JM2 
_exptl.crystals_number            1 
_exptl.details                    ? 
_exptl.method                     'X-RAY DIFFRACTION' 
_exptl.method_details             ? 
# 
_exptl_crystal.colour                       ? 
_exptl_crystal.density_diffrn               ? 
_exptl_crystal.density_Matthews             2.11 
_exptl_crystal.density_method               ? 
_exptl_crystal.density_percent_sol          41.61 
_exptl_crystal.description                  ? 
_exptl_crystal.F_000                        ? 
_exptl_crystal.id                           1 
_exptl_crystal.preparation                  ? 
_exptl_crystal.size_max                     ? 
_exptl_crystal.size_mid                     ? 
_exptl_crystal.size_min                     ? 
_exptl_crystal.size_rad                     ? 
_exptl_crystal.colour_lustre                ? 
_exptl_crystal.colour_modifier              ? 
_exptl_crystal.colour_primary               ? 
_exptl_crystal.density_meas                 ? 
_exptl_crystal.density_meas_esd             ? 
_exptl_crystal.density_meas_gt              ? 
_exptl_crystal.density_meas_lt              ? 
_exptl_crystal.density_meas_temp            ? 
_exptl_crystal.density_meas_temp_esd        ? 
_exptl_crystal.density_meas_temp_gt         ? 
_exptl_crystal.density_meas_temp_lt         ? 
_exptl_crystal.pdbx_crystal_image_url       ? 
_exptl_crystal.pdbx_crystal_image_format    ? 
_exptl_crystal.pdbx_mosaicity               ? 
_exptl_crystal.pdbx_mosaicity_esd           ? 
_exptl_crystal.pdbx_mosaic_method           ? 
_exptl_crystal.pdbx_mosaic_block_size       ? 
_exptl_crystal.pdbx_mosaic_block_size_esd   ? 
# 
_exptl_crystal_grow.apparatus       ? 
_exptl_crystal_grow.atmosphere      ? 
_exptl_crystal_grow.crystal_id      1 
_exptl_crystal_grow.details         ? 
_exptl_crystal_grow.method          'VAPOR DIFFUSION, SITTING DROP' 
_exptl_crystal_grow.method_ref      ? 
_exptl_crystal_grow.pH              ? 
_exptl_crystal_grow.pressure        ? 
_exptl_crystal_grow.pressure_esd    ? 
_exptl_crystal_grow.seeding         ? 
_exptl_crystal_grow.seeding_ref     ? 
_exptl_crystal_grow.temp_details    ? 
_exptl_crystal_grow.temp_esd        ? 
_exptl_crystal_grow.time            ? 
_exptl_crystal_grow.pdbx_details    '30% w/v Polyethylene glycol 1,500, 0.1 M Sodium acetate trihydrate pH 4.5' 
_exptl_crystal_grow.pdbx_pH_range   ? 
_exptl_crystal_grow.temp            293.15 
# 
_diffrn.ambient_environment              ? 
_diffrn.ambient_temp                     100 
_diffrn.ambient_temp_details             ? 
_diffrn.ambient_temp_esd                 ? 
_diffrn.crystal_id                       1 
_diffrn.crystal_support                  ? 
_diffrn.crystal_treatment                ? 
_diffrn.details                          ? 
_diffrn.id                               1 
_diffrn.ambient_pressure                 ? 
_diffrn.ambient_pressure_esd             ? 
_diffrn.ambient_pressure_gt              ? 
_diffrn.ambient_pressure_lt              ? 
_diffrn.ambient_temp_gt                  ? 
_diffrn.ambient_temp_lt                  ? 
_diffrn.pdbx_serial_crystal_experiment   N 
# 
_diffrn_detector.details                      ? 
_diffrn_detector.detector                     PIXEL 
_diffrn_detector.diffrn_id                    1 
_diffrn_detector.type                         'RIGAKU HyPix-6000HE' 
_diffrn_detector.area_resol_mean              ? 
_diffrn_detector.dtime                        ? 
_diffrn_detector.pdbx_frames_total            ? 
_diffrn_detector.pdbx_collection_time_total   ? 
_diffrn_detector.pdbx_collection_date         2024-03-16 
_diffrn_detector.pdbx_frequency               ? 
_diffrn_detector.id                           ? 
_diffrn_detector.number_of_axes               ? 
# 
_diffrn_radiation.collimation                      ? 
_diffrn_radiation.diffrn_id                        1 
_diffrn_radiation.filter_edge                      ? 
_diffrn_radiation.inhomogeneity                    ? 
_diffrn_radiation.monochromator                    ? 
_diffrn_radiation.polarisn_norm                    ? 
_diffrn_radiation.polarisn_ratio                   ? 
_diffrn_radiation.probe                            ? 
_diffrn_radiation.type                             ? 
_diffrn_radiation.xray_symbol                      ? 
_diffrn_radiation.wavelength_id                    1 
_diffrn_radiation.pdbx_monochromatic_or_laue_m_l   M 
_diffrn_radiation.pdbx_wavelength_list             ? 
_diffrn_radiation.pdbx_wavelength                  ? 
_diffrn_radiation.pdbx_diffrn_protocol             'SINGLE WAVELENGTH' 
_diffrn_radiation.pdbx_analyzer                    ? 
_diffrn_radiation.pdbx_scattering_type             x-ray 
# 
_diffrn_radiation_wavelength.id           1 
_diffrn_radiation_wavelength.wavelength   1.5 
_diffrn_radiation_wavelength.wt           1.0 
# 
_diffrn_source.current                     ? 
_diffrn_source.details                     ? 
_diffrn_source.diffrn_id                   1 
_diffrn_source.power                       ? 
_diffrn_source.size                        ? 
_diffrn_source.source                      'ROTATING ANODE' 
_diffrn_source.target                      ? 
_diffrn_source.type                        'Cu FINE FOCUS' 
_diffrn_source.voltage                     ? 
_diffrn_source.take-off_angle              ? 
_diffrn_source.pdbx_wavelength_list        1.5 
_diffrn_source.pdbx_wavelength             ? 
_diffrn_source.pdbx_synchrotron_beamline   ? 
_diffrn_source.pdbx_synchrotron_site       ? 
# 
_reflns.B_iso_Wilson_estimate                          ? 
_reflns.entry_id                                       9JM2 
_reflns.data_reduction_details                         ? 
_reflns.data_reduction_method                          ? 
_reflns.d_resolution_high                              1.6 
_reflns.d_resolution_low                               29.76 
_reflns.details                                        ? 
_reflns.limit_h_max                                    ? 
_reflns.limit_h_min                                    ? 
_reflns.limit_k_max                                    ? 
_reflns.limit_k_min                                    ? 
_reflns.limit_l_max                                    ? 
_reflns.limit_l_min                                    ? 
_reflns.number_all                                     ? 
_reflns.number_obs                                     10296 
_reflns.observed_criterion                             ? 
_reflns.observed_criterion_F_max                       ? 
_reflns.observed_criterion_F_min                       ? 
_reflns.observed_criterion_I_max                       ? 
_reflns.observed_criterion_I_min                       ? 
_reflns.observed_criterion_sigma_F                     ? 
_reflns.observed_criterion_sigma_I                     ? 
_reflns.percent_possible_obs                           84.59 
_reflns.R_free_details                                 ? 
_reflns.Rmerge_F_all                                   ? 
_reflns.Rmerge_F_obs                                   ? 
_reflns.Friedel_coverage                               ? 
_reflns.number_gt                                      ? 
_reflns.threshold_expression                           ? 
_reflns.pdbx_redundancy                                3.8 
_reflns.pdbx_netI_over_av_sigmaI                       ? 
_reflns.pdbx_netI_over_sigmaI                          15.41 
_reflns.pdbx_res_netI_over_av_sigmaI_2                 ? 
_reflns.pdbx_res_netI_over_sigmaI_2                    ? 
_reflns.pdbx_chi_squared                               ? 
_reflns.pdbx_scaling_rejects                           ? 
_reflns.pdbx_d_res_high_opt                            ? 
_reflns.pdbx_d_res_low_opt                             ? 
_reflns.pdbx_d_res_opt_method                          ? 
_reflns.phase_calculation_details                      ? 
_reflns.pdbx_Rrim_I_all                                ? 
_reflns.pdbx_Rpim_I_all                                ? 
_reflns.pdbx_d_opt                                     ? 
_reflns.pdbx_number_measured_all                       ? 
_reflns.pdbx_diffrn_id                                 1 
_reflns.pdbx_ordinal                                   1 
_reflns.pdbx_CC_half                                   0.999 
_reflns.pdbx_CC_star                                   ? 
_reflns.pdbx_R_split                                   ? 
_reflns.pdbx_Rmerge_I_obs                              0.04369 
_reflns.pdbx_Rmerge_I_all                              ? 
_reflns.pdbx_Rsym_value                                ? 
_reflns.pdbx_CC_split_method                           ? 
_reflns.pdbx_aniso_diffraction_limit_axis_1_ortho[1]   ? 
_reflns.pdbx_aniso_diffraction_limit_axis_1_ortho[2]   ? 
_reflns.pdbx_aniso_diffraction_limit_axis_1_ortho[3]   ? 
_reflns.pdbx_aniso_diffraction_limit_axis_2_ortho[1]   ? 
_reflns.pdbx_aniso_diffraction_limit_axis_2_ortho[2]   ? 
_reflns.pdbx_aniso_diffraction_limit_axis_2_ortho[3]   ? 
_reflns.pdbx_aniso_diffraction_limit_axis_3_ortho[1]   ? 
_reflns.pdbx_aniso_diffraction_limit_axis_3_ortho[2]   ? 
_reflns.pdbx_aniso_diffraction_limit_axis_3_ortho[3]   ? 
_reflns.pdbx_aniso_diffraction_limit_1                 ? 
_reflns.pdbx_aniso_diffraction_limit_2                 ? 
_reflns.pdbx_aniso_diffraction_limit_3                 ? 
_reflns.pdbx_aniso_B_tensor_eigenvector_1_ortho[1]     ? 
_reflns.pdbx_aniso_B_tensor_eigenvector_1_ortho[2]     ? 
_reflns.pdbx_aniso_B_tensor_eigenvector_1_ortho[3]     ? 
_reflns.pdbx_aniso_B_tensor_eigenvector_2_ortho[1]     ? 
_reflns.pdbx_aniso_B_tensor_eigenvector_2_ortho[2]     ? 
_reflns.pdbx_aniso_B_tensor_eigenvector_2_ortho[3]     ? 
_reflns.pdbx_aniso_B_tensor_eigenvector_3_ortho[1]     ? 
_reflns.pdbx_aniso_B_tensor_eigenvector_3_ortho[2]     ? 
_reflns.pdbx_aniso_B_tensor_eigenvector_3_ortho[3]     ? 
_reflns.pdbx_aniso_B_tensor_eigenvalue_1               ? 
_reflns.pdbx_aniso_B_tensor_eigenvalue_2               ? 
_reflns.pdbx_aniso_B_tensor_eigenvalue_3               ? 
_reflns.pdbx_orthogonalization_convention              ? 
_reflns.pdbx_percent_possible_ellipsoidal              ? 
_reflns.pdbx_percent_possible_spherical                ? 
_reflns.pdbx_percent_possible_ellipsoidal_anomalous    ? 
_reflns.pdbx_percent_possible_spherical_anomalous      ? 
_reflns.pdbx_redundancy_anomalous                      ? 
_reflns.pdbx_CC_half_anomalous                         ? 
_reflns.pdbx_absDiff_over_sigma_anomalous              ? 
_reflns.pdbx_percent_possible_anomalous                ? 
_reflns.pdbx_observed_signal_threshold                 ? 
_reflns.pdbx_signal_type                               ? 
_reflns.pdbx_signal_details                            ? 
_reflns.pdbx_signal_software_id                        ? 
# 
_reflns_shell.d_res_high                                    1.6 
_reflns_shell.d_res_low                                     1.657 
_reflns_shell.meanI_over_sigI_all                           ? 
_reflns_shell.meanI_over_sigI_obs                           ? 
_reflns_shell.number_measured_all                           ? 
_reflns_shell.number_measured_obs                           ? 
_reflns_shell.number_possible                               ? 
_reflns_shell.number_unique_all                             ? 
_reflns_shell.number_unique_obs                             1221 
_reflns_shell.percent_possible_obs                          ? 
_reflns_shell.Rmerge_F_all                                  ? 
_reflns_shell.Rmerge_F_obs                                  ? 
_reflns_shell.meanI_over_sigI_gt                            ? 
_reflns_shell.meanI_over_uI_all                             ? 
_reflns_shell.meanI_over_uI_gt                              ? 
_reflns_shell.number_measured_gt                            ? 
_reflns_shell.number_unique_gt                              ? 
_reflns_shell.percent_possible_gt                           ? 
_reflns_shell.Rmerge_F_gt                                   ? 
_reflns_shell.Rmerge_I_gt                                   ? 
_reflns_shell.pdbx_redundancy                               ? 
_reflns_shell.pdbx_chi_squared                              ? 
_reflns_shell.pdbx_netI_over_sigmaI_all                     ? 
_reflns_shell.pdbx_netI_over_sigmaI_obs                     ? 
_reflns_shell.pdbx_Rrim_I_all                               ? 
_reflns_shell.pdbx_Rpim_I_all                               1.092 
_reflns_shell.pdbx_rejects                                  ? 
_reflns_shell.pdbx_ordinal                                  1 
_reflns_shell.pdbx_diffrn_id                                1 
_reflns_shell.pdbx_CC_half                                  0.307 
_reflns_shell.pdbx_CC_star                                  ? 
_reflns_shell.pdbx_R_split                                  ? 
_reflns_shell.percent_possible_all                          ? 
_reflns_shell.Rmerge_I_all                                  ? 
_reflns_shell.Rmerge_I_obs                                  1.413 
_reflns_shell.pdbx_Rsym_value                               ? 
_reflns_shell.pdbx_percent_possible_ellipsoidal             ? 
_reflns_shell.pdbx_percent_possible_spherical               ? 
_reflns_shell.pdbx_percent_possible_ellipsoidal_anomalous   ? 
_reflns_shell.pdbx_percent_possible_spherical_anomalous     ? 
_reflns_shell.pdbx_redundancy_anomalous                     ? 
_reflns_shell.pdbx_CC_half_anomalous                        ? 
_reflns_shell.pdbx_absDiff_over_sigma_anomalous             ? 
_reflns_shell.pdbx_percent_possible_anomalous               ? 
# 
_refine.aniso_B[1][1]                            ? 
_refine.aniso_B[1][2]                            ? 
_refine.aniso_B[1][3]                            ? 
_refine.aniso_B[2][2]                            ? 
_refine.aniso_B[2][3]                            ? 
_refine.aniso_B[3][3]                            ? 
_refine.B_iso_max                                ? 
_refine.B_iso_mean                               ? 
_refine.B_iso_min                                ? 
_refine.correlation_coeff_Fo_to_Fc               ? 
_refine.correlation_coeff_Fo_to_Fc_free          ? 
_refine.details                                  ? 
_refine.diff_density_max                         ? 
_refine.diff_density_max_esd                     ? 
_refine.diff_density_min                         ? 
_refine.diff_density_min_esd                     ? 
_refine.diff_density_rms                         ? 
_refine.diff_density_rms_esd                     ? 
_refine.entry_id                                 9JM2 
_refine.pdbx_refine_id                           'X-RAY DIFFRACTION' 
_refine.ls_abs_structure_details                 ? 
_refine.ls_abs_structure_Flack                   ? 
_refine.ls_abs_structure_Flack_esd               ? 
_refine.ls_abs_structure_Rogers                  ? 
_refine.ls_abs_structure_Rogers_esd              ? 
_refine.ls_d_res_high                            2.00 
_refine.ls_d_res_low                             29.76 
_refine.ls_extinction_coef                       ? 
_refine.ls_extinction_coef_esd                   ? 
_refine.ls_extinction_expression                 ? 
_refine.ls_extinction_method                     ? 
_refine.ls_goodness_of_fit_all                   ? 
_refine.ls_goodness_of_fit_all_esd               ? 
_refine.ls_goodness_of_fit_obs                   ? 
_refine.ls_goodness_of_fit_obs_esd               ? 
_refine.ls_hydrogen_treatment                    ? 
_refine.ls_matrix_type                           ? 
_refine.ls_number_constraints                    ? 
_refine.ls_number_parameters                     ? 
_refine.ls_number_reflns_all                     ? 
_refine.ls_number_reflns_obs                     9944 
_refine.ls_number_reflns_R_free                  989 
_refine.ls_number_reflns_R_work                  ? 
_refine.ls_number_restraints                     ? 
_refine.ls_percent_reflns_obs                    96.29 
_refine.ls_percent_reflns_R_free                 9.95 
_refine.ls_R_factor_all                          ? 
_refine.ls_R_factor_obs                          0.2198 
_refine.ls_R_factor_R_free                       0.2589 
_refine.ls_R_factor_R_free_error                 ? 
_refine.ls_R_factor_R_free_error_details         ? 
_refine.ls_R_factor_R_work                       0.2153 
_refine.ls_R_Fsqd_factor_obs                     ? 
_refine.ls_R_I_factor_obs                        ? 
_refine.ls_redundancy_reflns_all                 ? 
_refine.ls_redundancy_reflns_obs                 ? 
_refine.ls_restrained_S_all                      ? 
_refine.ls_restrained_S_obs                      ? 
_refine.ls_shift_over_esd_max                    ? 
_refine.ls_shift_over_esd_mean                   ? 
_refine.ls_structure_factor_coef                 ? 
_refine.ls_weighting_details                     ? 
_refine.ls_weighting_scheme                      ? 
_refine.ls_wR_factor_all                         ? 
_refine.ls_wR_factor_obs                         ? 
_refine.ls_wR_factor_R_free                      ? 
_refine.ls_wR_factor_R_work                      ? 
_refine.occupancy_max                            ? 
_refine.occupancy_min                            ? 
_refine.solvent_model_details                    'FLAT BULK SOLVENT MODEL' 
_refine.solvent_model_param_bsol                 ? 
_refine.solvent_model_param_ksol                 ? 
_refine.pdbx_R_complete                          ? 
_refine.ls_R_factor_gt                           ? 
_refine.ls_goodness_of_fit_gt                    ? 
_refine.ls_goodness_of_fit_ref                   ? 
_refine.ls_shift_over_su_max                     ? 
_refine.ls_shift_over_su_max_lt                  ? 
_refine.ls_shift_over_su_mean                    ? 
_refine.ls_shift_over_su_mean_lt                 ? 
_refine.pdbx_ls_sigma_I                          ? 
_refine.pdbx_ls_sigma_F                          0.06 
_refine.pdbx_ls_sigma_Fsqd                       ? 
_refine.pdbx_data_cutoff_high_absF               ? 
_refine.pdbx_data_cutoff_high_rms_absF           ? 
_refine.pdbx_data_cutoff_low_absF                ? 
_refine.pdbx_isotropic_thermal_model             ? 
_refine.pdbx_ls_cross_valid_method               'FREE R-VALUE' 
_refine.pdbx_method_to_determine_struct          'MOLECULAR REPLACEMENT' 
_refine.pdbx_starting_model                      ? 
_refine.pdbx_stereochemistry_target_values       ML 
_refine.pdbx_R_Free_selection_details            ? 
_refine.pdbx_stereochem_target_val_spec_case     ? 
_refine.pdbx_overall_ESU_R                       ? 
_refine.pdbx_overall_ESU_R_Free                  ? 
_refine.pdbx_solvent_vdw_probe_radii             1.10 
_refine.pdbx_solvent_ion_probe_radii             ? 
_refine.pdbx_solvent_shrinkage_radii             0.90 
_refine.pdbx_real_space_R                        ? 
_refine.pdbx_density_correlation                 ? 
_refine.pdbx_pd_number_of_powder_patterns        ? 
_refine.pdbx_pd_number_of_points                 ? 
_refine.pdbx_pd_meas_number_of_points            ? 
_refine.pdbx_pd_proc_ls_prof_R_factor            ? 
_refine.pdbx_pd_proc_ls_prof_wR_factor           ? 
_refine.pdbx_pd_Marquardt_correlation_coeff      ? 
_refine.pdbx_pd_Fsqrd_R_factor                   ? 
_refine.pdbx_pd_ls_matrix_band_width             ? 
_refine.pdbx_overall_phase_error                 24.60 
_refine.pdbx_overall_SU_R_free_Cruickshank_DPI   ? 
_refine.pdbx_overall_SU_R_free_Blow_DPI          ? 
_refine.pdbx_overall_SU_R_Blow_DPI               ? 
_refine.pdbx_TLS_residual_ADP_flag               ? 
_refine.pdbx_diffrn_id                           1 
_refine.overall_SU_B                             ? 
_refine.overall_SU_ML                            0.19 
_refine.overall_SU_R_Cruickshank_DPI             ? 
_refine.overall_SU_R_free                        ? 
_refine.overall_FOM_free_R_set                   ? 
_refine.overall_FOM_work_R_set                   ? 
_refine.pdbx_average_fsc_overall                 ? 
_refine.pdbx_average_fsc_work                    ? 
_refine.pdbx_average_fsc_free                    ? 
# 
_refine_hist.pdbx_refine_id                   'X-RAY DIFFRACTION' 
_refine_hist.cycle_id                         LAST 
_refine_hist.pdbx_number_atoms_protein        1095 
_refine_hist.pdbx_number_atoms_nucleic_acid   0 
_refine_hist.pdbx_number_atoms_ligand         0 
_refine_hist.number_atoms_solvent             123 
_refine_hist.number_atoms_total               1218 
_refine_hist.d_res_high                       2.00 
_refine_hist.d_res_low                        29.76 
# 
loop_
_refine_ls_restr.pdbx_refine_id 
_refine_ls_restr.criterion 
_refine_ls_restr.dev_ideal 
_refine_ls_restr.dev_ideal_target 
_refine_ls_restr.number 
_refine_ls_restr.rejects 
_refine_ls_restr.type 
_refine_ls_restr.weight 
_refine_ls_restr.pdbx_restraint_function 
'X-RAY DIFFRACTION' ? 0.011  ? ?   ? f_bond_d           ? ? 
'X-RAY DIFFRACTION' ? 1.703  ? ?   ? f_angle_d          ? ? 
'X-RAY DIFFRACTION' ? 10.670 ? 146 ? f_dihedral_angle_d ? ? 
'X-RAY DIFFRACTION' ? 0.053  ? 161 ? f_chiral_restr     ? ? 
'X-RAY DIFFRACTION' ? 0.009  ? 190 ? f_plane_restr      ? ? 
# 
loop_
_refine_ls_shell.pdbx_refine_id 
_refine_ls_shell.d_res_high 
_refine_ls_shell.d_res_low 
_refine_ls_shell.number_reflns_all 
_refine_ls_shell.number_reflns_obs 
_refine_ls_shell.number_reflns_R_free 
_refine_ls_shell.number_reflns_R_work 
_refine_ls_shell.percent_reflns_obs 
_refine_ls_shell.percent_reflns_R_free 
_refine_ls_shell.R_factor_all 
_refine_ls_shell.R_factor_obs 
_refine_ls_shell.R_factor_R_free_error 
_refine_ls_shell.R_factor_R_work 
_refine_ls_shell.redundancy_reflns_all 
_refine_ls_shell.redundancy_reflns_obs 
_refine_ls_shell.wR_factor_all 
_refine_ls_shell.wR_factor_obs 
_refine_ls_shell.wR_factor_R_free 
_refine_ls_shell.wR_factor_R_work 
_refine_ls_shell.pdbx_R_complete 
_refine_ls_shell.pdbx_total_number_of_bins_used 
_refine_ls_shell.pdbx_phase_error 
_refine_ls_shell.pdbx_fsc_work 
_refine_ls_shell.pdbx_fsc_free 
_refine_ls_shell.R_factor_R_free 
'X-RAY DIFFRACTION' 2.00 2.11  . . 138 1214 94.00 . . . . 0.2217 . . . . . . . . . . . 0.2680 
'X-RAY DIFFRACTION' 2.11 2.24  . . 133 1223 94.00 . . . . 0.2167 . . . . . . . . . . . 0.2617 
'X-RAY DIFFRACTION' 2.24 2.41  . . 136 1261 96.00 . . . . 0.2348 . . . . . . . . . . . 0.2811 
'X-RAY DIFFRACTION' 2.41 2.65  . . 138 1266 96.00 . . . . 0.2187 . . . . . . . . . . . 0.2838 
'X-RAY DIFFRACTION' 2.65 3.04  . . 142 1266 96.00 . . . . 0.2351 . . . . . . . . . . . 0.3135 
'X-RAY DIFFRACTION' 3.04 3.82  . . 148 1328 99.00 . . . . 0.2147 . . . . . . . . . . . 0.2283 
'X-RAY DIFFRACTION' 3.82 29.76 . . 154 1397 99.00 . . . . 0.1992 . . . . . . . . . . . 0.2443 
# 
_struct.entry_id                     9JM2 
_struct.title                        
'Crystal structure of de novo designed light-responsive oligomer C2-35 (LRO-C2-35) at acidic pH (pH 4.5)' 
_struct.pdbx_model_details           ? 
_struct.pdbx_formula_weight          ? 
_struct.pdbx_formula_weight_method   ? 
_struct.pdbx_model_type_details      ? 
_struct.pdbx_CASP_flag               N 
# 
_struct_keywords.entry_id        9JM2 
_struct_keywords.text            'light-responsive homodimer, DE NOVO PROTEIN' 
_struct_keywords.pdbx_keywords   'DE NOVO PROTEIN' 
# 
loop_
_struct_asym.id 
_struct_asym.pdbx_blank_PDB_chainid_flag 
_struct_asym.pdbx_modified 
_struct_asym.entity_id 
_struct_asym.details 
A N N 1 ? 
B N N 1 ? 
C N N 2 ? 
D N N 2 ? 
# 
_struct_ref.id                         1 
_struct_ref.db_name                    PDB 
_struct_ref.db_code                    9JM2 
_struct_ref.pdbx_db_accession          9JM2 
_struct_ref.pdbx_db_isoform            ? 
_struct_ref.entity_id                  1 
_struct_ref.pdbx_seq_one_letter_code   ? 
_struct_ref.pdbx_align_begin           1 
# 
loop_
_struct_ref_seq.align_id 
_struct_ref_seq.ref_id 
_struct_ref_seq.pdbx_PDB_id_code 
_struct_ref_seq.pdbx_strand_id 
_struct_ref_seq.seq_align_beg 
_struct_ref_seq.pdbx_seq_align_beg_ins_code 
_struct_ref_seq.seq_align_end 
_struct_ref_seq.pdbx_seq_align_end_ins_code 
_struct_ref_seq.pdbx_db_accession 
_struct_ref_seq.db_align_beg 
_struct_ref_seq.pdbx_db_align_beg_ins_code 
_struct_ref_seq.db_align_end 
_struct_ref_seq.pdbx_db_align_end_ins_code 
_struct_ref_seq.pdbx_auth_seq_align_beg 
_struct_ref_seq.pdbx_auth_seq_align_end 
1 1 9JM2 B 1 ? 73 ? 9JM2 1 ? 73 ? 1 73 
2 1 9JM2 A 1 ? 73 ? 9JM2 1 ? 73 ? 1 73 
# 
_pdbx_struct_assembly.id                   1 
_pdbx_struct_assembly.details              author_and_software_defined_assembly 
_pdbx_struct_assembly.method_details       PISA 
_pdbx_struct_assembly.oligomeric_details   dimeric 
_pdbx_struct_assembly.oligomeric_count     2 
# 
loop_
_pdbx_struct_assembly_prop.biol_id 
_pdbx_struct_assembly_prop.type 
_pdbx_struct_assembly_prop.value 
_pdbx_struct_assembly_prop.details 
1 'ABSA (A^2)' 1370 ? 
1 MORE         -12  ? 
1 'SSA (A^2)'  7840 ? 
# 
_pdbx_struct_assembly_gen.assembly_id       1 
_pdbx_struct_assembly_gen.oper_expression   1 
_pdbx_struct_assembly_gen.asym_id_list      A,B,C,D 
# 
_pdbx_struct_assembly_auth_evidence.id                     1 
_pdbx_struct_assembly_auth_evidence.assembly_id            1 
_pdbx_struct_assembly_auth_evidence.experimental_support   'gel filtration' 
_pdbx_struct_assembly_auth_evidence.details                ? 
# 
_pdbx_struct_oper_list.id                   1 
_pdbx_struct_oper_list.type                 'identity operation' 
_pdbx_struct_oper_list.name                 1_555 
_pdbx_struct_oper_list.symmetry_operation   x,y,z 
_pdbx_struct_oper_list.matrix[1][1]         1.0000000000 
_pdbx_struct_oper_list.matrix[1][2]         0.0000000000 
_pdbx_struct_oper_list.matrix[1][3]         0.0000000000 
_pdbx_struct_oper_list.vector[1]            0.0000000000 
_pdbx_struct_oper_list.matrix[2][1]         0.0000000000 
_pdbx_struct_oper_list.matrix[2][2]         1.0000000000 
_pdbx_struct_oper_list.matrix[2][3]         0.0000000000 
_pdbx_struct_oper_list.vector[2]            0.0000000000 
_pdbx_struct_oper_list.matrix[3][1]         0.0000000000 
_pdbx_struct_oper_list.matrix[3][2]         0.0000000000 
_pdbx_struct_oper_list.matrix[3][3]         1.0000000000 
_pdbx_struct_oper_list.vector[3]            0.0000000000 
# 
loop_
_struct_conf.conf_type_id 
_struct_conf.id 
_struct_conf.pdbx_PDB_helix_id 
_struct_conf.beg_label_comp_id 
_struct_conf.beg_label_asym_id 
_struct_conf.beg_label_seq_id 
_struct_conf.pdbx_beg_PDB_ins_code 
_struct_conf.end_label_comp_id 
_struct_conf.end_label_asym_id 
_struct_conf.end_label_seq_id 
_struct_conf.pdbx_end_PDB_ins_code 
_struct_conf.beg_auth_comp_id 
_struct_conf.beg_auth_asym_id 
_struct_conf.beg_auth_seq_id 
_struct_conf.end_auth_comp_id 
_struct_conf.end_auth_asym_id 
_struct_conf.end_auth_seq_id 
_struct_conf.pdbx_PDB_helix_class 
_struct_conf.details 
_struct_conf.pdbx_PDB_helix_length 
HELX_P HELX_P1 AA1 GLY A 2  ? ASN A 19 ? GLY B 2  ASN B 19 1 ? 18 
HELX_P HELX_P2 AA2 THR A 20 ? GLY A 44 ? THR B 20 GLY B 44 1 ? 25 
HELX_P HELX_P3 AA3 ASP A 45 ? HIS A 68 ? ASP B 45 HIS B 68 1 ? 24 
HELX_P HELX_P4 AA4 GLU B 3  ? ASN B 19 ? GLU A 3  ASN A 19 1 ? 17 
HELX_P HELX_P5 AA5 THR B 20 ? GLY B 44 ? THR A 20 GLY A 44 1 ? 25 
HELX_P HELX_P6 AA6 ASP B 45 ? HIS B 68 ? ASP A 45 HIS A 68 1 ? 24 
# 
_struct_conf_type.id          HELX_P 
_struct_conf_type.criteria    ? 
_struct_conf_type.reference   ? 
# 
loop_
_struct_conn.id 
_struct_conn.conn_type_id 
_struct_conn.pdbx_leaving_atom_flag 
_struct_conn.pdbx_PDB_id 
_struct_conn.ptnr1_label_asym_id 
_struct_conn.ptnr1_label_comp_id 
_struct_conn.ptnr1_label_seq_id 
_struct_conn.ptnr1_label_atom_id 
_struct_conn.pdbx_ptnr1_label_alt_id 
_struct_conn.pdbx_ptnr1_PDB_ins_code 
_struct_conn.pdbx_ptnr1_standard_comp_id 
_struct_conn.ptnr1_symmetry 
_struct_conn.ptnr2_label_asym_id 
_struct_conn.ptnr2_label_comp_id 
_struct_conn.ptnr2_label_seq_id 
_struct_conn.ptnr2_label_atom_id 
_struct_conn.pdbx_ptnr2_label_alt_id 
_struct_conn.pdbx_ptnr2_PDB_ins_code 
_struct_conn.ptnr1_auth_asym_id 
_struct_conn.ptnr1_auth_comp_id 
_struct_conn.ptnr1_auth_seq_id 
_struct_conn.ptnr2_auth_asym_id 
_struct_conn.ptnr2_auth_comp_id 
_struct_conn.ptnr2_auth_seq_id 
_struct_conn.ptnr2_symmetry 
_struct_conn.pdbx_ptnr3_label_atom_id 
_struct_conn.pdbx_ptnr3_label_seq_id 
_struct_conn.pdbx_ptnr3_label_comp_id 
_struct_conn.pdbx_ptnr3_label_asym_id 
_struct_conn.pdbx_ptnr3_label_alt_id 
_struct_conn.pdbx_ptnr3_PDB_ins_code 
_struct_conn.details 
_struct_conn.pdbx_dist_value 
_struct_conn.pdbx_value_order 
_struct_conn.pdbx_role 
covale1 covale both ? A LEU 32 C ? ? ? 1_555 A OZW 33 N ? ? B LEU 32 B OZW 33 1_555 ? ? ? ? ? ? ? 1.324 ? ? 
covale2 covale both ? A OZW 33 C ? ? ? 1_555 A ILE 34 N ? ? B OZW 33 B ILE 34 1_555 ? ? ? ? ? ? ? 1.334 ? ? 
covale3 covale both ? B LEU 32 C ? ? ? 1_555 B OZW 33 N ? ? A LEU 32 A OZW 33 1_555 ? ? ? ? ? ? ? 1.324 ? ? 
covale4 covale both ? B OZW 33 C ? ? ? 1_555 B ILE 34 N ? ? A OZW 33 A ILE 34 1_555 ? ? ? ? ? ? ? 1.325 ? ? 
# 
_struct_conn_type.id          covale 
_struct_conn_type.criteria    ? 
_struct_conn_type.reference   ? 
# 
loop_
_pdbx_modification_feature.ordinal 
_pdbx_modification_feature.label_comp_id 
_pdbx_modification_feature.label_asym_id 
_pdbx_modification_feature.label_seq_id 
_pdbx_modification_feature.label_alt_id 
_pdbx_modification_feature.modified_residue_label_comp_id 
_pdbx_modification_feature.modified_residue_label_asym_id 
_pdbx_modification_feature.modified_residue_label_seq_id 
_pdbx_modification_feature.modified_residue_label_alt_id 
_pdbx_modification_feature.auth_comp_id 
_pdbx_modification_feature.auth_asym_id 
_pdbx_modification_feature.auth_seq_id 
_pdbx_modification_feature.PDB_ins_code 
_pdbx_modification_feature.symmetry 
_pdbx_modification_feature.modified_residue_auth_comp_id 
_pdbx_modification_feature.modified_residue_auth_asym_id 
_pdbx_modification_feature.modified_residue_auth_seq_id 
_pdbx_modification_feature.modified_residue_PDB_ins_code 
_pdbx_modification_feature.modified_residue_symmetry 
_pdbx_modification_feature.comp_id_linking_atom 
_pdbx_modification_feature.modified_residue_id_linking_atom 
_pdbx_modification_feature.modified_residue_id 
_pdbx_modification_feature.ref_pcm_id 
_pdbx_modification_feature.ref_comp_id 
_pdbx_modification_feature.type 
_pdbx_modification_feature.category 
1 OZW A 33 ? . . . . OZW B 33 ? 1_555 . . . . . . . ? 1 OZW None 'Non-standard residue' 
2 OZW B 33 ? . . . . OZW A 33 ? 1_555 . . . . . . . ? 1 OZW None 'Non-standard residue' 
# 
_pdbx_entry_details.entry_id                   9JM2 
_pdbx_entry_details.has_ligand_of_interest     Y 
_pdbx_entry_details.compound_details           ? 
_pdbx_entry_details.source_details             ? 
_pdbx_entry_details.nonpolymer_details         ? 
_pdbx_entry_details.sequence_details           ? 
_pdbx_entry_details.has_protein_modification   Y 
# 
loop_
_pdbx_validate_close_contact.id 
_pdbx_validate_close_contact.PDB_model_num 
_pdbx_validate_close_contact.auth_atom_id_1 
_pdbx_validate_close_contact.auth_asym_id_1 
_pdbx_validate_close_contact.auth_comp_id_1 
_pdbx_validate_close_contact.auth_seq_id_1 
_pdbx_validate_close_contact.PDB_ins_code_1 
_pdbx_validate_close_contact.label_alt_id_1 
_pdbx_validate_close_contact.auth_atom_id_2 
_pdbx_validate_close_contact.auth_asym_id_2 
_pdbx_validate_close_contact.auth_comp_id_2 
_pdbx_validate_close_contact.auth_seq_id_2 
_pdbx_validate_close_contact.PDB_ins_code_2 
_pdbx_validate_close_contact.label_alt_id_2 
_pdbx_validate_close_contact.dist 
1 1 OE2 B GLU 3   ? ? O B HOH 101 ? ? 2.02 
2 1 OH  A TYR 37  ? ? O A HOH 101 ? ? 2.02 
3 1 O   A HOH 116 ? ? O A HOH 127 ? ? 2.16 
4 1 OG1 A THR 20  ? ? O A HOH 102 ? ? 2.19 
# 
_pdbx_validate_symm_contact.id                1 
_pdbx_validate_symm_contact.PDB_model_num     1 
_pdbx_validate_symm_contact.auth_atom_id_1    O 
_pdbx_validate_symm_contact.auth_asym_id_1    B 
_pdbx_validate_symm_contact.auth_comp_id_1    HIS 
_pdbx_validate_symm_contact.auth_seq_id_1     69 
_pdbx_validate_symm_contact.PDB_ins_code_1    ? 
_pdbx_validate_symm_contact.label_alt_id_1    ? 
_pdbx_validate_symm_contact.site_symmetry_1   1_555 
_pdbx_validate_symm_contact.auth_atom_id_2    NH2 
_pdbx_validate_symm_contact.auth_asym_id_2    A 
_pdbx_validate_symm_contact.auth_comp_id_2    ARG 
_pdbx_validate_symm_contact.auth_seq_id_2     7 
_pdbx_validate_symm_contact.PDB_ins_code_2    ? 
_pdbx_validate_symm_contact.label_alt_id_2    ? 
_pdbx_validate_symm_contact.site_symmetry_2   3_544 
_pdbx_validate_symm_contact.dist              2.12 
# 
loop_
_pdbx_validate_rmsd_angle.id 
_pdbx_validate_rmsd_angle.PDB_model_num 
_pdbx_validate_rmsd_angle.auth_atom_id_1 
_pdbx_validate_rmsd_angle.auth_asym_id_1 
_pdbx_validate_rmsd_angle.auth_comp_id_1 
_pdbx_validate_rmsd_angle.auth_seq_id_1 
_pdbx_validate_rmsd_angle.PDB_ins_code_1 
_pdbx_validate_rmsd_angle.label_alt_id_1 
_pdbx_validate_rmsd_angle.auth_atom_id_2 
_pdbx_validate_rmsd_angle.auth_asym_id_2 
_pdbx_validate_rmsd_angle.auth_comp_id_2 
_pdbx_validate_rmsd_angle.auth_seq_id_2 
_pdbx_validate_rmsd_angle.PDB_ins_code_2 
_pdbx_validate_rmsd_angle.label_alt_id_2 
_pdbx_validate_rmsd_angle.auth_atom_id_3 
_pdbx_validate_rmsd_angle.auth_asym_id_3 
_pdbx_validate_rmsd_angle.auth_comp_id_3 
_pdbx_validate_rmsd_angle.auth_seq_id_3 
_pdbx_validate_rmsd_angle.PDB_ins_code_3 
_pdbx_validate_rmsd_angle.label_alt_id_3 
_pdbx_validate_rmsd_angle.angle_value 
_pdbx_validate_rmsd_angle.angle_target_value 
_pdbx_validate_rmsd_angle.angle_deviation 
_pdbx_validate_rmsd_angle.angle_standard_deviation 
_pdbx_validate_rmsd_angle.linker_flag 
1 1 CG B ARG 7  ? ? CD B ARG 7  ? ? NE B ARG 7  ? ? 140.27 111.80 28.47 2.10 N 
2 1 CA A LYS 43 ? ? CB A LYS 43 ? ? CG A LYS 43 ? ? 131.11 113.40 17.71 2.20 N 
# 
_pdbx_validate_torsion.id              1 
_pdbx_validate_torsion.PDB_model_num   1 
_pdbx_validate_torsion.auth_comp_id    HIS 
_pdbx_validate_torsion.auth_asym_id    B 
_pdbx_validate_torsion.auth_seq_id     68 
_pdbx_validate_torsion.PDB_ins_code    ? 
_pdbx_validate_torsion.label_alt_id    ? 
_pdbx_validate_torsion.phi             -91.57 
_pdbx_validate_torsion.psi             47.97 
# 
loop_
_pdbx_unobs_or_zero_occ_residues.id 
_pdbx_unobs_or_zero_occ_residues.PDB_model_num 
_pdbx_unobs_or_zero_occ_residues.polymer_flag 
_pdbx_unobs_or_zero_occ_residues.occupancy_flag 
_pdbx_unobs_or_zero_occ_residues.auth_asym_id 
_pdbx_unobs_or_zero_occ_residues.auth_comp_id 
_pdbx_unobs_or_zero_occ_residues.auth_seq_id 
_pdbx_unobs_or_zero_occ_residues.PDB_ins_code 
_pdbx_unobs_or_zero_occ_residues.label_asym_id 
_pdbx_unobs_or_zero_occ_residues.label_comp_id 
_pdbx_unobs_or_zero_occ_residues.label_seq_id 
1  1 Y 1 B HIS 70 ? A HIS 70 
2  1 Y 1 B HIS 71 ? A HIS 71 
3  1 Y 1 B HIS 72 ? A HIS 72 
4  1 Y 1 B HIS 73 ? A HIS 73 
5  1 Y 1 A MET 1  ? B MET 1  
6  1 Y 1 A HIS 69 ? B HIS 69 
7  1 Y 1 A HIS 70 ? B HIS 70 
8  1 Y 1 A HIS 71 ? B HIS 71 
9  1 Y 1 A HIS 72 ? B HIS 72 
10 1 Y 1 A HIS 73 ? B HIS 73 
# 
loop_
_chem_comp_atom.comp_id 
_chem_comp_atom.atom_id 
_chem_comp_atom.type_symbol 
_chem_comp_atom.pdbx_aromatic_flag 
_chem_comp_atom.pdbx_stereo_config 
_chem_comp_atom.pdbx_ordinal 
ALA N    N N N 1   
ALA CA   C N S 2   
ALA C    C N N 3   
ALA O    O N N 4   
ALA CB   C N N 5   
ALA OXT  O N N 6   
ALA H    H N N 7   
ALA H2   H N N 8   
ALA HA   H N N 9   
ALA HB1  H N N 10  
ALA HB2  H N N 11  
ALA HB3  H N N 12  
ALA HXT  H N N 13  
ARG N    N N N 14  
ARG CA   C N S 15  
ARG C    C N N 16  
ARG O    O N N 17  
ARG CB   C N N 18  
ARG CG   C N N 19  
ARG CD   C N N 20  
ARG NE   N N N 21  
ARG CZ   C N N 22  
ARG NH1  N N N 23  
ARG NH2  N N N 24  
ARG OXT  O N N 25  
ARG H    H N N 26  
ARG H2   H N N 27  
ARG HA   H N N 28  
ARG HB2  H N N 29  
ARG HB3  H N N 30  
ARG HG2  H N N 31  
ARG HG3  H N N 32  
ARG HD2  H N N 33  
ARG HD3  H N N 34  
ARG HE   H N N 35  
ARG HH11 H N N 36  
ARG HH12 H N N 37  
ARG HH21 H N N 38  
ARG HH22 H N N 39  
ARG HXT  H N N 40  
ASN N    N N N 41  
ASN CA   C N S 42  
ASN C    C N N 43  
ASN O    O N N 44  
ASN CB   C N N 45  
ASN CG   C N N 46  
ASN OD1  O N N 47  
ASN ND2  N N N 48  
ASN OXT  O N N 49  
ASN H    H N N 50  
ASN H2   H N N 51  
ASN HA   H N N 52  
ASN HB2  H N N 53  
ASN HB3  H N N 54  
ASN HD21 H N N 55  
ASN HD22 H N N 56  
ASN HXT  H N N 57  
ASP N    N N N 58  
ASP CA   C N S 59  
ASP C    C N N 60  
ASP O    O N N 61  
ASP CB   C N N 62  
ASP CG   C N N 63  
ASP OD1  O N N 64  
ASP OD2  O N N 65  
ASP OXT  O N N 66  
ASP H    H N N 67  
ASP H2   H N N 68  
ASP HA   H N N 69  
ASP HB2  H N N 70  
ASP HB3  H N N 71  
ASP HD2  H N N 72  
ASP HXT  H N N 73  
GLN N    N N N 74  
GLN CA   C N S 75  
GLN C    C N N 76  
GLN O    O N N 77  
GLN CB   C N N 78  
GLN CG   C N N 79  
GLN CD   C N N 80  
GLN OE1  O N N 81  
GLN NE2  N N N 82  
GLN OXT  O N N 83  
GLN H    H N N 84  
GLN H2   H N N 85  
GLN HA   H N N 86  
GLN HB2  H N N 87  
GLN HB3  H N N 88  
GLN HG2  H N N 89  
GLN HG3  H N N 90  
GLN HE21 H N N 91  
GLN HE22 H N N 92  
GLN HXT  H N N 93  
GLU N    N N N 94  
GLU CA   C N S 95  
GLU C    C N N 96  
GLU O    O N N 97  
GLU CB   C N N 98  
GLU CG   C N N 99  
GLU CD   C N N 100 
GLU OE1  O N N 101 
GLU OE2  O N N 102 
GLU OXT  O N N 103 
GLU H    H N N 104 
GLU H2   H N N 105 
GLU HA   H N N 106 
GLU HB2  H N N 107 
GLU HB3  H N N 108 
GLU HG2  H N N 109 
GLU HG3  H N N 110 
GLU HE2  H N N 111 
GLU HXT  H N N 112 
GLY N    N N N 113 
GLY CA   C N N 114 
GLY C    C N N 115 
GLY O    O N N 116 
GLY OXT  O N N 117 
GLY H    H N N 118 
GLY H2   H N N 119 
GLY HA2  H N N 120 
GLY HA3  H N N 121 
GLY HXT  H N N 122 
HIS N    N N N 123 
HIS CA   C N S 124 
HIS C    C N N 125 
HIS O    O N N 126 
HIS CB   C N N 127 
HIS CG   C Y N 128 
HIS ND1  N Y N 129 
HIS CD2  C Y N 130 
HIS CE1  C Y N 131 
HIS NE2  N Y N 132 
HIS OXT  O N N 133 
HIS H    H N N 134 
HIS H2   H N N 135 
HIS HA   H N N 136 
HIS HB2  H N N 137 
HIS HB3  H N N 138 
HIS HD1  H N N 139 
HIS HD2  H N N 140 
HIS HE1  H N N 141 
HIS HE2  H N N 142 
HIS HXT  H N N 143 
HOH O    O N N 144 
HOH H1   H N N 145 
HOH H2   H N N 146 
ILE N    N N N 147 
ILE CA   C N S 148 
ILE C    C N N 149 
ILE O    O N N 150 
ILE CB   C N S 151 
ILE CG1  C N N 152 
ILE CG2  C N N 153 
ILE CD1  C N N 154 
ILE OXT  O N N 155 
ILE H    H N N 156 
ILE H2   H N N 157 
ILE HA   H N N 158 
ILE HB   H N N 159 
ILE HG12 H N N 160 
ILE HG13 H N N 161 
ILE HG21 H N N 162 
ILE HG22 H N N 163 
ILE HG23 H N N 164 
ILE HD11 H N N 165 
ILE HD12 H N N 166 
ILE HD13 H N N 167 
ILE HXT  H N N 168 
LEU N    N N N 169 
LEU CA   C N S 170 
LEU C    C N N 171 
LEU O    O N N 172 
LEU CB   C N N 173 
LEU CG   C N N 174 
LEU CD1  C N N 175 
LEU CD2  C N N 176 
LEU OXT  O N N 177 
LEU H    H N N 178 
LEU H2   H N N 179 
LEU HA   H N N 180 
LEU HB2  H N N 181 
LEU HB3  H N N 182 
LEU HG   H N N 183 
LEU HD11 H N N 184 
LEU HD12 H N N 185 
LEU HD13 H N N 186 
LEU HD21 H N N 187 
LEU HD22 H N N 188 
LEU HD23 H N N 189 
LEU HXT  H N N 190 
LYS N    N N N 191 
LYS CA   C N S 192 
LYS C    C N N 193 
LYS O    O N N 194 
LYS CB   C N N 195 
LYS CG   C N N 196 
LYS CD   C N N 197 
LYS CE   C N N 198 
LYS NZ   N N N 199 
LYS OXT  O N N 200 
LYS H    H N N 201 
LYS H2   H N N 202 
LYS HA   H N N 203 
LYS HB2  H N N 204 
LYS HB3  H N N 205 
LYS HG2  H N N 206 
LYS HG3  H N N 207 
LYS HD2  H N N 208 
LYS HD3  H N N 209 
LYS HE2  H N N 210 
LYS HE3  H N N 211 
LYS HZ1  H N N 212 
LYS HZ2  H N N 213 
LYS HZ3  H N N 214 
LYS HXT  H N N 215 
MET N    N N N 216 
MET CA   C N S 217 
MET C    C N N 218 
MET O    O N N 219 
MET CB   C N N 220 
MET CG   C N N 221 
MET SD   S N N 222 
MET CE   C N N 223 
MET OXT  O N N 224 
MET H    H N N 225 
MET H2   H N N 226 
MET HA   H N N 227 
MET HB2  H N N 228 
MET HB3  H N N 229 
MET HG2  H N N 230 
MET HG3  H N N 231 
MET HE1  H N N 232 
MET HE2  H N N 233 
MET HE3  H N N 234 
MET HXT  H N N 235 
OZW C4   C Y N 236 
OZW C5   C Y N 237 
OZW C6   C Y N 238 
OZW C1   C Y N 239 
OZW C2   C Y N 240 
OZW C3   C Y N 241 
OZW N    N N N 242 
OZW CA   C N S 243 
OZW C    C N N 244 
OZW O    O N N 245 
OZW CB   C N N 246 
OZW CG   C Y N 247 
OZW CD1  C Y N 248 
OZW CD2  C Y N 249 
OZW CE1  C Y N 250 
OZW CE2  C Y N 251 
OZW CZ   C Y N 252 
OZW N1   N N N 253 
OZW N2   N N N 254 
OZW H41  H N N 255 
OZW H51  H N N 256 
OZW H11  H N N 257 
OZW H21  H N N 258 
OZW H31  H N N 259 
OZW H    H N N 260 
OZW H2   H N N 261 
OZW HA   H N N 262 
OZW HB2  H N N 263 
OZW HB3  H N N 264 
OZW HD11 H N N 265 
OZW HD21 H N N 266 
OZW HE11 H N N 267 
OZW HE21 H N N 268 
OZW H12  H N N 269 
OZW H22  H N N 270 
OZW OXT  O N N 271 
OZW HXT  H N N 272 
PHE N    N N N 273 
PHE CA   C N S 274 
PHE C    C N N 275 
PHE O    O N N 276 
PHE CB   C N N 277 
PHE CG   C Y N 278 
PHE CD1  C Y N 279 
PHE CD2  C Y N 280 
PHE CE1  C Y N 281 
PHE CE2  C Y N 282 
PHE CZ   C Y N 283 
PHE OXT  O N N 284 
PHE H    H N N 285 
PHE H2   H N N 286 
PHE HA   H N N 287 
PHE HB2  H N N 288 
PHE HB3  H N N 289 
PHE HD1  H N N 290 
PHE HD2  H N N 291 
PHE HE1  H N N 292 
PHE HE2  H N N 293 
PHE HZ   H N N 294 
PHE HXT  H N N 295 
PRO N    N N N 296 
PRO CA   C N S 297 
PRO C    C N N 298 
PRO O    O N N 299 
PRO CB   C N N 300 
PRO CG   C N N 301 
PRO CD   C N N 302 
PRO OXT  O N N 303 
PRO H    H N N 304 
PRO HA   H N N 305 
PRO HB2  H N N 306 
PRO HB3  H N N 307 
PRO HG2  H N N 308 
PRO HG3  H N N 309 
PRO HD2  H N N 310 
PRO HD3  H N N 311 
PRO HXT  H N N 312 
SER N    N N N 313 
SER CA   C N S 314 
SER C    C N N 315 
SER O    O N N 316 
SER CB   C N N 317 
SER OG   O N N 318 
SER OXT  O N N 319 
SER H    H N N 320 
SER H2   H N N 321 
SER HA   H N N 322 
SER HB2  H N N 323 
SER HB3  H N N 324 
SER HG   H N N 325 
SER HXT  H N N 326 
THR N    N N N 327 
THR CA   C N S 328 
THR C    C N N 329 
THR O    O N N 330 
THR CB   C N R 331 
THR OG1  O N N 332 
THR CG2  C N N 333 
THR OXT  O N N 334 
THR H    H N N 335 
THR H2   H N N 336 
THR HA   H N N 337 
THR HB   H N N 338 
THR HG1  H N N 339 
THR HG21 H N N 340 
THR HG22 H N N 341 
THR HG23 H N N 342 
THR HXT  H N N 343 
TYR N    N N N 344 
TYR CA   C N S 345 
TYR C    C N N 346 
TYR O    O N N 347 
TYR CB   C N N 348 
TYR CG   C Y N 349 
TYR CD1  C Y N 350 
TYR CD2  C Y N 351 
TYR CE1  C Y N 352 
TYR CE2  C Y N 353 
TYR CZ   C Y N 354 
TYR OH   O N N 355 
TYR OXT  O N N 356 
TYR H    H N N 357 
TYR H2   H N N 358 
TYR HA   H N N 359 
TYR HB2  H N N 360 
TYR HB3  H N N 361 
TYR HD1  H N N 362 
TYR HD2  H N N 363 
TYR HE1  H N N 364 
TYR HE2  H N N 365 
TYR HH   H N N 366 
TYR HXT  H N N 367 
VAL N    N N N 368 
VAL CA   C N S 369 
VAL C    C N N 370 
VAL O    O N N 371 
VAL CB   C N N 372 
VAL CG1  C N N 373 
VAL CG2  C N N 374 
VAL OXT  O N N 375 
VAL H    H N N 376 
VAL H2   H N N 377 
VAL HA   H N N 378 
VAL HB   H N N 379 
VAL HG11 H N N 380 
VAL HG12 H N N 381 
VAL HG13 H N N 382 
VAL HG21 H N N 383 
VAL HG22 H N N 384 
VAL HG23 H N N 385 
VAL HXT  H N N 386 
# 
loop_
_chem_comp_bond.comp_id 
_chem_comp_bond.atom_id_1 
_chem_comp_bond.atom_id_2 
_chem_comp_bond.value_order 
_chem_comp_bond.pdbx_aromatic_flag 
_chem_comp_bond.pdbx_stereo_config 
_chem_comp_bond.pdbx_ordinal 
ALA N   CA   sing N N 1   
ALA N   H    sing N N 2   
ALA N   H2   sing N N 3   
ALA CA  C    sing N N 4   
ALA CA  CB   sing N N 5   
ALA CA  HA   sing N N 6   
ALA C   O    doub N N 7   
ALA C   OXT  sing N N 8   
ALA CB  HB1  sing N N 9   
ALA CB  HB2  sing N N 10  
ALA CB  HB3  sing N N 11  
ALA OXT HXT  sing N N 12  
ARG N   CA   sing N N 13  
ARG N   H    sing N N 14  
ARG N   H2   sing N N 15  
ARG CA  C    sing N N 16  
ARG CA  CB   sing N N 17  
ARG CA  HA   sing N N 18  
ARG C   O    doub N N 19  
ARG C   OXT  sing N N 20  
ARG CB  CG   sing N N 21  
ARG CB  HB2  sing N N 22  
ARG CB  HB3  sing N N 23  
ARG CG  CD   sing N N 24  
ARG CG  HG2  sing N N 25  
ARG CG  HG3  sing N N 26  
ARG CD  NE   sing N N 27  
ARG CD  HD2  sing N N 28  
ARG CD  HD3  sing N N 29  
ARG NE  CZ   sing N N 30  
ARG NE  HE   sing N N 31  
ARG CZ  NH1  sing N N 32  
ARG CZ  NH2  doub N N 33  
ARG NH1 HH11 sing N N 34  
ARG NH1 HH12 sing N N 35  
ARG NH2 HH21 sing N N 36  
ARG NH2 HH22 sing N N 37  
ARG OXT HXT  sing N N 38  
ASN N   CA   sing N N 39  
ASN N   H    sing N N 40  
ASN N   H2   sing N N 41  
ASN CA  C    sing N N 42  
ASN CA  CB   sing N N 43  
ASN CA  HA   sing N N 44  
ASN C   O    doub N N 45  
ASN C   OXT  sing N N 46  
ASN CB  CG   sing N N 47  
ASN CB  HB2  sing N N 48  
ASN CB  HB3  sing N N 49  
ASN CG  OD1  doub N N 50  
ASN CG  ND2  sing N N 51  
ASN ND2 HD21 sing N N 52  
ASN ND2 HD22 sing N N 53  
ASN OXT HXT  sing N N 54  
ASP N   CA   sing N N 55  
ASP N   H    sing N N 56  
ASP N   H2   sing N N 57  
ASP CA  C    sing N N 58  
ASP CA  CB   sing N N 59  
ASP CA  HA   sing N N 60  
ASP C   O    doub N N 61  
ASP C   OXT  sing N N 62  
ASP CB  CG   sing N N 63  
ASP CB  HB2  sing N N 64  
ASP CB  HB3  sing N N 65  
ASP CG  OD1  doub N N 66  
ASP CG  OD2  sing N N 67  
ASP OD2 HD2  sing N N 68  
ASP OXT HXT  sing N N 69  
GLN N   CA   sing N N 70  
GLN N   H    sing N N 71  
GLN N   H2   sing N N 72  
GLN CA  C    sing N N 73  
GLN CA  CB   sing N N 74  
GLN CA  HA   sing N N 75  
GLN C   O    doub N N 76  
GLN C   OXT  sing N N 77  
GLN CB  CG   sing N N 78  
GLN CB  HB2  sing N N 79  
GLN CB  HB3  sing N N 80  
GLN CG  CD   sing N N 81  
GLN CG  HG2  sing N N 82  
GLN CG  HG3  sing N N 83  
GLN CD  OE1  doub N N 84  
GLN CD  NE2  sing N N 85  
GLN NE2 HE21 sing N N 86  
GLN NE2 HE22 sing N N 87  
GLN OXT HXT  sing N N 88  
GLU N   CA   sing N N 89  
GLU N   H    sing N N 90  
GLU N   H2   sing N N 91  
GLU CA  C    sing N N 92  
GLU CA  CB   sing N N 93  
GLU CA  HA   sing N N 94  
GLU C   O    doub N N 95  
GLU C   OXT  sing N N 96  
GLU CB  CG   sing N N 97  
GLU CB  HB2  sing N N 98  
GLU CB  HB3  sing N N 99  
GLU CG  CD   sing N N 100 
GLU CG  HG2  sing N N 101 
GLU CG  HG3  sing N N 102 
GLU CD  OE1  doub N N 103 
GLU CD  OE2  sing N N 104 
GLU OE2 HE2  sing N N 105 
GLU OXT HXT  sing N N 106 
GLY N   CA   sing N N 107 
GLY N   H    sing N N 108 
GLY N   H2   sing N N 109 
GLY CA  C    sing N N 110 
GLY CA  HA2  sing N N 111 
GLY CA  HA3  sing N N 112 
GLY C   O    doub N N 113 
GLY C   OXT  sing N N 114 
GLY OXT HXT  sing N N 115 
HIS N   CA   sing N N 116 
HIS N   H    sing N N 117 
HIS N   H2   sing N N 118 
HIS CA  C    sing N N 119 
HIS CA  CB   sing N N 120 
HIS CA  HA   sing N N 121 
HIS C   O    doub N N 122 
HIS C   OXT  sing N N 123 
HIS CB  CG   sing N N 124 
HIS CB  HB2  sing N N 125 
HIS CB  HB3  sing N N 126 
HIS CG  ND1  sing Y N 127 
HIS CG  CD2  doub Y N 128 
HIS ND1 CE1  doub Y N 129 
HIS ND1 HD1  sing N N 130 
HIS CD2 NE2  sing Y N 131 
HIS CD2 HD2  sing N N 132 
HIS CE1 NE2  sing Y N 133 
HIS CE1 HE1  sing N N 134 
HIS NE2 HE2  sing N N 135 
HIS OXT HXT  sing N N 136 
HOH O   H1   sing N N 137 
HOH O   H2   sing N N 138 
ILE N   CA   sing N N 139 
ILE N   H    sing N N 140 
ILE N   H2   sing N N 141 
ILE CA  C    sing N N 142 
ILE CA  CB   sing N N 143 
ILE CA  HA   sing N N 144 
ILE C   O    doub N N 145 
ILE C   OXT  sing N N 146 
ILE CB  CG1  sing N N 147 
ILE CB  CG2  sing N N 148 
ILE CB  HB   sing N N 149 
ILE CG1 CD1  sing N N 150 
ILE CG1 HG12 sing N N 151 
ILE CG1 HG13 sing N N 152 
ILE CG2 HG21 sing N N 153 
ILE CG2 HG22 sing N N 154 
ILE CG2 HG23 sing N N 155 
ILE CD1 HD11 sing N N 156 
ILE CD1 HD12 sing N N 157 
ILE CD1 HD13 sing N N 158 
ILE OXT HXT  sing N N 159 
LEU N   CA   sing N N 160 
LEU N   H    sing N N 161 
LEU N   H2   sing N N 162 
LEU CA  C    sing N N 163 
LEU CA  CB   sing N N 164 
LEU CA  HA   sing N N 165 
LEU C   O    doub N N 166 
LEU C   OXT  sing N N 167 
LEU CB  CG   sing N N 168 
LEU CB  HB2  sing N N 169 
LEU CB  HB3  sing N N 170 
LEU CG  CD1  sing N N 171 
LEU CG  CD2  sing N N 172 
LEU CG  HG   sing N N 173 
LEU CD1 HD11 sing N N 174 
LEU CD1 HD12 sing N N 175 
LEU CD1 HD13 sing N N 176 
LEU CD2 HD21 sing N N 177 
LEU CD2 HD22 sing N N 178 
LEU CD2 HD23 sing N N 179 
LEU OXT HXT  sing N N 180 
LYS N   CA   sing N N 181 
LYS N   H    sing N N 182 
LYS N   H2   sing N N 183 
LYS CA  C    sing N N 184 
LYS CA  CB   sing N N 185 
LYS CA  HA   sing N N 186 
LYS C   O    doub N N 187 
LYS C   OXT  sing N N 188 
LYS CB  CG   sing N N 189 
LYS CB  HB2  sing N N 190 
LYS CB  HB3  sing N N 191 
LYS CG  CD   sing N N 192 
LYS CG  HG2  sing N N 193 
LYS CG  HG3  sing N N 194 
LYS CD  CE   sing N N 195 
LYS CD  HD2  sing N N 196 
LYS CD  HD3  sing N N 197 
LYS CE  NZ   sing N N 198 
LYS CE  HE2  sing N N 199 
LYS CE  HE3  sing N N 200 
LYS NZ  HZ1  sing N N 201 
LYS NZ  HZ2  sing N N 202 
LYS NZ  HZ3  sing N N 203 
LYS OXT HXT  sing N N 204 
MET N   CA   sing N N 205 
MET N   H    sing N N 206 
MET N   H2   sing N N 207 
MET CA  C    sing N N 208 
MET CA  CB   sing N N 209 
MET CA  HA   sing N N 210 
MET C   O    doub N N 211 
MET C   OXT  sing N N 212 
MET CB  CG   sing N N 213 
MET CB  HB2  sing N N 214 
MET CB  HB3  sing N N 215 
MET CG  SD   sing N N 216 
MET CG  HG2  sing N N 217 
MET CG  HG3  sing N N 218 
MET SD  CE   sing N N 219 
MET CE  HE1  sing N N 220 
MET CE  HE2  sing N N 221 
MET CE  HE3  sing N N 222 
MET OXT HXT  sing N N 223 
OZW O   C    doub N N 224 
OZW N   CA   sing N N 225 
OZW CD1 CE1  doub Y N 226 
OZW CD1 CG   sing Y N 227 
OZW C   CA   sing N N 228 
OZW CB  CA   sing N N 229 
OZW CB  CG   sing N N 230 
OZW CE1 CZ   sing Y N 231 
OZW CG  CD2  doub Y N 232 
OZW CZ  N2   sing N N 233 
OZW CZ  CE2  doub Y N 234 
OZW CD2 CE2  sing Y N 235 
OZW N2  N1   sing N N 236 
OZW C2  C4   doub Y N 237 
OZW C2  C6   sing Y N 238 
OZW N1  C6   sing N N 239 
OZW C4  C5   sing Y N 240 
OZW C6  C1   doub Y N 241 
OZW C5  C3   doub Y N 242 
OZW C1  C3   sing Y N 243 
OZW C4  H41  sing N N 244 
OZW C5  H51  sing N N 245 
OZW C1  H11  sing N N 246 
OZW C2  H21  sing N N 247 
OZW C3  H31  sing N N 248 
OZW N   H    sing N N 249 
OZW N   H2   sing N N 250 
OZW CA  HA   sing N N 251 
OZW CB  HB2  sing N N 252 
OZW CB  HB3  sing N N 253 
OZW CD1 HD11 sing N N 254 
OZW CD2 HD21 sing N N 255 
OZW CE1 HE11 sing N N 256 
OZW CE2 HE21 sing N N 257 
OZW N1  H12  sing N N 258 
OZW N2  H22  sing N N 259 
OZW C   OXT  sing N N 260 
OZW OXT HXT  sing N N 261 
PHE N   CA   sing N N 262 
PHE N   H    sing N N 263 
PHE N   H2   sing N N 264 
PHE CA  C    sing N N 265 
PHE CA  CB   sing N N 266 
PHE CA  HA   sing N N 267 
PHE C   O    doub N N 268 
PHE C   OXT  sing N N 269 
PHE CB  CG   sing N N 270 
PHE CB  HB2  sing N N 271 
PHE CB  HB3  sing N N 272 
PHE CG  CD1  doub Y N 273 
PHE CG  CD2  sing Y N 274 
PHE CD1 CE1  sing Y N 275 
PHE CD1 HD1  sing N N 276 
PHE CD2 CE2  doub Y N 277 
PHE CD2 HD2  sing N N 278 
PHE CE1 CZ   doub Y N 279 
PHE CE1 HE1  sing N N 280 
PHE CE2 CZ   sing Y N 281 
PHE CE2 HE2  sing N N 282 
PHE CZ  HZ   sing N N 283 
PHE OXT HXT  sing N N 284 
PRO N   CA   sing N N 285 
PRO N   CD   sing N N 286 
PRO N   H    sing N N 287 
PRO CA  C    sing N N 288 
PRO CA  CB   sing N N 289 
PRO CA  HA   sing N N 290 
PRO C   O    doub N N 291 
PRO C   OXT  sing N N 292 
PRO CB  CG   sing N N 293 
PRO CB  HB2  sing N N 294 
PRO CB  HB3  sing N N 295 
PRO CG  CD   sing N N 296 
PRO CG  HG2  sing N N 297 
PRO CG  HG3  sing N N 298 
PRO CD  HD2  sing N N 299 
PRO CD  HD3  sing N N 300 
PRO OXT HXT  sing N N 301 
SER N   CA   sing N N 302 
SER N   H    sing N N 303 
SER N   H2   sing N N 304 
SER CA  C    sing N N 305 
SER CA  CB   sing N N 306 
SER CA  HA   sing N N 307 
SER C   O    doub N N 308 
SER C   OXT  sing N N 309 
SER CB  OG   sing N N 310 
SER CB  HB2  sing N N 311 
SER CB  HB3  sing N N 312 
SER OG  HG   sing N N 313 
SER OXT HXT  sing N N 314 
THR N   CA   sing N N 315 
THR N   H    sing N N 316 
THR N   H2   sing N N 317 
THR CA  C    sing N N 318 
THR CA  CB   sing N N 319 
THR CA  HA   sing N N 320 
THR C   O    doub N N 321 
THR C   OXT  sing N N 322 
THR CB  OG1  sing N N 323 
THR CB  CG2  sing N N 324 
THR CB  HB   sing N N 325 
THR OG1 HG1  sing N N 326 
THR CG2 HG21 sing N N 327 
THR CG2 HG22 sing N N 328 
THR CG2 HG23 sing N N 329 
THR OXT HXT  sing N N 330 
TYR N   CA   sing N N 331 
TYR N   H    sing N N 332 
TYR N   H2   sing N N 333 
TYR CA  C    sing N N 334 
TYR CA  CB   sing N N 335 
TYR CA  HA   sing N N 336 
TYR C   O    doub N N 337 
TYR C   OXT  sing N N 338 
TYR CB  CG   sing N N 339 
TYR CB  HB2  sing N N 340 
TYR CB  HB3  sing N N 341 
TYR CG  CD1  doub Y N 342 
TYR CG  CD2  sing Y N 343 
TYR CD1 CE1  sing Y N 344 
TYR CD1 HD1  sing N N 345 
TYR CD2 CE2  doub Y N 346 
TYR CD2 HD2  sing N N 347 
TYR CE1 CZ   doub Y N 348 
TYR CE1 HE1  sing N N 349 
TYR CE2 CZ   sing Y N 350 
TYR CE2 HE2  sing N N 351 
TYR CZ  OH   sing N N 352 
TYR OH  HH   sing N N 353 
TYR OXT HXT  sing N N 354 
VAL N   CA   sing N N 355 
VAL N   H    sing N N 356 
VAL N   H2   sing N N 357 
VAL CA  C    sing N N 358 
VAL CA  CB   sing N N 359 
VAL CA  HA   sing N N 360 
VAL C   O    doub N N 361 
VAL C   OXT  sing N N 362 
VAL CB  CG1  sing N N 363 
VAL CB  CG2  sing N N 364 
VAL CB  HB   sing N N 365 
VAL CG1 HG11 sing N N 366 
VAL CG1 HG12 sing N N 367 
VAL CG1 HG13 sing N N 368 
VAL CG2 HG21 sing N N 369 
VAL CG2 HG22 sing N N 370 
VAL CG2 HG23 sing N N 371 
VAL OXT HXT  sing N N 372 
# 
_pdbx_audit_support.funding_organization   'Ministry of Science and Technology (MoST, China)' 
_pdbx_audit_support.country                China 
_pdbx_audit_support.grant_number           2022YFA1303700 
_pdbx_audit_support.ordinal                1 
# 
_pdbx_initial_refinement_model.id               1 
_pdbx_initial_refinement_model.entity_id_list   ? 
_pdbx_initial_refinement_model.type             'in silico model' 
_pdbx_initial_refinement_model.source_name      Other 
_pdbx_initial_refinement_model.accession_code   ? 
_pdbx_initial_refinement_model.details          'Computational designed model' 
# 
_atom_sites.entry_id                    9JM2 
_atom_sites.Cartn_transf_matrix[1][1]   ? 
_atom_sites.Cartn_transf_matrix[1][2]   ? 
_atom_sites.Cartn_transf_matrix[1][3]   ? 
_atom_sites.Cartn_transf_matrix[2][1]   ? 
_atom_sites.Cartn_transf_matrix[2][2]   ? 
_atom_sites.Cartn_transf_matrix[2][3]   ? 
_atom_sites.Cartn_transf_matrix[3][1]   ? 
_atom_sites.Cartn_transf_matrix[3][2]   ? 
_atom_sites.Cartn_transf_matrix[3][3]   ? 
_atom_sites.Cartn_transf_vector[1]      ? 
_atom_sites.Cartn_transf_vector[2]      ? 
_atom_sites.Cartn_transf_vector[3]      ? 
_atom_sites.Cartn_transform_axes        ? 
_atom_sites.fract_transf_matrix[1][1]   0.01621188 
_atom_sites.fract_transf_matrix[1][2]   -0.01483667 
_atom_sites.fract_transf_matrix[1][3]   0.00349282 
_atom_sites.fract_transf_matrix[2][1]   -0.00526597 
_atom_sites.fract_transf_matrix[2][2]   -0.00961777 
_atom_sites.fract_transf_matrix[2][3]   -0.01641209 
_atom_sites.fract_transf_matrix[3][1]   0.00986967 
_atom_sites.fract_transf_matrix[3][2]   0.00882191 
_atom_sites.fract_transf_matrix[3][3]   -0.00833657 
_atom_sites.fract_transf_vector[1]      0.233463 
_atom_sites.fract_transf_vector[2]      -0.015829 
_atom_sites.fract_transf_vector[3]      -0.108384 
_atom_sites.solution_primary            ? 
_atom_sites.solution_secondary          ? 
_atom_sites.solution_hydrogens          ? 
_atom_sites.special_details             ? 
# 
loop_
_atom_type.symbol 
C 
N 
O 
S 
# 
loop_
_atom_site.group_PDB 
_atom_site.id 
_atom_site.type_symbol 
_atom_site.label_atom_id 
_atom_site.label_alt_id 
_atom_site.label_comp_id 
_atom_site.label_asym_id 
_atom_site.label_entity_id 
_atom_site.label_seq_id 
_atom_site.pdbx_PDB_ins_code 
_atom_site.Cartn_x 
_atom_site.Cartn_y 
_atom_site.Cartn_z 
_atom_site.occupancy 
_atom_site.B_iso_or_equiv 
_atom_site.pdbx_formal_charge 
_atom_site.auth_seq_id 
_atom_site.auth_comp_id 
_atom_site.auth_asym_id 
_atom_site.auth_atom_id 
_atom_site.pdbx_PDB_model_num 
ATOM   1    N N   . MET A 1 1  ? 18.146  -8.588  10.056  1.00 35.74 ? 1   MET B N   1 
ATOM   2    C CA  . MET A 1 1  ? 16.996  -7.953  9.422   1.00 34.65 ? 1   MET B CA  1 
ATOM   3    C C   . MET A 1 1  ? 17.353  -6.533  8.985   1.00 34.61 ? 1   MET B C   1 
ATOM   4    O O   . MET A 1 1  ? 17.983  -5.784  9.735   1.00 33.83 ? 1   MET B O   1 
ATOM   5    C CB  . MET A 1 1  ? 15.800  -7.925  10.378  1.00 31.28 ? 1   MET B CB  1 
ATOM   6    C CG  . MET A 1 1  ? 14.705  -6.917  10.007  1.00 28.00 ? 1   MET B CG  1 
ATOM   7    S SD  . MET A 1 1  ? 13.234  -7.080  11.050  1.00 25.93 ? 1   MET B SD  1 
ATOM   8    C CE  . MET A 1 1  ? 12.952  -8.829  10.870  1.00 26.25 ? 1   MET B CE  1 
ATOM   9    N N   . GLY A 1 2  ? 16.943  -6.163  7.772   1.00 32.96 ? 2   GLY B N   1 
ATOM   10   C CA  . GLY A 1 2  ? 17.238  -4.839  7.275   1.00 25.42 ? 2   GLY B CA  1 
ATOM   11   C C   . GLY A 1 2  ? 16.499  -3.754  8.030   1.00 29.71 ? 2   GLY B C   1 
ATOM   12   O O   . GLY A 1 2  ? 15.515  -3.986  8.742   1.00 29.12 ? 2   GLY B O   1 
ATOM   13   N N   . GLU A 1 3  ? 16.971  -2.524  7.835   1.00 24.51 ? 3   GLU B N   1 
ATOM   14   C CA  . GLU A 1 3  ? 16.413  -1.406  8.583   1.00 30.15 ? 3   GLU B CA  1 
ATOM   15   C C   . GLU A 1 3  ? 15.029  -1.012  8.071   1.00 30.43 ? 3   GLU B C   1 
ATOM   16   O O   . GLU A 1 3  ? 14.147  -0.615  8.854   1.00 24.35 ? 3   GLU B O   1 
ATOM   17   C CB  . GLU A 1 3  ? 17.373  -0.217  8.459   1.00 30.50 ? 3   GLU B CB  1 
ATOM   18   C CG  . GLU A 1 3  ? 17.613  0.564   9.736   1.00 44.31 ? 3   GLU B CG  1 
ATOM   19   C CD  . GLU A 1 3  ? 18.200  -0.272  10.882  1.00 46.85 ? 3   GLU B CD  1 
ATOM   20   O OE1 . GLU A 1 3  ? 18.713  -1.394  10.653  1.00 42.36 ? 3   GLU B OE1 1 
ATOM   21   O OE2 . GLU A 1 3  ? 18.150  0.210   12.034  1.00 48.45 ? 3   GLU B OE2 1 
ATOM   22   N N   . PHE A 1 4  ? 14.788  -1.220  6.776   1.00 25.39 ? 4   PHE B N   1 
ATOM   23   C CA  . PHE A 1 4  ? 13.466  -0.964  6.218   1.00 26.73 ? 4   PHE B CA  1 
ATOM   24   C C   . PHE A 1 4  ? 12.421  -1.864  6.859   1.00 19.56 ? 4   PHE B C   1 
ATOM   25   O O   . PHE A 1 4  ? 11.386  -1.384  7.338   1.00 21.27 ? 4   PHE B O   1 
ATOM   26   C CB  . PHE A 1 4  ? 13.490  -1.170  4.707   1.00 21.66 ? 4   PHE B CB  1 
ATOM   27   C CG  . PHE A 1 4  ? 12.210  -0.825  4.035   1.00 21.08 ? 4   PHE B CG  1 
ATOM   28   C CD1 . PHE A 1 4  ? 11.165  -1.738  3.985   1.00 15.77 ? 4   PHE B CD1 1 
ATOM   29   C CD2 . PHE A 1 4  ? 12.049  0.421   3.460   1.00 16.17 ? 4   PHE B CD2 1 
ATOM   30   C CE1 . PHE A 1 4  ? 9.984   -1.407  3.370   1.00 16.93 ? 4   PHE B CE1 1 
ATOM   31   C CE2 . PHE A 1 4  ? 10.868  0.754   2.836   1.00 16.62 ? 4   PHE B CE2 1 
ATOM   32   C CZ  . PHE A 1 4  ? 9.843   -0.159  2.793   1.00 16.17 ? 4   PHE B CZ  1 
ATOM   33   N N   . GLU A 1 5  ? 12.672  -3.177  6.852   1.00 22.74 ? 5   GLU B N   1 
ATOM   34   C CA  . GLU A 1 5  ? 11.749  -4.111  7.485   1.00 21.48 ? 5   GLU B CA  1 
ATOM   35   C C   . GLU A 1 5  ? 11.521  -3.755  8.949   1.00 24.89 ? 5   GLU B C   1 
ATOM   36   O O   . GLU A 1 5  ? 10.397  -3.870  9.442   1.00 19.11 ? 5   GLU B O   1 
ATOM   37   C CB  . GLU A 1 5  ? 12.254  -5.552  7.362   1.00 22.76 ? 5   GLU B CB  1 
ATOM   38   C CG  . GLU A 1 5  ? 11.230  -6.565  7.847   1.00 26.78 ? 5   GLU B CG  1 
ATOM   39   C CD  . GLU A 1 5  ? 11.604  -8.019  7.584   1.00 30.57 ? 5   GLU B CD  1 
ATOM   40   O OE1 . GLU A 1 5  ? 12.659  -8.289  6.988   1.00 28.53 ? 5   GLU B OE1 1 
ATOM   41   O OE2 . GLU A 1 5  ? 10.817  -8.907  7.965   1.00 32.37 ? 5   GLU B OE2 1 
ATOM   42   N N   . LYS A 1 6  ? 12.566  -3.303  9.661   1.00 21.26 ? 6   LYS B N   1 
ATOM   43   C CA  . LYS A 1 6  ? 12.384  -2.986  11.078  1.00 25.40 ? 6   LYS B CA  1 
ATOM   44   C C   . LYS A 1 6  ? 11.413  -1.821  11.256  1.00 24.33 ? 6   LYS B C   1 
ATOM   45   O O   . LYS A 1 6  ? 10.519  -1.884  12.103  1.00 21.94 ? 6   LYS B O   1 
ATOM   46   C CB  . LYS A 1 6  ? 13.728  -2.658  11.728  1.00 26.22 ? 6   LYS B CB  1 
ATOM   47   C CG  . LYS A 1 6  ? 14.617  -3.839  11.915  1.00 28.41 ? 6   LYS B CG  1 
ATOM   48   C CD  . LYS A 1 6  ? 15.796  -3.534  12.852  1.00 31.46 ? 6   LYS B CD  1 
ATOM   49   C CE  . LYS A 1 6  ? 17.126  -3.856  12.197  1.00 37.15 ? 6   LYS B CE  1 
ATOM   50   N NZ  . LYS A 1 6  ? 18.175  -4.213  13.200  1.00 42.62 ? 6   LYS B NZ  1 
ATOM   51   N N   . ARG A 1 7  ? 11.579  -0.768  10.450  1.00 24.64 ? 7   ARG B N   1 
ATOM   52   C CA  . ARG A 1 7  ? 10.669  0.383   10.382  1.00 27.54 ? 7   ARG B CA  1 
ATOM   53   C C   . ARG A 1 7  ? 9.236   -0.056  10.030  1.00 23.92 ? 7   ARG B C   1 
ATOM   54   O O   . ARG A 1 7  ? 8.265   0.324   10.711  1.00 21.62 ? 7   ARG B O   1 
ATOM   55   C CB  . ARG A 1 7  ? 11.317  1.277   9.320   1.00 28.60 ? 7   ARG B CB  1 
ATOM   56   C CG  . ARG A 1 7  ? 12.260  2.478   9.768   1.00 39.90 ? 7   ARG B CG  1 
ATOM   57   C CD  . ARG A 1 7  ? 12.472  3.391   8.522   1.00 50.17 ? 7   ARG B CD  1 
ATOM   58   N NE  . ARG A 1 7  ? 11.715  4.225   7.610   1.00 48.17 ? 7   ARG B NE  1 
ATOM   59   C CZ  . ARG A 1 7  ? 12.371  4.620   6.503   1.00 51.07 ? 7   ARG B CZ  1 
ATOM   60   N NH1 . ARG A 1 7  ? 13.553  4.080   6.161   1.00 58.98 ? 7   ARG B NH1 1 
ATOM   61   N NH2 . ARG A 1 7  ? 11.795  5.467   5.641   1.00 52.10 ? 7   ARG B NH2 1 
ATOM   62   N N   . ALA A 1 8  ? 9.095   -0.948  9.036   1.00 19.06 ? 8   ALA B N   1 
ATOM   63   C CA  . ALA A 1 8  ? 7.764   -1.422  8.630   1.00 15.96 ? 8   ALA B CA  1 
ATOM   64   C C   . ALA A 1 8  ? 7.102   -2.278  9.720   1.00 22.17 ? 8   ALA B C   1 
ATOM   65   O O   . ALA A 1 8  ? 5.891   -2.190  9.938   1.00 20.83 ? 8   ALA B O   1 
ATOM   66   C CB  . ALA A 1 8  ? 7.866   -2.192  7.306   1.00 16.09 ? 8   ALA B CB  1 
ATOM   67   N N   . LYS A 1 9  ? 7.885   -3.097  10.425  1.00 20.40 ? 9   LYS B N   1 
ATOM   68   C CA  . LYS A 1 9  ? 7.337   -3.946  11.475  1.00 25.39 ? 9   LYS B CA  1 
ATOM   69   C C   . LYS A 1 9  ? 6.824   -3.124  12.651  1.00 25.94 ? 9   LYS B C   1 
ATOM   70   O O   . LYS A 1 9  ? 5.746   -3.423  13.191  1.00 21.68 ? 9   LYS B O   1 
ATOM   71   C CB  . LYS A 1 9  ? 8.394   -4.943  11.956  1.00 28.35 ? 9   LYS B CB  1 
ATOM   72   C CG  . LYS A 1 9  ? 8.804   -6.023  10.957  1.00 26.04 ? 9   LYS B CG  1 
ATOM   73   C CD  . LYS A 1 9  ? 7.696   -7.006  10.637  1.00 33.13 ? 9   LYS B CD  1 
ATOM   74   C CE  . LYS A 1 9  ? 8.154   -8.428  10.928  1.00 29.98 ? 9   LYS B CE  1 
ATOM   75   N NZ  . LYS A 1 9  ? 9.401   -8.771  10.236  1.00 28.76 ? 9   LYS B NZ  1 
ATOM   76   N N   . GLU A 1 10 ? 7.573   -2.080  13.058  1.00 25.35 ? 10  GLU B N   1 
ATOM   77   C CA  . GLU A 1 10 ? 7.048   -1.172  14.088  1.00 27.95 ? 10  GLU B CA  1 
ATOM   78   C C   . GLU A 1 10 ? 5.745   -0.515  13.641  1.00 27.45 ? 10  GLU B C   1 
ATOM   79   O O   . GLU A 1 10 ? 4.794   -0.372  14.432  1.00 24.27 ? 10  GLU B O   1 
ATOM   80   C CB  . GLU A 1 10 ? 8.060   -0.080  14.453  1.00 29.16 ? 10  GLU B CB  1 
ATOM   81   C CG  . GLU A 1 10 ? 9.515   -0.516  14.575  1.00 34.12 ? 10  GLU B CG  1 
ATOM   82   C CD  . GLU A 1 10 ? 10.482  0.678   14.615  1.00 42.89 ? 10  GLU B CD  1 
ATOM   83   O OE1 . GLU A 1 10 ? 10.059  1.766   15.070  1.00 39.17 ? 10  GLU B OE1 1 
ATOM   84   O OE2 . GLU A 1 10 ? 11.649  0.538   14.165  1.00 42.29 ? 10  GLU B OE2 1 
ATOM   85   N N   . LEU A 1 11 ? 5.687   -0.073  12.381  1.00 23.14 ? 11  LEU B N   1 
ATOM   86   C CA  . LEU A 1 11 ? 4.441   0.533   11.917  1.00 22.07 ? 11  LEU B CA  1 
ATOM   87   C C   . LEU A 1 11 ? 3.300   -0.483  11.888  1.00 20.32 ? 11  LEU B C   1 
ATOM   88   O O   . LEU A 1 11 ? 2.141   -0.121  12.144  1.00 21.34 ? 11  LEU B O   1 
ATOM   89   C CB  . LEU A 1 11 ? 4.656   1.182   10.553  1.00 21.50 ? 11  LEU B CB  1 
ATOM   90   C CG  . LEU A 1 11 ? 5.746   2.261   10.467  1.00 28.16 ? 11  LEU B CG  1 
ATOM   91   C CD1 . LEU A 1 11 ? 5.740   2.901   9.094   1.00 20.68 ? 11  LEU B CD1 1 
ATOM   92   C CD2 . LEU A 1 11 ? 5.564   3.331   11.536  1.00 27.57 ? 11  LEU B CD2 1 
ATOM   93   N N   . ILE A 1 12 ? 3.607   -1.751  11.588  1.00 17.92 ? 12  ILE B N   1 
ATOM   94   C CA  . ILE A 1 12 ? 2.594   -2.805  11.577  1.00 21.21 ? 12  ILE B CA  1 
ATOM   95   C C   . ILE A 1 12 ? 2.035   -3.028  12.983  1.00 27.46 ? 12  ILE B C   1 
ATOM   96   O O   . ILE A 1 12 ? 0.826   -3.227  13.162  1.00 24.41 ? 12  ILE B O   1 
ATOM   97   C CB  . ILE A 1 12 ? 3.183   -4.106  10.992  1.00 19.70 ? 12  ILE B CB  1 
ATOM   98   C CG1 . ILE A 1 12 ? 3.364   -4.009  9.471   1.00 17.18 ? 12  ILE B CG1 1 
ATOM   99   C CG2 . ILE A 1 12 ? 2.304   -5.326  11.323  1.00 20.69 ? 12  ILE B CG2 1 
ATOM   100  C CD1 . ILE A 1 12 ? 3.999   -5.265  8.861   1.00 18.27 ? 12  ILE B CD1 1 
ATOM   101  N N   . GLU A 1 13 ? 2.903   -2.992  14.001  1.00 27.76 ? 13  GLU B N   1 
ATOM   102  C CA  . GLU A 1 13 ? 2.424   -3.141  15.380  1.00 28.41 ? 13  GLU B CA  1 
ATOM   103  C C   . GLU A 1 13 ? 1.520   -1.974  15.781  1.00 28.61 ? 13  GLU B C   1 
ATOM   104  O O   . GLU A 1 13 ? 0.476   -2.163  16.428  1.00 31.89 ? 13  GLU B O   1 
ATOM   105  C CB  . GLU A 1 13 ? 3.609   -3.236  16.339  1.00 29.28 ? 13  GLU B CB  1 
ATOM   106  C CG  . GLU A 1 13 ? 4.417   -4.516  16.225  1.00 27.74 ? 13  GLU B CG  1 
ATOM   107  C CD  . GLU A 1 13 ? 3.588   -5.761  16.425  1.00 40.36 ? 13  GLU B CD  1 
ATOM   108  O OE1 . GLU A 1 13 ? 2.868   -5.846  17.453  1.00 40.61 ? 13  GLU B OE1 1 
ATOM   109  O OE2 . GLU A 1 13 ? 3.666   -6.659  15.557  1.00 39.01 ? 13  GLU B OE2 1 
ATOM   110  N N   . ARG A 1 14 ? 1.891   -0.753  15.393  1.00 26.61 ? 14  ARG B N   1 
ATOM   111  C CA  . ARG A 1 14 ? 1.013   0.370   15.711  1.00 32.07 ? 14  ARG B CA  1 
ATOM   112  C C   . ARG A 1 14 ? -0.339  0.246   15.002  1.00 37.15 ? 14  ARG B C   1 
ATOM   113  O O   . ARG A 1 14 ? -1.408  0.456   15.616  1.00 34.53 ? 14  ARG B O   1 
ATOM   114  C CB  . ARG A 1 14 ? 1.711   1.685   15.374  1.00 35.47 ? 14  ARG B CB  1 
ATOM   115  C CG  . ARG A 1 14 ? 2.768   2.045   16.422  1.00 35.58 ? 14  ARG B CG  1 
ATOM   116  C CD  . ARG A 1 14 ? 3.880   2.872   15.852  1.00 28.64 ? 14  ARG B CD  1 
ATOM   117  N NE  . ARG A 1 14 ? 3.431   4.179   15.392  1.00 32.35 ? 14  ARG B NE  1 
ATOM   118  C CZ  . ARG A 1 14 ? 4.250   5.100   14.908  1.00 34.06 ? 14  ARG B CZ  1 
ATOM   119  N NH1 . ARG A 1 14 ? 5.552   4.880   14.817  1.00 39.09 ? 14  ARG B NH1 1 
ATOM   120  N NH2 . ARG A 1 14 ? 3.757   6.270   14.507  1.00 39.30 ? 14  ARG B NH2 1 
ATOM   121  N N   . ALA A 1 15 ? -0.323  -0.161  13.730  1.00 30.11 ? 15  ALA B N   1 
ATOM   122  C CA  . ALA A 1 15 ? -1.578  -0.312  13.007  1.00 29.91 ? 15  ALA B CA  1 
ATOM   123  C C   . ALA A 1 15 ? -2.453  -1.377  13.654  1.00 28.95 ? 15  ALA B C   1 
ATOM   124  O O   . ALA A 1 15 ? -3.675  -1.207  13.743  1.00 32.21 ? 15  ALA B O   1 
ATOM   125  C CB  . ALA A 1 15 ? -1.314  -0.651  11.539  1.00 22.11 ? 15  ALA B CB  1 
ATOM   126  N N   . LYS A 1 16 ? -1.850  -2.490  14.091  1.00 28.73 ? 16  LYS B N   1 
ATOM   127  C CA  . LYS A 1 16 ? -2.629  -3.514  14.773  1.00 34.51 ? 16  LYS B CA  1 
ATOM   128  C C   . LYS A 1 16 ? -3.243  -2.963  16.048  1.00 33.65 ? 16  LYS B C   1 
ATOM   129  O O   . LYS A 1 16 ? -4.353  -3.353  16.424  1.00 34.94 ? 16  LYS B O   1 
ATOM   130  C CB  . LYS A 1 16 ? -1.775  -4.735  15.115  1.00 34.10 ? 16  LYS B CB  1 
ATOM   131  C CG  . LYS A 1 16 ? -1.260  -5.538  13.948  1.00 34.28 ? 16  LYS B CG  1 
ATOM   132  C CD  . LYS A 1 16 ? -0.699  -6.849  14.469  1.00 33.48 ? 16  LYS B CD  1 
ATOM   133  C CE  . LYS A 1 16 ? 0.234   -7.487  13.468  1.00 41.45 ? 16  LYS B CE  1 
ATOM   134  N NZ  . LYS A 1 16 ? 1.245   -8.330  14.163  1.00 45.41 ? 16  LYS B NZ  1 
ATOM   135  N N   . LYS A 1 17 ? -2.528  -2.067  16.731  1.00 34.07 ? 17  LYS B N   1 
ATOM   136  C CA  . LYS A 1 17 ? -3.097  -1.464  17.930  1.00 39.92 ? 17  LYS B CA  1 
ATOM   137  C C   . LYS A 1 17 ? -4.306  -0.596  17.595  1.00 41.91 ? 17  LYS B C   1 
ATOM   138  O O   . LYS A 1 17 ? -5.223  -0.481  18.414  1.00 44.15 ? 17  LYS B O   1 
ATOM   139  C CB  . LYS A 1 17 ? -2.032  -0.642  18.658  1.00 35.43 ? 17  LYS B CB  1 
ATOM   140  C CG  . LYS A 1 17 ? -2.078  -0.728  20.175  1.00 45.60 ? 17  LYS B CG  1 
ATOM   141  C CD  . LYS A 1 17 ? -3.222  0.084   20.755  1.00 46.15 ? 17  LYS B CD  1 
ATOM   142  C CE  . LYS A 1 17 ? -2.997  0.383   22.235  1.00 48.58 ? 17  LYS B CE  1 
ATOM   143  N NZ  . LYS A 1 17 ? -2.828  -0.861  23.040  1.00 53.73 ? 17  LYS B NZ  1 
ATOM   144  N N   . LEU A 1 18 ? -4.361  -0.024  16.389  1.00 36.78 ? 18  LEU B N   1 
ATOM   145  C CA  . LEU A 1 18 ? -5.466  0.889   16.096  1.00 35.33 ? 18  LEU B CA  1 
ATOM   146  C C   . LEU A 1 18 ? -6.784  0.156   15.823  1.00 43.51 ? 18  LEU B C   1 
ATOM   147  O O   . LEU A 1 18 ? -7.860  0.714   16.076  1.00 39.36 ? 18  LEU B O   1 
ATOM   148  C CB  . LEU A 1 18 ? -5.094  1.790   14.923  1.00 35.11 ? 18  LEU B CB  1 
ATOM   149  C CG  . LEU A 1 18 ? -4.120  2.898   15.327  1.00 36.89 ? 18  LEU B CG  1 
ATOM   150  C CD1 . LEU A 1 18 ? -3.550  3.633   14.119  1.00 40.04 ? 18  LEU B CD1 1 
ATOM   151  C CD2 . LEU A 1 18 ? -4.788  3.883   16.293  1.00 40.62 ? 18  LEU B CD2 1 
ATOM   152  N N   . ASN A 1 19 ? -6.723  -1.065  15.293  1.00 43.90 ? 19  ASN B N   1 
ATOM   153  C CA  . ASN A 1 19 ? -7.885  -1.947  15.123  1.00 45.60 ? 19  ASN B CA  1 
ATOM   154  C C   . ASN A 1 19 ? -9.096  -1.254  14.491  1.00 47.56 ? 19  ASN B C   1 
ATOM   155  O O   . ASN A 1 19 ? -10.177 -1.216  15.070  1.00 50.22 ? 19  ASN B O   1 
ATOM   156  C CB  . ASN A 1 19 ? -8.281  -2.592  16.457  1.00 48.90 ? 19  ASN B CB  1 
ATOM   157  C CG  . ASN A 1 19 ? -9.121  -3.837  16.275  1.00 51.16 ? 19  ASN B CG  1 
ATOM   158  O OD1 . ASN A 1 19 ? -8.852  -4.650  15.391  1.00 52.45 ? 19  ASN B OD1 1 
ATOM   159  N ND2 . ASN A 1 19 ? -10.156 -3.986  17.098  1.00 54.63 ? 19  ASN B ND2 1 
ATOM   160  N N   . THR A 1 20 ? -8.910  -0.754  13.278  1.00 42.62 ? 20  THR B N   1 
ATOM   161  C CA  . THR A 1 20 ? -9.961  -0.244  12.406  1.00 37.16 ? 20  THR B CA  1 
ATOM   162  C C   . THR A 1 20 ? -9.611  -0.650  10.996  1.00 36.61 ? 20  THR B C   1 
ATOM   163  O O   . THR A 1 20 ? -8.446  -0.941  10.688  1.00 35.59 ? 20  THR B O   1 
ATOM   164  C CB  . THR A 1 20 ? -10.090 1.280   12.484  1.00 34.93 ? 20  THR B CB  1 
ATOM   165  O OG1 . THR A 1 20 ? -8.987  1.899   11.809  1.00 37.60 ? 20  THR B OG1 1 
ATOM   166  C CG2 . THR A 1 20 ? -10.158 1.788   13.925  1.00 47.34 ? 20  THR B CG2 1 
ATOM   167  N N   . PRO A 1 21 ? -10.608 -0.702  10.089  1.00 36.99 ? 21  PRO B N   1 
ATOM   168  C CA  . PRO A 1 21 ? -10.305 -1.073  8.693   1.00 32.14 ? 21  PRO B CA  1 
ATOM   169  C C   . PRO A 1 21 ? -9.251  -0.214  8.012   1.00 29.21 ? 21  PRO B C   1 
ATOM   170  O O   . PRO A 1 21 ? -8.497  -0.742  7.188   1.00 29.65 ? 21  PRO B O   1 
ATOM   171  C CB  . PRO A 1 21 ? -11.677 -0.961  8.001   1.00 34.25 ? 21  PRO B CB  1 
ATOM   172  C CG  . PRO A 1 21 ? -12.482 -0.101  8.933   1.00 38.89 ? 21  PRO B CG  1 
ATOM   173  C CD  . PRO A 1 21 ? -12.085 -0.652  10.276  1.00 39.91 ? 21  PRO B CD  1 
ATOM   174  N N   . ALA A 1 22 ? -9.160  1.083   8.324   1.00 31.33 ? 22  ALA B N   1 
ATOM   175  C CA  . ALA A 1 22 ? -8.087  1.891   7.747   1.00 30.05 ? 22  ALA B CA  1 
ATOM   176  C C   . ALA A 1 22 ? -6.729  1.435   8.258   1.00 29.39 ? 22  ALA B C   1 
ATOM   177  O O   . ALA A 1 22 ? -5.758  1.340   7.493   1.00 29.13 ? 22  ALA B O   1 
ATOM   178  C CB  . ALA A 1 22 ? -8.299  3.371   8.058   1.00 27.34 ? 22  ALA B CB  1 
ATOM   179  N N   . ALA A 1 23 ? -6.643  1.128   9.551   1.00 26.66 ? 23  ALA B N   1 
ATOM   180  C CA  . ALA A 1 23 ? -5.384  0.633   10.094  1.00 28.60 ? 23  ALA B CA  1 
ATOM   181  C C   . ALA A 1 23 ? -5.049  -0.746  9.539   1.00 25.04 ? 23  ALA B C   1 
ATOM   182  O O   . ALA A 1 23 ? -3.877  -1.064  9.311   1.00 19.19 ? 23  ALA B O   1 
ATOM   183  C CB  . ALA A 1 23 ? -5.441  0.578   11.614  1.00 27.25 ? 23  ALA B CB  1 
ATOM   184  N N   . LYS A 1 24 ? -6.062  -1.583  9.342   1.00 22.34 ? 24  LYS B N   1 
ATOM   185  C CA  . LYS A 1 24 ? -5.830  -2.886  8.731   1.00 25.82 ? 24  LYS B CA  1 
ATOM   186  C C   . LYS A 1 24 ? -5.351  -2.734  7.296   1.00 21.27 ? 24  LYS B C   1 
ATOM   187  O O   . LYS A 1 24 ? -4.529  -3.528  6.821   1.00 21.22 ? 24  LYS B O   1 
ATOM   188  C CB  . LYS A 1 24 ? -7.100  -3.736  8.806   1.00 22.89 ? 24  LYS B CB  1 
ATOM   189  C CG  . LYS A 1 24 ? -7.643  -3.851  10.238  1.00 34.22 ? 24  LYS B CG  1 
ATOM   190  C CD  . LYS A 1 24 ? -8.581  -5.014  10.434  1.00 35.17 ? 24  LYS B CD  1 
ATOM   191  C CE  . LYS A 1 24 ? -9.173  -5.005  11.852  1.00 41.99 ? 24  LYS B CE  1 
ATOM   192  N NZ  . LYS A 1 24 ? -10.599 -4.547  11.858  1.00 41.22 ? 24  LYS B NZ  1 
ATOM   193  N N   . VAL A 1 25 ? -5.882  -1.734  6.580   1.00 20.18 ? 25  VAL B N   1 
ATOM   194  C CA  . VAL A 1 25 ? -5.437  -1.478  5.213   1.00 20.41 ? 25  VAL B CA  1 
ATOM   195  C C   . VAL A 1 25 ? -3.974  -1.058  5.212   1.00 19.65 ? 25  VAL B C   1 
ATOM   196  O O   . VAL A 1 25 ? -3.167  -1.542  4.403   1.00 17.66 ? 25  VAL B O   1 
ATOM   197  C CB  . VAL A 1 25 ? -6.347  -0.426  4.545   1.00 25.17 ? 25  VAL B CB  1 
ATOM   198  C CG1 . VAL A 1 25 ? -5.613  0.282   3.413   1.00 22.27 ? 25  VAL B CG1 1 
ATOM   199  C CG2 . VAL A 1 25 ? -7.622  -1.080  4.035   1.00 19.65 ? 25  VAL B CG2 1 
ATOM   200  N N   . ILE A 1 26 ? -3.600  -0.191  6.153   1.00 20.45 ? 26  ILE B N   1 
ATOM   201  C CA  . ILE A 1 26 ? -2.211  0.257   6.256   1.00 19.32 ? 26  ILE B CA  1 
ATOM   202  C C   . ILE A 1 26 ? -1.284  -0.900  6.616   1.00 19.62 ? 26  ILE B C   1 
ATOM   203  O O   . ILE A 1 26 ? -0.156  -1.004  6.096   1.00 16.11 ? 26  ILE B O   1 
ATOM   204  C CB  . ILE A 1 26 ? -2.109  1.405   7.277   1.00 22.90 ? 26  ILE B CB  1 
ATOM   205  C CG1 . ILE A 1 26 ? -2.786  2.664   6.721   1.00 23.93 ? 26  ILE B CG1 1 
ATOM   206  C CG2 . ILE A 1 26 ? -0.654  1.671   7.646   1.00 20.99 ? 26  ILE B CG2 1 
ATOM   207  C CD1 . ILE A 1 26 ? -3.007  3.763   7.750   1.00 27.87 ? 26  ILE B CD1 1 
ATOM   208  N N   . GLU A 1 27 ? -1.731  -1.771  7.526   1.00 16.69 ? 27  GLU B N   1 
ATOM   209  C CA  . GLU A 1 27 ? -0.964  -2.957  7.900   1.00 17.49 ? 27  GLU B CA  1 
ATOM   210  C C   . GLU A 1 27 ? -0.693  -3.838  6.687   1.00 16.68 ? 27  GLU B C   1 
ATOM   211  O O   . GLU A 1 27 ? 0.430   -4.343  6.493   1.00 16.64 ? 27  GLU B O   1 
ATOM   212  C CB  . GLU A 1 27 ? -1.728  -3.749  8.979   1.00 17.46 ? 27  GLU B CB  1 
ATOM   213  C CG  . GLU A 1 27 ? -1.083  -5.075  9.307   1.00 19.51 ? 27  GLU B CG  1 
ATOM   214  C CD  . GLU A 1 27 ? -1.928  -5.982  10.225  1.00 24.28 ? 27  GLU B CD  1 
ATOM   215  O OE1 . GLU A 1 27 ? -3.026  -5.604  10.641  1.00 19.65 ? 27  GLU B OE1 1 
ATOM   216  O OE2 . GLU A 1 27 ? -1.455  -7.078  10.544  1.00 25.31 ? 27  GLU B OE2 1 
ATOM   217  N N   . GLU A 1 28 ? -1.731  -4.076  5.882   1.00 14.81 ? 28  GLU B N   1 
ATOM   218  C CA  . GLU A 1 28 ? -1.543  -4.887  4.684   1.00 17.36 ? 28  GLU B CA  1 
ATOM   219  C C   . GLU A 1 28 ? -0.557  -4.230  3.727   1.00 16.78 ? 28  GLU B C   1 
ATOM   220  O O   . GLU A 1 28 ? 0.338   -4.900  3.191   1.00 18.20 ? 28  GLU B O   1 
ATOM   221  C CB  . GLU A 1 28 ? -2.875  -5.109  3.985   1.00 18.97 ? 28  GLU B CB  1 
ATOM   222  C CG  . GLU A 1 28 ? -2.740  -5.690  2.582   1.00 21.51 ? 28  GLU B CG  1 
ATOM   223  C CD  . GLU A 1 28 ? -2.158  -7.089  2.583   1.00 29.36 ? 28  GLU B CD  1 
ATOM   224  O OE1 . GLU A 1 28 ? -2.078  -7.714  3.668   1.00 26.93 ? 28  GLU B OE1 1 
ATOM   225  O OE2 . GLU A 1 28 ? -1.781  -7.573  1.488   1.00 33.84 ? 28  GLU B OE2 1 
ATOM   226  N N   . ALA A 1 29 ? -0.697  -2.910  3.519   1.00 14.35 ? 29  ALA B N   1 
ATOM   227  C CA  . ALA A 1 29 ? 0.219   -2.193  2.632   1.00 17.86 ? 29  ALA B CA  1 
ATOM   228  C C   . ALA A 1 29 ? 1.668   -2.327  3.102   1.00 12.81 ? 29  ALA B C   1 
ATOM   229  O O   . ALA A 1 29 ? 2.574   -2.568  2.293   1.00 13.54 ? 29  ALA B O   1 
ATOM   230  C CB  . ALA A 1 29 ? -0.199  -0.720  2.537   1.00 18.95 ? 29  ALA B CB  1 
ATOM   231  N N   . LEU A 1 30 ? 1.895   -2.240  4.409   1.00 13.83 ? 30  LEU B N   1 
ATOM   232  C CA  . LEU A 1 30 ? 3.249   -2.341  4.955   1.00 14.84 ? 30  LEU B CA  1 
ATOM   233  C C   . LEU A 1 30 ? 3.840   -3.727  4.736   1.00 15.21 ? 30  LEU B C   1 
ATOM   234  O O   . LEU A 1 30 ? 5.031   -3.853  4.409   1.00 13.13 ? 30  LEU B O   1 
ATOM   235  C CB  . LEU A 1 30 ? 3.233   -2.023  6.453   1.00 13.86 ? 30  LEU B CB  1 
ATOM   236  C CG  . LEU A 1 30 ? 2.937   -0.567  6.796   1.00 16.51 ? 30  LEU B CG  1 
ATOM   237  C CD1 . LEU A 1 30 ? 2.526   -0.461  8.268   1.00 18.28 ? 30  LEU B CD1 1 
ATOM   238  C CD2 . LEU A 1 30 ? 4.137   0.326   6.451   1.00 15.26 ? 30  LEU B CD2 1 
ATOM   239  N N   . LYS A 1 31 ? 3.034   -4.783  4.931   1.00 11.84 ? 31  LYS B N   1 
ATOM   240  C CA  . LYS A 1 31 ? 3.529   -6.131  4.625   1.00 16.68 ? 31  LYS B CA  1 
ATOM   241  C C   . LYS A 1 31 ? 3.950   -6.244  3.162   1.00 15.77 ? 31  LYS B C   1 
ATOM   242  O O   . LYS A 1 31 ? 5.026   -6.794  2.840   1.00 15.26 ? 31  LYS B O   1 
ATOM   243  C CB  . LYS A 1 31 ? 2.455   -7.178  4.952   1.00 19.20 ? 31  LYS B CB  1 
ATOM   244  C CG  . LYS A 1 31 ? 2.179   -7.362  6.444   1.00 17.75 ? 31  LYS B CG  1 
ATOM   245  C CD  . LYS A 1 31 ? 1.091   -8.388  6.673   1.00 24.30 ? 31  LYS B CD  1 
ATOM   246  C CE  . LYS A 1 31 ? 0.450   -8.152  8.037   1.00 27.29 ? 31  LYS B CE  1 
ATOM   247  N NZ  . LYS A 1 31 ? -0.689  -9.089  8.261   1.00 30.83 ? 31  LYS B NZ  1 
ATOM   248  N N   . LEU A 1 32 ? 3.133   -5.695  2.263   1.00 14.46 ? 32  LEU B N   1 
ATOM   249  C CA  . LEU A 1 32 ? 3.501   -5.754  0.839   1.00 13.64 ? 32  LEU B CA  1 
ATOM   250  C C   . LEU A 1 32 ? 4.764   -4.936  0.562   1.00 14.48 ? 32  LEU B C   1 
ATOM   251  O O   . LEU A 1 32 ? 5.594   -5.310  -0.277  1.00 18.06 ? 32  LEU B O   1 
ATOM   252  C CB  . LEU A 1 32 ? 2.350   -5.285  -0.042  1.00 13.54 ? 32  LEU B CB  1 
ATOM   253  C CG  . LEU A 1 32 ? 1.052   -6.115  0.102   1.00 13.38 ? 32  LEU B CG  1 
ATOM   254  C CD1 . LEU A 1 32 ? -0.028  -5.435  -0.705  1.00 13.91 ? 32  LEU B CD1 1 
ATOM   255  C CD2 . LEU A 1 32 ? 1.234   -7.553  -0.376  1.00 12.06 ? 32  LEU B CD2 1 
HETATM 256  C C4  . OZW A 1 33 ? -1.174  4.752   -0.092  1.00 24.30 ? 33  OZW B C4  1 
HETATM 257  C C5  . OZW A 1 33 ? -1.162  6.029   0.476   1.00 27.08 ? 33  OZW B C5  1 
HETATM 258  C C6  . OZW A 1 33 ? 0.899   4.191   1.056   1.00 19.45 ? 33  OZW B C6  1 
HETATM 259  C C1  . OZW A 1 33 ? 0.908   5.475   1.634   1.00 23.59 ? 33  OZW B C1  1 
HETATM 260  C C2  . OZW A 1 33 ? -0.158  3.847   0.196   1.00 20.81 ? 33  OZW B C2  1 
HETATM 261  C C3  . OZW A 1 33 ? -0.121  6.380   1.338   1.00 25.21 ? 33  OZW B C3  1 
HETATM 262  N N   . OZW A 1 33 ? 4.910   -3.819  1.258   1.00 11.67 ? 33  OZW B N   1 
HETATM 263  C CA  . OZW A 1 33 ? 6.116   -2.958  1.083   1.00 11.84 ? 33  OZW B CA  1 
HETATM 264  C C   . OZW A 1 33 ? 7.363   -3.721  1.480   1.00 15.24 ? 33  OZW B C   1 
HETATM 265  O O   . OZW A 1 33 ? 8.353   -3.602  0.813   1.00 14.11 ? 33  OZW B O   1 
HETATM 266  C CB  . OZW A 1 33 ? 6.098   -1.682  1.894   1.00 14.20 ? 33  OZW B CB  1 
HETATM 267  C CG  . OZW A 1 33 ? 5.031   -0.730  1.554   1.00 13.92 ? 33  OZW B CG  1 
HETATM 268  C CD1 . OZW A 1 33 ? 4.279   -0.818  0.364   1.00 11.81 ? 33  OZW B CD1 1 
HETATM 269  C CD2 . OZW A 1 33 ? 4.754   0.297   2.418   1.00 15.34 ? 33  OZW B CD2 1 
HETATM 270  C CE1 . OZW A 1 33 ? 3.261   0.127   0.109   1.00 16.05 ? 33  OZW B CE1 1 
HETATM 271  C CE2 . OZW A 1 33 ? 3.763   1.226   2.161   1.00 12.69 ? 33  OZW B CE2 1 
HETATM 272  C CZ  . OZW A 1 33 ? 3.011   1.171   1.027   1.00 12.63 ? 33  OZW B CZ  1 
HETATM 273  N N1  . OZW A 1 33 ? 1.891   3.222   1.305   1.00 17.78 ? 33  OZW B N1  1 
HETATM 274  N N2  . OZW A 1 33 ? 1.963   2.023   0.608   1.00 15.69 ? 33  OZW B N2  1 
ATOM   275  N N   . ILE A 1 34 ? 7.295   -4.464  2.587   1.00 10.78 ? 34  ILE B N   1 
ATOM   276  C CA  . ILE A 1 34 ? 8.461   -5.250  3.046   1.00 16.80 ? 34  ILE B CA  1 
ATOM   277  C C   . ILE A 1 34 ? 8.918   -6.200  1.946   1.00 17.10 ? 34  ILE B C   1 
ATOM   278  O O   . ILE A 1 34 ? 10.130  -6.273  1.619   1.00 18.31 ? 34  ILE B O   1 
ATOM   279  C CB  . ILE A 1 34 ? 8.165   -6.040  4.348   1.00 14.84 ? 34  ILE B CB  1 
ATOM   280  C CG1 . ILE A 1 34 ? 8.058   -5.104  5.533   1.00 19.04 ? 34  ILE B CG1 1 
ATOM   281  C CG2 . ILE A 1 34 ? 9.260   -7.049  4.646   1.00 19.57 ? 34  ILE B CG2 1 
ATOM   282  C CD1 . ILE A 1 34 ? 7.362   -5.748  6.748   1.00 17.56 ? 34  ILE B CD1 1 
ATOM   283  N N   . GLU A 1 35 ? 7.959   -6.937  1.366   1.00 14.31 ? 35  GLU B N   1 
ATOM   284  C CA  . GLU A 1 35 ? 8.372   -7.868  0.304   1.00 17.41 ? 35  GLU B CA  1 
ATOM   285  C C   . GLU A 1 35 ? 8.863   -7.132  -0.950  1.00 16.27 ? 35  GLU B C   1 
ATOM   286  O O   . GLU A 1 35 ? 9.836   -7.560  -1.599  1.00 15.70 ? 35  GLU B O   1 
ATOM   287  C CB  . GLU A 1 35 ? 7.242   -8.839  -0.039  1.00 22.70 ? 35  GLU B CB  1 
ATOM   288  C CG  . GLU A 1 35 ? 6.762   -9.650  1.155   1.00 26.24 ? 35  GLU B CG  1 
ATOM   289  C CD  . GLU A 1 35 ? 7.912   -10.346 1.885   1.00 31.82 ? 35  GLU B CD  1 
ATOM   290  O OE1 . GLU A 1 35 ? 7.942   -10.282 3.131   1.00 35.22 ? 35  GLU B OE1 1 
ATOM   291  O OE2 . GLU A 1 35 ? 8.777   -10.955 1.223   1.00 30.81 ? 35  GLU B OE2 1 
ATOM   292  N N   . ALA A 1 36 ? 8.186   -6.038  -1.326  1.00 13.93 ? 36  ALA B N   1 
ATOM   293  C CA  . ALA A 1 36 ? 8.621   -5.256  -2.478  1.00 15.88 ? 36  ALA B CA  1 
ATOM   294  C C   . ALA A 1 36 ? 10.036  -4.722  -2.275  1.00 19.20 ? 36  ALA B C   1 
ATOM   295  O O   . ALA A 1 36 ? 10.834  -4.668  -3.218  1.00 15.30 ? 36  ALA B O   1 
ATOM   296  C CB  . ALA A 1 36 ? 7.664   -4.087  -2.723  1.00 14.98 ? 36  ALA B CB  1 
ATOM   297  N N   . TYR A 1 37 ? 10.357  -4.314  -1.052  1.00 15.61 ? 37  TYR B N   1 
ATOM   298  C CA  . TYR A 1 37 ? 11.653  -3.708  -0.794  1.00 16.41 ? 37  TYR B CA  1 
ATOM   299  C C   . TYR A 1 37 ? 12.759  -4.747  -0.851  1.00 21.16 ? 37  TYR B C   1 
ATOM   300  O O   . TYR A 1 37 ? 13.863  -4.460  -1.336  1.00 18.03 ? 37  TYR B O   1 
ATOM   301  C CB  . TYR A 1 37 ? 11.642  -3.006  0.559   1.00 19.11 ? 37  TYR B CB  1 
ATOM   302  C CG  . TYR A 1 37 ? 12.860  -2.125  0.780   1.00 16.97 ? 37  TYR B CG  1 
ATOM   303  C CD1 . TYR A 1 37 ? 14.027  -2.640  1.345   1.00 18.46 ? 37  TYR B CD1 1 
ATOM   304  C CD2 . TYR A 1 37 ? 12.844  -0.786  0.414   1.00 17.46 ? 37  TYR B CD2 1 
ATOM   305  C CE1 . TYR A 1 37 ? 15.144  -1.825  1.550   1.00 25.37 ? 37  TYR B CE1 1 
ATOM   306  C CE2 . TYR A 1 37 ? 13.960  0.039   0.618   1.00 18.45 ? 37  TYR B CE2 1 
ATOM   307  C CZ  . TYR A 1 37 ? 15.093  -0.484  1.188   1.00 21.45 ? 37  TYR B CZ  1 
ATOM   308  O OH  . TYR A 1 37 ? 16.186  0.338   1.385   1.00 32.96 ? 37  TYR B OH  1 
ATOM   309  N N   . LYS A 1 38 ? 12.486  -5.954  -0.342  1.00 18.63 ? 38  LYS B N   1 
ATOM   310  C CA  . LYS A 1 38 ? 13.453  -7.039  -0.500  1.00 20.38 ? 38  LYS B CA  1 
ATOM   311  C C   . LYS A 1 38 ? 13.726  -7.323  -1.974  1.00 21.60 ? 38  LYS B C   1 
ATOM   312  O O   . LYS A 1 38 ? 14.886  -7.513  -2.382  1.00 23.61 ? 38  LYS B O   1 
ATOM   313  C CB  . LYS A 1 38 ? 12.950  -8.294  0.218   1.00 23.15 ? 38  LYS B CB  1 
ATOM   314  C CG  . LYS A 1 38 ? 13.219  -8.262  1.709   1.00 28.20 ? 38  LYS B CG  1 
ATOM   315  C CD  . LYS A 1 38 ? 12.346  -9.247  2.440   1.00 34.28 ? 38  LYS B CD  1 
ATOM   316  C CE  . LYS A 1 38 ? 12.227  -8.849  3.897   1.00 32.32 ? 38  LYS B CE  1 
ATOM   317  N NZ  . LYS A 1 38 ? 12.411  -10.026 4.779   1.00 35.48 ? 38  LYS B NZ  1 
ATOM   318  N N   . GLU A 1 39 ? 12.670  -7.352  -2.794  1.00 23.42 ? 39  GLU B N   1 
ATOM   319  C CA  . GLU A 1 39 ? 12.867  -7.572  -4.231  1.00 25.85 ? 39  GLU B CA  1 
ATOM   320  C C   . GLU A 1 39 ? 13.683  -6.445  -4.867  1.00 29.23 ? 39  GLU B C   1 
ATOM   321  O O   . GLU A 1 39 ? 14.612  -6.697  -5.651  1.00 25.21 ? 39  GLU B O   1 
ATOM   322  C CB  . GLU A 1 39 ? 11.513  -7.711  -4.928  1.00 26.93 ? 39  GLU B CB  1 
ATOM   323  C CG  . GLU A 1 39 ? 10.932  -9.122  -4.893  1.00 36.89 ? 39  GLU B CG  1 
ATOM   324  C CD  . GLU A 1 39 ? 11.993  -10.199 -5.112  1.00 44.23 ? 39  GLU B CD  1 
ATOM   325  O OE1 . GLU A 1 39 ? 12.316  -10.936 -4.148  1.00 47.60 ? 39  GLU B OE1 1 
ATOM   326  O OE2 . GLU A 1 39 ? 12.532  -10.271 -6.239  1.00 40.94 ? 39  GLU B OE2 1 
ATOM   327  N N   . ALA A 1 40 ? 13.362  -5.191  -4.522  1.00 21.11 ? 40  ALA B N   1 
ATOM   328  C CA  . ALA A 1 40 ? 14.074  -4.052  -5.083  1.00 23.24 ? 40  ALA B CA  1 
ATOM   329  C C   . ALA A 1 40 ? 15.542  -4.078  -4.694  1.00 28.28 ? 40  ALA B C   1 
ATOM   330  O O   . ALA A 1 40 ? 16.415  -3.779  -5.517  1.00 28.39 ? 40  ALA B O   1 
ATOM   331  C CB  . ALA A 1 40 ? 13.435  -2.742  -4.605  1.00 22.12 ? 40  ALA B CB  1 
ATOM   332  N N   . LYS A 1 41 ? 15.825  -4.456  -3.445  1.00 23.95 ? 41  LYS B N   1 
ATOM   333  C CA  . LYS A 1 41 ? 17.196  -4.575  -2.973  1.00 28.75 ? 41  LYS B CA  1 
ATOM   334  C C   . LYS A 1 41 ? 17.956  -5.613  -3.783  1.00 30.63 ? 41  LYS B C   1 
ATOM   335  O O   . LYS A 1 41 ? 19.055  -5.341  -4.278  1.00 34.42 ? 41  LYS B O   1 
ATOM   336  C CB  . LYS A 1 41 ? 17.195  -4.950  -1.487  1.00 29.56 ? 41  LYS B CB  1 
ATOM   337  C CG  . LYS A 1 41 ? 17.763  -3.915  -0.555  1.00 34.65 ? 41  LYS B CG  1 
ATOM   338  C CD  . LYS A 1 41 ? 18.242  -4.576  0.738   1.00 39.08 ? 41  LYS B CD  1 
ATOM   339  C CE  . LYS A 1 41 ? 18.172  -3.600  1.899   1.00 41.72 ? 41  LYS B CE  1 
ATOM   340  N NZ  . LYS A 1 41 ? 17.984  -4.242  3.240   1.00 42.48 ? 41  LYS B NZ  1 
ATOM   341  N N   . LYS A 1 42 ? 17.365  -6.799  -3.961  1.00 29.97 ? 42  LYS B N   1 
ATOM   342  C CA  . LYS A 1 42 ? 18.015  -7.812  -4.789  1.00 34.76 ? 42  LYS B CA  1 
ATOM   343  C C   . LYS A 1 42 ? 18.323  -7.284  -6.183  1.00 35.54 ? 42  LYS B C   1 
ATOM   344  O O   . LYS A 1 42 ? 19.417  -7.509  -6.705  1.00 34.14 ? 42  LYS B O   1 
ATOM   345  C CB  . LYS A 1 42 ? 17.149  -9.060  -4.897  1.00 36.04 ? 42  LYS B CB  1 
ATOM   346  C CG  . LYS A 1 42 ? 17.073  -9.891  -3.629  1.00 40.45 ? 42  LYS B CG  1 
ATOM   347  C CD  . LYS A 1 42 ? 16.052  -11.022 -3.774  1.00 42.28 ? 42  LYS B CD  1 
ATOM   348  C CE  . LYS A 1 42 ? 15.561  -11.176 -5.219  1.00 37.86 ? 42  LYS B CE  1 
ATOM   349  N NZ  . LYS A 1 42 ? 14.568  -12.292 -5.360  1.00 46.95 ? 42  LYS B NZ  1 
ATOM   350  N N   . LYS A 1 43 ? 17.376  -6.567  -6.797  1.00 32.68 ? 43  LYS B N   1 
ATOM   351  C CA  . LYS A 1 43 ? 17.619  -6.024  -8.129  1.00 35.35 ? 43  LYS B CA  1 
ATOM   352  C C   . LYS A 1 43 ? 18.567  -4.827  -8.126  1.00 34.88 ? 43  LYS B C   1 
ATOM   353  O O   . LYS A 1 43 ? 19.029  -4.417  -9.197  1.00 29.78 ? 43  LYS B O   1 
ATOM   354  C CB  . LYS A 1 43 ? 16.291  -5.655  -8.794  1.00 36.64 ? 43  LYS B CB  1 
ATOM   355  C CG  . LYS A 1 43 ? 15.410  -6.867  -9.104  1.00 38.74 ? 43  LYS B CG  1 
ATOM   356  C CD  . LYS A 1 43 ? 14.061  -6.458  -9.693  1.00 43.59 ? 43  LYS B CD  1 
ATOM   357  C CE  . LYS A 1 43 ? 12.937  -7.377  -9.204  1.00 44.87 ? 43  LYS B CE  1 
ATOM   358  N NZ  . LYS A 1 43 ? 11.592  -6.721  -9.184  1.00 43.37 ? 43  LYS B NZ  1 
ATOM   359  N N   . GLY A 1 44 ? 18.846  -4.238  -6.969  1.00 33.85 ? 44  GLY B N   1 
ATOM   360  C CA  . GLY A 1 44 ? 19.649  -3.031  -6.953  1.00 32.26 ? 44  GLY B CA  1 
ATOM   361  C C   . GLY A 1 44 ? 18.932  -1.835  -7.534  1.00 35.24 ? 44  GLY B C   1 
ATOM   362  O O   . GLY A 1 44 ? 19.578  -0.917  -8.050  1.00 32.37 ? 44  GLY B O   1 
ATOM   363  N N   . ASP A 1 45 ? 17.603  -1.822  -7.462  1.00 31.00 ? 45  ASP B N   1 
ATOM   364  C CA  . ASP A 1 45 ? 16.781  -0.747  -8.014  1.00 25.28 ? 45  ASP B CA  1 
ATOM   365  C C   . ASP A 1 45 ? 16.705  0.334   -6.947  1.00 26.85 ? 45  ASP B C   1 
ATOM   366  O O   . ASP A 1 45 ? 15.853  0.298   -6.053  1.00 24.25 ? 45  ASP B O   1 
ATOM   367  C CB  . ASP A 1 45 ? 15.406  -1.288  -8.396  1.00 25.73 ? 45  ASP B CB  1 
ATOM   368  C CG  . ASP A 1 45 ? 14.549  -0.275  -9.148  1.00 24.43 ? 45  ASP B CG  1 
ATOM   369  O OD1 . ASP A 1 45 ? 14.809  0.944   -9.084  1.00 25.14 ? 45  ASP B OD1 1 
ATOM   370  O OD2 . ASP A 1 45 ? 13.600  -0.714  -9.813  1.00 25.52 ? 45  ASP B OD2 1 
ATOM   371  N N   . ALA A 1 46 ? 17.618  1.306   -7.038  1.00 22.95 ? 46  ALA B N   1 
ATOM   372  C CA  . ALA A 1 46 ? 17.656  2.384   -6.057  1.00 28.25 ? 46  ALA B CA  1 
ATOM   373  C C   . ALA A 1 46 ? 16.398  3.240   -6.121  1.00 23.95 ? 46  ALA B C   1 
ATOM   374  O O   . ALA A 1 46 ? 15.911  3.725   -5.091  1.00 26.07 ? 46  ALA B O   1 
ATOM   375  C CB  . ALA A 1 46 ? 18.899  3.249   -6.282  1.00 29.53 ? 46  ALA B CB  1 
ATOM   376  N N   . LEU A 1 47 ? 15.861  3.442   -7.324  1.00 25.03 ? 47  LEU B N   1 
ATOM   377  C CA  . LEU A 1 47 ? 14.680  4.284   -7.472  1.00 24.98 ? 47  LEU B CA  1 
ATOM   378  C C   . LEU A 1 47 ? 13.470  3.658   -6.795  1.00 22.89 ? 47  LEU B C   1 
ATOM   379  O O   . LEU A 1 47 ? 12.706  4.356   -6.113  1.00 20.73 ? 47  LEU B O   1 
ATOM   380  C CB  . LEU A 1 47 ? 14.400  4.542   -8.956  1.00 24.85 ? 47  LEU B CB  1 
ATOM   381  C CG  . LEU A 1 47 ? 15.471  5.358   -9.687  1.00 24.18 ? 47  LEU B CG  1 
ATOM   382  C CD1 . LEU A 1 47 ? 14.995  5.800   -11.067 1.00 27.17 ? 47  LEU B CD1 1 
ATOM   383  C CD2 . LEU A 1 47 ? 15.900  6.563   -8.852  1.00 19.82 ? 47  LEU B CD2 1 
ATOM   384  N N   . GLN A 1 48 ? 13.277  2.346   -6.978  1.00 18.58 ? 48  GLN B N   1 
ATOM   385  C CA  . GLN A 1 48 ? 12.144  1.667   -6.350  1.00 21.65 ? 48  GLN B CA  1 
ATOM   386  C C   . GLN A 1 48 ? 12.306  1.601   -4.837  1.00 17.30 ? 48  GLN B C   1 
ATOM   387  O O   . GLN A 1 48 ? 11.321  1.686   -4.088  1.00 17.26 ? 48  GLN B O   1 
ATOM   388  C CB  . GLN A 1 48 ? 11.987  0.263   -6.937  1.00 21.89 ? 48  GLN B CB  1 
ATOM   389  C CG  . GLN A 1 48 ? 10.959  -0.570  -6.203  1.00 20.28 ? 48  GLN B CG  1 
ATOM   390  C CD  . GLN A 1 48 ? 9.557   -0.380  -6.743  1.00 28.38 ? 48  GLN B CD  1 
ATOM   391  O OE1 . GLN A 1 48 ? 9.270   0.614   -7.410  1.00 33.59 ? 48  GLN B OE1 1 
ATOM   392  N NE2 . GLN A 1 48 ? 8.667   -1.333  -6.446  1.00 31.28 ? 48  GLN B NE2 1 
ATOM   393  N N   . GLN A 1 49 ? 13.544  1.435   -4.371  1.00 19.48 ? 49  GLN B N   1 
ATOM   394  C CA  . GLN A 1 49 ? 13.810  1.530   -2.940  1.00 23.27 ? 49  GLN B CA  1 
ATOM   395  C C   . GLN A 1 49 ? 13.403  2.895   -2.403  1.00 17.72 ? 49  GLN B C   1 
ATOM   396  O O   . GLN A 1 49 ? 12.792  2.988   -1.339  1.00 15.98 ? 49  GLN B O   1 
ATOM   397  C CB  . GLN A 1 49 ? 15.289  1.250   -2.652  1.00 22.74 ? 49  GLN B CB  1 
ATOM   398  C CG  . GLN A 1 49 ? 15.697  -0.205  -2.861  1.00 20.04 ? 49  GLN B CG  1 
ATOM   399  C CD  . GLN A 1 49 ? 17.205  -0.394  -2.863  1.00 29.28 ? 49  GLN B CD  1 
ATOM   400  O OE1 . GLN A 1 49 ? 17.746  -1.123  -3.685  1.00 30.15 ? 49  GLN B OE1 1 
ATOM   401  N NE2 . GLN A 1 49 ? 17.890  0.274   -1.944  1.00 30.12 ? 49  GLN B NE2 1 
ATOM   402  N N   . ALA A 1 50 ? 13.735  3.969   -3.128  1.00 17.67 ? 50  ALA B N   1 
ATOM   403  C CA  . ALA A 1 50 ? 13.343  5.306   -2.680  1.00 20.87 ? 50  ALA B CA  1 
ATOM   404  C C   . ALA A 1 50 ? 11.830  5.485   -2.689  1.00 17.15 ? 50  ALA B C   1 
ATOM   405  O O   . ALA A 1 50 ? 11.262  6.077   -1.763  1.00 14.83 ? 50  ALA B O   1 
ATOM   406  C CB  . ALA A 1 50 ? 13.998  6.371   -3.557  1.00 20.47 ? 50  ALA B CB  1 
ATOM   407  N N   . LEU A 1 51 ? 11.161  5.006   -3.737  1.00 13.69 ? 51  LEU B N   1 
ATOM   408  C CA  . LEU A 1 51 ? 9.703   5.061   -3.755  1.00 17.81 ? 51  LEU B CA  1 
ATOM   409  C C   . LEU A 1 51 ? 9.103   4.331   -2.555  1.00 15.28 ? 51  LEU B C   1 
ATOM   410  O O   . LEU A 1 51 ? 8.132   4.798   -1.951  1.00 15.67 ? 51  LEU B O   1 
ATOM   411  C CB  . LEU A 1 51 ? 9.179   4.458   -5.060  1.00 16.55 ? 51  LEU B CB  1 
ATOM   412  C CG  . LEU A 1 51 ? 7.667   4.330   -5.234  1.00 16.27 ? 51  LEU B CG  1 
ATOM   413  C CD1 . LEU A 1 51 ? 6.985   5.663   -5.022  1.00 18.40 ? 51  LEU B CD1 1 
ATOM   414  C CD2 . LEU A 1 51 ? 7.355   3.756   -6.636  1.00 19.94 ? 51  LEU B CD2 1 
ATOM   415  N N   . LEU A 1 52 ? 9.652   3.168   -2.209  1.00 14.87 ? 52  LEU B N   1 
ATOM   416  C CA  . LEU A 1 52 ? 9.096   2.420   -1.091  1.00 13.83 ? 52  LEU B CA  1 
ATOM   417  C C   . LEU A 1 52 ? 9.434   3.074   0.244   1.00 15.99 ? 52  LEU B C   1 
ATOM   418  O O   . LEU A 1 52 ? 8.631   3.027   1.184   1.00 14.29 ? 52  LEU B O   1 
ATOM   419  C CB  . LEU A 1 52 ? 9.608   0.988   -1.141  1.00 13.10 ? 52  LEU B CB  1 
ATOM   420  C CG  . LEU A 1 52 ? 9.003   0.175   -2.292  1.00 12.34 ? 52  LEU B CG  1 
ATOM   421  C CD1 . LEU A 1 52 ? 9.849   -1.046  -2.464  1.00 16.01 ? 52  LEU B CD1 1 
ATOM   422  C CD2 . LEU A 1 52 ? 7.553   -0.211  -2.014  1.00 16.27 ? 52  LEU B CD2 1 
ATOM   423  N N   . GLU A 1 53 ? 10.602  3.715   0.337   1.00 16.03 ? 53  GLU B N   1 
ATOM   424  C CA  . GLU A 1 53 ? 10.945  4.462   1.541   1.00 17.17 ? 53  GLU B CA  1 
ATOM   425  C C   . GLU A 1 53 ? 9.985   5.633   1.736   1.00 19.16 ? 53  GLU B C   1 
ATOM   426  O O   . GLU A 1 53 ? 9.561   5.933   2.863   1.00 18.11 ? 53  GLU B O   1 
ATOM   427  C CB  . GLU A 1 53 ? 12.409  4.924   1.458   1.00 18.75 ? 53  GLU B CB  1 
ATOM   428  C CG  . GLU A 1 53 ? 13.417  3.886   1.951   1.00 23.54 ? 53  GLU B CG  1 
ATOM   429  C CD  . GLU A 1 53 ? 14.831  4.118   1.392   1.00 34.68 ? 53  GLU B CD  1 
ATOM   430  O OE1 . GLU A 1 53 ? 15.584  3.134   1.191   1.00 33.90 ? 53  GLU B OE1 1 
ATOM   431  O OE2 . GLU A 1 53 ? 15.183  5.294   1.125   1.00 34.72 ? 53  GLU B OE2 1 
ATOM   432  N N   . GLU A 1 54 ? 9.595   6.286   0.634   1.00 18.02 ? 54  GLU B N   1 
ATOM   433  C CA  . GLU A 1 54 ? 8.602   7.359   0.714   1.00 20.07 ? 54  GLU B CA  1 
ATOM   434  C C   . GLU A 1 54 ? 7.212   6.826   1.066   1.00 21.24 ? 54  GLU B C   1 
ATOM   435  O O   . GLU A 1 54 ? 6.449   7.488   1.786   1.00 17.04 ? 54  GLU B O   1 
ATOM   436  C CB  . GLU A 1 54 ? 8.562   8.137   -0.608  1.00 20.62 ? 54  GLU B CB  1 
ATOM   437  C CG  . GLU A 1 54 ? 7.529   9.279   -0.670  1.00 22.01 ? 54  GLU B CG  1 
ATOM   438  C CD  . GLU A 1 54 ? 7.801   10.415  0.318   1.00 23.09 ? 54  GLU B CD  1 
ATOM   439  O OE1 . GLU A 1 54 ? 8.951   10.567  0.771   1.00 25.81 ? 54  GLU B OE1 1 
ATOM   440  O OE2 . GLU A 1 54 ? 6.847   11.141  0.657   1.00 27.01 ? 54  GLU B OE2 1 
ATOM   441  N N   . SER A 1 55 ? 6.835   5.670   0.509   1.00 17.64 ? 55  SER B N   1 
ATOM   442  C CA  . SER A 1 55 ? 5.570   5.053   0.881   1.00 14.50 ? 55  SER B CA  1 
ATOM   443  C C   . SER A 1 55 ? 5.524   4.773   2.380   1.00 15.70 ? 55  SER B C   1 
ATOM   444  O O   . SER A 1 55 ? 4.513   5.030   3.038   1.00 19.16 ? 55  SER B O   1 
ATOM   445  C CB  . SER A 1 55 ? 5.363   3.758   0.091   1.00 15.31 ? 55  SER B CB  1 
ATOM   446  O OG  . SER A 1 55 ? 5.482   3.984   -1.291  1.00 16.16 ? 55  SER B OG  1 
ATOM   447  N N   . LEU A 1 56 ? 6.610   4.241   2.932   1.00 16.64 ? 56  LEU B N   1 
ATOM   448  C CA  . LEU A 1 56 ? 6.674   3.978   4.364   1.00 19.86 ? 56  LEU B CA  1 
ATOM   449  C C   . LEU A 1 56 ? 6.542   5.271   5.171   1.00 23.49 ? 56  LEU B C   1 
ATOM   450  O O   . LEU A 1 56 ? 5.800   5.317   6.169   1.00 20.87 ? 56  LEU B O   1 
ATOM   451  C CB  . LEU A 1 56 ? 7.971   3.219   4.664   1.00 20.00 ? 56  LEU B CB  1 
ATOM   452  C CG  . LEU A 1 56 ? 8.435   2.737   6.027   1.00 28.05 ? 56  LEU B CG  1 
ATOM   453  C CD1 . LEU A 1 56 ? 7.539   1.592   6.446   1.00 26.56 ? 56  LEU B CD1 1 
ATOM   454  C CD2 . LEU A 1 56 ? 9.834   2.178   5.878   1.00 26.59 ? 56  LEU B CD2 1 
ATOM   455  N N   . ALA A 1 57 ? 7.209   6.348   4.722   1.00 21.16 ? 57  ALA B N   1 
ATOM   456  C CA  . ALA A 1 57 ? 7.070   7.656   5.369   1.00 21.37 ? 57  ALA B CA  1 
ATOM   457  C C   . ALA A 1 57 ? 5.617   8.137   5.369   1.00 23.11 ? 57  ALA B C   1 
ATOM   458  O O   . ALA A 1 57 ? 5.092   8.591   6.400   1.00 26.10 ? 57  ALA B O   1 
ATOM   459  C CB  . ALA A 1 57 ? 7.978   8.682   4.663   1.00 21.40 ? 57  ALA B CB  1 
ATOM   460  N N   . GLN A 1 58 ? 4.933   8.015   4.229   1.00 20.40 ? 58  GLN B N   1 
ATOM   461  C CA  . GLN A 1 58 ? 3.552   8.493   4.160   1.00 25.42 ? 58  GLN B CA  1 
ATOM   462  C C   . GLN A 1 58 ? 2.600   7.598   4.954   1.00 25.15 ? 58  GLN B C   1 
ATOM   463  O O   . GLN A 1 58 ? 1.636   8.089   5.559   1.00 24.82 ? 58  GLN B O   1 
ATOM   464  C CB  . GLN A 1 58 ? 3.117   8.628   2.704   1.00 25.09 ? 58  GLN B CB  1 
ATOM   465  C CG  . GLN A 1 58 ? 3.860   9.788   2.013   1.00 25.55 ? 58  GLN B CG  1 
ATOM   466  C CD  . GLN A 1 58 ? 3.328   10.112  0.636   1.00 23.47 ? 58  GLN B CD  1 
ATOM   467  O OE1 . GLN A 1 58 ? 2.182   9.822   0.317   1.00 26.68 ? 58  GLN B OE1 1 
ATOM   468  N NE2 . GLN A 1 58 ? 4.182   10.713  -0.205  1.00 33.52 ? 58  GLN B NE2 1 
ATOM   469  N N   . ALA A 1 59 ? 2.844   6.285   4.964   1.00 21.78 ? 59  ALA B N   1 
ATOM   470  C CA  . ALA A 1 59 ? 2.020   5.399   5.780   1.00 21.10 ? 59  ALA B CA  1 
ATOM   471  C C   . ALA A 1 59 ? 2.161   5.747   7.256   1.00 24.95 ? 59  ALA B C   1 
ATOM   472  O O   . ALA A 1 59 ? 1.171   5.751   8.006   1.00 28.96 ? 59  ALA B O   1 
ATOM   473  C CB  . ALA A 1 59 ? 2.404   3.938   5.531   1.00 13.69 ? 59  ALA B CB  1 
ATOM   474  N N   . GLU A 1 60 ? 3.385   6.031   7.691   1.00 24.70 ? 60  GLU B N   1 
ATOM   475  C CA  . GLU A 1 60 ? 3.611   6.403   9.078   1.00 25.31 ? 60  GLU B CA  1 
ATOM   476  C C   . GLU A 1 60 ? 2.896   7.697   9.423   1.00 29.28 ? 60  GLU B C   1 
ATOM   477  O O   . GLU A 1 60 ? 2.355   7.832   10.522  1.00 34.60 ? 60  GLU B O   1 
ATOM   478  C CB  . GLU A 1 60 ? 5.106   6.529   9.351   1.00 25.51 ? 60  GLU B CB  1 
ATOM   479  C CG  . GLU A 1 60 ? 5.438   6.983   10.762  1.00 32.60 ? 60  GLU B CG  1 
ATOM   480  C CD  . GLU A 1 60 ? 6.910   7.267   10.934  1.00 32.80 ? 60  GLU B CD  1 
ATOM   481  O OE1 . GLU A 1 60 ? 7.504   7.871   10.018  1.00 44.38 ? 60  GLU B OE1 1 
ATOM   482  O OE2 . GLU A 1 60 ? 7.476   6.879   11.975  1.00 38.65 ? 60  GLU B OE2 1 
ATOM   483  N N   . GLU A 1 61 ? 2.896   8.669   8.508   1.00 27.23 ? 61  GLU B N   1 
ATOM   484  C CA  . GLU A 1 61 ? 2.163   9.899   8.797   1.00 30.19 ? 61  GLU B CA  1 
ATOM   485  C C   . GLU A 1 61 ? 0.668   9.630   8.948   1.00 37.73 ? 61  GLU B C   1 
ATOM   486  O O   . GLU A 1 61 ? 0.012   10.189  9.839   1.00 35.67 ? 61  GLU B O   1 
ATOM   487  C CB  . GLU A 1 61 ? 2.432   10.940  7.709   1.00 32.69 ? 61  GLU B CB  1 
ATOM   488  C CG  . GLU A 1 61 ? 1.725   12.265  7.937   1.00 39.88 ? 61  GLU B CG  1 
ATOM   489  C CD  . GLU A 1 61 ? 2.336   13.122  9.047   1.00 44.26 ? 61  GLU B CD  1 
ATOM   490  O OE1 . GLU A 1 61 ? 3.211   12.639  9.806   1.00 45.10 ? 61  GLU B OE1 1 
ATOM   491  O OE2 . GLU A 1 61 ? 1.932   14.297  9.162   1.00 46.43 ? 61  GLU B OE2 1 
ATOM   492  N N   . MET A 1 62 ? 0.109   8.760   8.104   1.00 27.98 ? 62  MET B N   1 
ATOM   493  C CA  . MET A 1 62 ? -1.290  8.375   8.287   1.00 33.93 ? 62  MET B CA  1 
ATOM   494  C C   . MET A 1 62 ? -1.521  7.725   9.653   1.00 34.57 ? 62  MET B C   1 
ATOM   495  O O   . MET A 1 62 ? -2.504  8.028   10.347  1.00 40.02 ? 62  MET B O   1 
ATOM   496  C CB  . MET A 1 62 ? -1.715  7.436   7.167   1.00 34.33 ? 62  MET B CB  1 
ATOM   497  C CG  . MET A 1 62 ? -1.572  8.029   5.797   1.00 40.22 ? 62  MET B CG  1 
ATOM   498  S SD  . MET A 1 62 ? -2.409  6.949   4.644   1.00 38.89 ? 62  MET B SD  1 
ATOM   499  C CE  . MET A 1 62 ? -1.512  5.457   5.002   1.00 32.46 ? 62  MET B CE  1 
ATOM   500  N N   . LEU A 1 63 ? -0.641  6.800   10.042  1.00 31.37 ? 63  LEU B N   1 
ATOM   501  C CA  . LEU A 1 63 ? -0.773  6.142   11.342  1.00 30.88 ? 63  LEU B CA  1 
ATOM   502  C C   . LEU A 1 63 ? -0.720  7.152   12.482  1.00 37.78 ? 63  LEU B C   1 
ATOM   503  O O   . LEU A 1 63 ? -1.541  7.107   13.409  1.00 37.04 ? 63  LEU B O   1 
ATOM   504  C CB  . LEU A 1 63 ? 0.326   5.099   11.514  1.00 32.55 ? 63  LEU B CB  1 
ATOM   505  C CG  . LEU A 1 63 ? 0.077   3.760   10.833  1.00 29.94 ? 63  LEU B CG  1 
ATOM   506  C CD1 . LEU A 1 63 ? 1.379   3.029   10.602  1.00 30.94 ? 63  LEU B CD1 1 
ATOM   507  C CD2 . LEU A 1 63 ? -0.851  2.939   11.702  1.00 34.42 ? 63  LEU B CD2 1 
ATOM   508  N N   . ARG A 1 64 ? 0.243   8.075   12.425  1.00 36.13 ? 64  ARG B N   1 
ATOM   509  C CA  . ARG A 1 64 ? 0.329   9.153   13.406  1.00 39.81 ? 64  ARG B CA  1 
ATOM   510  C C   . ARG A 1 64 ? -0.995  9.896   13.505  1.00 44.21 ? 64  ARG B C   1 
ATOM   511  O O   . ARG A 1 64 ? -1.522  10.105  14.602  1.00 40.69 ? 64  ARG B O   1 
ATOM   512  C CB  . ARG A 1 64 ? 1.456   10.116  13.030  1.00 39.80 ? 64  ARG B CB  1 
ATOM   513  C CG  . ARG A 1 64 ? 1.364   11.464  13.723  1.00 44.86 ? 64  ARG B CG  1 
ATOM   514  C CD  . ARG A 1 64 ? 2.483   12.405  13.270  1.00 46.60 ? 64  ARG B CD  1 
ATOM   515  N NE  . ARG A 1 64 ? 2.004   13.438  12.355  1.00 49.10 ? 64  ARG B NE  1 
ATOM   516  C CZ  . ARG A 1 64 ? 1.323   14.517  12.725  1.00 48.27 ? 64  ARG B CZ  1 
ATOM   517  N NH1 . ARG A 1 64 ? 1.046   14.758  13.997  1.00 47.15 ? 64  ARG B NH1 1 
ATOM   518  N NH2 . ARG A 1 64 ? 0.916   15.378  11.796  1.00 41.87 ? 64  ARG B NH2 1 
ATOM   519  N N   . ARG A 1 65 ? -1.551  10.286  12.355  1.00 42.44 ? 65  ARG B N   1 
ATOM   520  C CA  . ARG A 1 65 ? -2.837  10.974  12.329  1.00 40.48 ? 65  ARG B CA  1 
ATOM   521  C C   . ARG A 1 65 ? -3.901  10.187  13.080  1.00 44.66 ? 65  ARG B C   1 
ATOM   522  O O   . ARG A 1 65 ? -4.667  10.745  13.877  1.00 45.27 ? 65  ARG B O   1 
ATOM   523  C CB  . ARG A 1 65 ? -3.276  11.200  10.885  1.00 44.33 ? 65  ARG B CB  1 
ATOM   524  C CG  . ARG A 1 65 ? -3.412  12.650  10.496  1.00 42.82 ? 65  ARG B CG  1 
ATOM   525  C CD  . ARG A 1 65 ? -3.399  12.799  8.989   1.00 46.84 ? 65  ARG B CD  1 
ATOM   526  N NE  . ARG A 1 65 ? -2.078  13.170  8.497   1.00 50.62 ? 65  ARG B NE  1 
ATOM   527  C CZ  . ARG A 1 65 ? -1.584  14.399  8.552   1.00 48.56 ? 65  ARG B CZ  1 
ATOM   528  N NH1 . ARG A 1 65 ? -2.269  15.395  9.093   1.00 48.65 ? 65  ARG B NH1 1 
ATOM   529  N NH2 . ARG A 1 65 ? -0.376  14.635  8.049   1.00 45.08 ? 65  ARG B NH2 1 
ATOM   530  N N   . LEU A 1 66 ? -3.990  8.888   12.808  1.00 40.72 ? 66  LEU B N   1 
ATOM   531  C CA  . LEU A 1 66 ? -4.965  8.079   13.534  1.00 39.64 ? 66  LEU B CA  1 
ATOM   532  C C   . LEU A 1 66 ? -4.656  8.023   15.028  1.00 44.05 ? 66  LEU B C   1 
ATOM   533  O O   . LEU A 1 66 ? -5.575  7.926   15.851  1.00 43.41 ? 66  LEU B O   1 
ATOM   534  C CB  . LEU A 1 66 ? -5.023  6.669   12.957  1.00 39.70 ? 66  LEU B CB  1 
ATOM   535  C CG  . LEU A 1 66 ? -5.155  6.502   11.442  1.00 41.11 ? 66  LEU B CG  1 
ATOM   536  C CD1 . LEU A 1 66 ? -5.108  5.020   11.074  1.00 35.34 ? 66  LEU B CD1 1 
ATOM   537  C CD2 . LEU A 1 66 ? -6.434  7.156   10.934  1.00 45.53 ? 66  LEU B CD2 1 
ATOM   538  N N   . GLU A 1 67 ? -3.388  7.943   15.389  1.00 43.91 ? 67  GLU B N   1 
ATOM   539  C CA  . GLU A 1 67 ? -3.026  7.734   16.785  1.00 42.96 ? 67  GLU B CA  1 
ATOM   540  C C   . GLU A 1 67 ? -3.326  8.910   17.724  1.00 49.67 ? 67  GLU B C   1 
ATOM   541  O O   . GLU A 1 67 ? -3.237  8.755   18.938  1.00 49.83 ? 67  GLU B O   1 
ATOM   542  C CB  . GLU A 1 67 ? -1.565  7.305   16.871  1.00 43.11 ? 67  GLU B CB  1 
ATOM   543  C CG  . GLU A 1 67 ? -1.242  5.945   16.281  1.00 39.89 ? 67  GLU B CG  1 
ATOM   544  C CD  . GLU A 1 67 ? 0.253   5.728   16.143  1.00 37.43 ? 67  GLU B CD  1 
ATOM   545  O OE1 . GLU A 1 67 ? 0.981   6.714   15.943  1.00 39.00 ? 67  GLU B OE1 1 
ATOM   546  O OE2 . GLU A 1 67 ? 0.703   4.578   16.247  1.00 38.75 ? 67  GLU B OE2 1 
ATOM   547  N N   . HIS A 1 68 ? -3.707  10.060  17.191  1.00 48.84 ? 68  HIS B N   1 
ATOM   548  C CA  . HIS A 1 68 ? -4.111  11.148  18.042  1.00 52.16 ? 68  HIS B CA  1 
ATOM   549  C C   . HIS A 1 68 ? -5.602  10.987  18.195  1.00 53.96 ? 68  HIS B C   1 
ATOM   550  O O   . HIS A 1 68 ? -6.354  11.931  18.012  1.00 58.44 ? 68  HIS B O   1 
ATOM   551  C CB  . HIS A 1 68 ? -3.747  12.524  17.478  1.00 51.14 ? 68  HIS B CB  1 
ATOM   552  N N   . HIS A 1 69 ? -6.043  9.778   18.499  1.00 51.58 ? 69  HIS B N   1 
ATOM   553  C CA  . HIS A 1 69 ? -7.452  9.536   18.743  1.00 48.62 ? 69  HIS B CA  1 
ATOM   554  C C   . HIS A 1 69 ? -7.575  8.688   20.001  1.00 44.51 ? 69  HIS B C   1 
ATOM   555  O O   . HIS A 1 69 ? -8.668  8.311   20.399  1.00 45.97 ? 69  HIS B O   1 
ATOM   556  C CB  . HIS A 1 69 ? -8.120  8.833   17.559  1.00 30.00 ? 69  HIS B CB  1 
ATOM   557  C CG  . HIS A 1 69 ? -8.199  9.671   16.321  1.00 30.00 ? 69  HIS B CG  1 
ATOM   558  N N   . GLY B 1 2  ? -10.020 -10.001 -13.992 1.00 42.69 ? 2   GLY A N   1 
ATOM   559  C CA  . GLY B 1 2  ? -11.094 -9.699  -13.080 1.00 39.06 ? 2   GLY A CA  1 
ATOM   560  C C   . GLY B 1 2  ? -11.341 -8.249  -12.873 1.00 36.15 ? 2   GLY A C   1 
ATOM   561  O O   . GLY B 1 2  ? -10.506 -7.442  -13.188 1.00 36.72 ? 2   GLY A O   1 
ATOM   562  N N   . GLU B 1 3  ? -12.484 -7.927  -12.307 1.00 45.00 ? 3   GLU A N   1 
ATOM   563  C CA  . GLU B 1 3  ? -12.832 -6.543  -12.048 1.00 34.79 ? 3   GLU A CA  1 
ATOM   564  C C   . GLU B 1 3  ? -11.861 -5.816  -11.125 1.00 42.27 ? 3   GLU A C   1 
ATOM   565  O O   . GLU B 1 3  ? -11.643 -4.629  -11.278 1.00 46.72 ? 3   GLU A O   1 
ATOM   566  C CB  . GLU B 1 3  ? -14.200 -6.465  -11.408 1.00 48.64 ? 3   GLU A CB  1 
ATOM   567  N N   . PHE B 1 4  ? -11.309 -6.527  -10.152 1.00 33.34 ? 4   PHE A N   1 
ATOM   568  C CA  . PHE B 1 4  ? -10.336 -5.911  -9.273  1.00 33.03 ? 4   PHE A CA  1 
ATOM   569  C C   . PHE B 1 4  ? -9.194  -5.350  -10.093 1.00 29.10 ? 4   PHE A C   1 
ATOM   570  O O   . PHE B 1 4  ? -8.877  -4.179  -9.999  1.00 29.07 ? 4   PHE A O   1 
ATOM   571  C CB  . PHE B 1 4  ? -9.807  -6.898  -8.257  1.00 27.47 ? 4   PHE A CB  1 
ATOM   572  C CG  . PHE B 1 4  ? -8.898  -6.294  -7.230  1.00 26.95 ? 4   PHE A CG  1 
ATOM   573  C CD1 . PHE B 1 4  ? -7.553  -6.108  -7.498  1.00 26.15 ? 4   PHE A CD1 1 
ATOM   574  C CD2 . PHE B 1 4  ? -9.384  -5.930  -5.994  1.00 22.97 ? 4   PHE A CD2 1 
ATOM   575  C CE1 . PHE B 1 4  ? -6.714  -5.559  -6.551  1.00 20.94 ? 4   PHE A CE1 1 
ATOM   576  C CE2 . PHE B 1 4  ? -8.554  -5.380  -5.045  1.00 24.98 ? 4   PHE A CE2 1 
ATOM   577  C CZ  . PHE B 1 4  ? -7.219  -5.193  -5.324  1.00 22.19 ? 4   PHE A CZ  1 
ATOM   578  N N   . GLU B 1 5  ? -8.589  -6.197  -10.894 1.00 30.01 ? 5   GLU A N   1 
ATOM   579  C CA  . GLU B 1 5  ? -7.411  -5.737  -11.626 1.00 28.18 ? 5   GLU A CA  1 
ATOM   580  C C   . GLU B 1 5  ? -7.766  -4.565  -12.528 1.00 30.66 ? 5   GLU A C   1 
ATOM   581  O O   . GLU B 1 5  ? -7.006  -3.597  -12.638 1.00 30.06 ? 5   GLU A O   1 
ATOM   582  C CB  . GLU B 1 5  ? -6.772  -6.865  -12.445 1.00 27.82 ? 5   GLU A CB  1 
ATOM   583  C CG  . GLU B 1 5  ? -5.803  -6.338  -13.508 1.00 30.38 ? 5   GLU A CG  1 
ATOM   584  C CD  . GLU B 1 5  ? -4.881  -7.406  -14.066 1.00 36.38 ? 5   GLU A CD  1 
ATOM   585  O OE1 . GLU B 1 5  ? -5.254  -8.595  -14.046 1.00 38.50 ? 5   GLU A OE1 1 
ATOM   586  O OE2 . GLU B 1 5  ? -3.779  -7.053  -14.535 1.00 36.66 ? 5   GLU A OE2 1 
ATOM   587  N N   . LYS B 1 6  ? -8.938  -4.616  -13.151 1.00 34.81 ? 6   LYS A N   1 
ATOM   588  C CA  . LYS B 1 6  ? -9.316  -3.555  -14.075 1.00 32.74 ? 6   LYS A CA  1 
ATOM   589  C C   . LYS B 1 6  ? -9.614  -2.256  -13.337 1.00 28.20 ? 6   LYS A C   1 
ATOM   590  O O   . LYS B 1 6  ? -9.173  -1.181  -13.768 1.00 28.73 ? 6   LYS A O   1 
ATOM   591  C CB  . LYS B 1 6  ? -10.485 -4.019  -14.952 1.00 38.29 ? 6   LYS A CB  1 
ATOM   592  C CG  . LYS B 1 6  ? -10.396 -5.487  -15.457 1.00 36.28 ? 6   LYS A CG  1 
ATOM   593  C CD  . LYS B 1 6  ? -8.969  -6.070  -15.765 1.00 38.67 ? 6   LYS A CD  1 
ATOM   594  C CE  . LYS B 1 6  ? -8.025  -5.203  -16.591 1.00 26.70 ? 6   LYS A CE  1 
ATOM   595  N NZ  . LYS B 1 6  ? -6.970  -6.081  -17.083 1.00 28.41 ? 6   LYS A NZ  1 
ATOM   596  N N   . ARG B 1 7  ? -10.363 -2.325  -12.228 1.00 32.78 ? 7   ARG A N   1 
ATOM   597  C CA  . ARG B 1 7  ? -10.600 -1.119  -11.441 1.00 30.73 ? 7   ARG A CA  1 
ATOM   598  C C   . ARG B 1 7  ? -9.293  -0.552  -10.903 1.00 30.81 ? 7   ARG A C   1 
ATOM   599  O O   . ARG B 1 7  ? -9.075  0.669   -10.914 1.00 32.49 ? 7   ARG A O   1 
ATOM   600  C CB  . ARG B 1 7  ? -11.575 -1.397  -10.300 1.00 33.43 ? 7   ARG A CB  1 
ATOM   601  C CG  . ARG B 1 7  ? -11.446 -0.378  -9.187  1.00 35.92 ? 7   ARG A CG  1 
ATOM   602  C CD  . ARG B 1 7  ? -12.494 -0.588  -8.124  1.00 42.85 ? 7   ARG A CD  1 
ATOM   603  N NE  . ARG B 1 7  ? -12.791 0.641   -7.399  1.00 43.00 ? 7   ARG A NE  1 
ATOM   604  C CZ  . ARG B 1 7  ? -13.198 0.662   -6.140  1.00 39.52 ? 7   ARG A CZ  1 
ATOM   605  N NH1 . ARG B 1 7  ? -13.327 -0.452  -5.442  1.00 39.46 ? 7   ARG A NH1 1 
ATOM   606  N NH2 . ARG B 1 7  ? -13.461 1.829   -5.558  1.00 38.75 ? 7   ARG A NH2 1 
ATOM   607  N N   . ALA B 1 8  ? -8.404  -1.427  -10.433 1.00 30.97 ? 8   ALA A N   1 
ATOM   608  C CA  . ALA B 1 8  ? -7.117  -0.977  -9.920  1.00 30.08 ? 8   ALA A CA  1 
ATOM   609  C C   . ALA B 1 8  ? -6.296  -0.315  -11.021 1.00 27.35 ? 8   ALA A C   1 
ATOM   610  O O   . ALA B 1 8  ? -5.609  0.682   -10.770 1.00 26.48 ? 8   ALA A O   1 
ATOM   611  C CB  . ALA B 1 8  ? -6.372  -2.163  -9.310  1.00 23.61 ? 8   ALA A CB  1 
ATOM   612  N N   . LYS B 1 9  ? -6.385  -0.825  -12.253 1.00 28.04 ? 9   LYS A N   1 
ATOM   613  C CA  . LYS B 1 9  ? -5.667  -0.208  -13.368 1.00 28.05 ? 9   LYS A CA  1 
ATOM   614  C C   . LYS B 1 9  ? -6.255  1.149   -13.737 1.00 29.71 ? 9   LYS A C   1 
ATOM   615  O O   . LYS B 1 9  ? -5.519  2.085   -14.073 1.00 31.78 ? 9   LYS A O   1 
ATOM   616  C CB  . LYS B 1 9  ? -5.651  -1.148  -14.567 1.00 32.51 ? 9   LYS A CB  1 
ATOM   617  C CG  . LYS B 1 9  ? -4.576  -2.195  -14.436 1.00 30.59 ? 9   LYS A CG  1 
ATOM   618  C CD  . LYS B 1 9  ? -4.626  -3.198  -15.533 1.00 28.71 ? 9   LYS A CD  1 
ATOM   619  C CE  . LYS B 1 9  ? -3.542  -4.230  -15.325 1.00 35.94 ? 9   LYS A CE  1 
ATOM   620  N NZ  . LYS B 1 9  ? -2.409  -4.133  -16.280 1.00 40.50 ? 9   LYS A NZ  1 
ATOM   621  N N   . GLU B 1 10 ? -7.579  1.276   -13.700 1.00 34.33 ? 10  GLU A N   1 
ATOM   622  C CA  . GLU B 1 10 ? -8.181  2.595   -13.865 1.00 37.08 ? 10  GLU A CA  1 
ATOM   623  C C   . GLU B 1 10 ? -7.655  3.566   -12.815 1.00 31.10 ? 10  GLU A C   1 
ATOM   624  O O   . GLU B 1 10 ? -7.310  4.716   -13.125 1.00 35.19 ? 10  GLU A O   1 
ATOM   625  C CB  . GLU B 1 10 ? -9.698  2.479   -13.781 1.00 34.85 ? 10  GLU A CB  1 
ATOM   626  C CG  . GLU B 1 10 ? -10.285 1.755   -14.961 1.00 37.94 ? 10  GLU A CG  1 
ATOM   627  C CD  . GLU B 1 10 ? -11.692 1.295   -14.710 1.00 44.94 ? 10  GLU A CD  1 
ATOM   628  O OE1 . GLU B 1 10 ? -12.232 1.582   -13.611 1.00 46.13 ? 10  GLU A OE1 1 
ATOM   629  O OE2 . GLU B 1 10 ? -12.259 0.648   -15.619 1.00 44.10 ? 10  GLU A OE2 1 
ATOM   630  N N   . LEU B 1 11 ? -7.557  3.106   -11.568 1.00 30.59 ? 11  LEU A N   1 
ATOM   631  C CA  . LEU B 1 11 ? -7.021  3.957   -10.511 1.00 31.36 ? 11  LEU A CA  1 
ATOM   632  C C   . LEU B 1 11 ? -5.558  4.305   -10.774 1.00 26.15 ? 11  LEU A C   1 
ATOM   633  O O   . LEU B 1 11 ? -5.107  5.413   -10.473 1.00 31.04 ? 11  LEU A O   1 
ATOM   634  C CB  . LEU B 1 11 ? -7.175  3.254   -9.157  1.00 31.81 ? 11  LEU A CB  1 
ATOM   635  C CG  . LEU B 1 11 ? -8.593  3.127   -8.595  1.00 34.51 ? 11  LEU A CG  1 
ATOM   636  C CD1 . LEU B 1 11 ? -8.648  2.220   -7.351  1.00 30.71 ? 11  LEU A CD1 1 
ATOM   637  C CD2 . LEU B 1 11 ? -9.161  4.515   -8.292  1.00 29.53 ? 11  LEU A CD2 1 
ATOM   638  N N   . ILE B 1 12 ? -4.802  3.364   -11.335 1.00 29.31 ? 12  ILE A N   1 
ATOM   639  C CA  . ILE B 1 12 ? -3.401  3.617   -11.648 1.00 26.63 ? 12  ILE A CA  1 
ATOM   640  C C   . ILE B 1 12 ? -3.288  4.688   -12.724 1.00 34.21 ? 12  ILE A C   1 
ATOM   641  O O   . ILE B 1 12 ? -2.394  5.541   -12.684 1.00 32.31 ? 12  ILE A O   1 
ATOM   642  C CB  . ILE B 1 12 ? -2.701  2.311   -12.067 1.00 26.63 ? 12  ILE A CB  1 
ATOM   643  C CG1 . ILE B 1 12 ? -2.330  1.476   -10.840 1.00 22.70 ? 12  ILE A CG1 1 
ATOM   644  C CG2 . ILE B 1 12 ? -1.438  2.588   -12.880 1.00 25.95 ? 12  ILE A CG2 1 
ATOM   645  C CD1 . ILE B 1 12 ? -1.837  0.091   -11.216 1.00 23.56 ? 12  ILE A CD1 1 
ATOM   646  N N   . GLU B 1 13 ? -4.179  4.655   -13.709 1.00 35.32 ? 13  GLU A N   1 
ATOM   647  C CA  . GLU B 1 13 ? -4.151  5.695   -14.738 1.00 34.89 ? 13  GLU A CA  1 
ATOM   648  C C   . GLU B 1 13 ? -4.495  7.057   -14.147 1.00 33.08 ? 13  GLU A C   1 
ATOM   649  O O   . GLU B 1 13 ? -3.838  8.064   -14.451 1.00 36.07 ? 13  GLU A O   1 
ATOM   650  C CB  . GLU B 1 13 ? -5.090  5.316   -15.879 1.00 34.20 ? 13  GLU A CB  1 
ATOM   651  C CG  . GLU B 1 13 ? -4.601  4.071   -16.589 1.00 39.27 ? 13  GLU A CG  1 
ATOM   652  C CD  . GLU B 1 13 ? -3.181  4.245   -17.123 1.00 43.50 ? 13  GLU A CD  1 
ATOM   653  O OE1 . GLU B 1 13 ? -2.329  3.359   -16.869 1.00 42.97 ? 13  GLU A OE1 1 
ATOM   654  O OE2 . GLU B 1 13 ? -2.917  5.273   -17.792 1.00 45.73 ? 13  GLU A OE2 1 
ATOM   655  N N   . ARG B 1 14 ? -5.482  7.089   -13.247 1.00 34.14 ? 14  ARG A N   1 
ATOM   656  C CA  . ARG B 1 14 ? -5.814  8.335   -12.563 1.00 31.93 ? 14  ARG A CA  1 
ATOM   657  C C   . ARG B 1 14 ? -4.633  8.852   -11.748 1.00 37.38 ? 14  ARG A C   1 
ATOM   658  O O   . ARG B 1 14 ? -4.368  10.057  -11.729 1.00 37.45 ? 14  ARG A O   1 
ATOM   659  C CB  . ARG B 1 14 ? -7.036  8.130   -11.667 1.00 36.95 ? 14  ARG A CB  1 
ATOM   660  C CG  . ARG B 1 14 ? -8.354  8.045   -12.431 1.00 40.88 ? 14  ARG A CG  1 
ATOM   661  C CD  . ARG B 1 14 ? -9.481  7.535   -11.562 1.00 32.88 ? 14  ARG A CD  1 
ATOM   662  N NE  . ARG B 1 14 ? -9.777  8.433   -10.453 1.00 37.64 ? 14  ARG A NE  1 
ATOM   663  C CZ  . ARG B 1 14 ? -10.746 8.218   -9.575  1.00 42.24 ? 14  ARG A CZ  1 
ATOM   664  N NH1 . ARG B 1 14 ? -11.530 7.155   -9.664  1.00 42.48 ? 14  ARG A NH1 1 
ATOM   665  N NH2 . ARG B 1 14 ? -10.926 9.083   -8.578  1.00 40.60 ? 14  ARG A NH2 1 
ATOM   666  N N   . ALA B 1 15 ? -3.914  7.959   -11.059 1.00 34.76 ? 15  ALA A N   1 
ATOM   667  C CA  . ALA B 1 15 ? -2.740  8.387   -10.300 1.00 36.93 ? 15  ALA A CA  1 
ATOM   668  C C   . ALA B 1 15 ? -1.639  8.895   -11.226 1.00 35.88 ? 15  ALA A C   1 
ATOM   669  O O   . ALA B 1 15 ? -0.961  9.882   -10.911 1.00 34.03 ? 15  ALA A O   1 
ATOM   670  C CB  . ALA B 1 15 ? -2.214  7.248   -9.419  1.00 29.15 ? 15  ALA A CB  1 
ATOM   671  N N   . LYS B 1 16 ? -1.441  8.220   -12.362 1.00 39.48 ? 16  LYS A N   1 
ATOM   672  C CA  . LYS B 1 16 ? -0.418  8.631   -13.319 1.00 41.73 ? 16  LYS A CA  1 
ATOM   673  C C   . LYS B 1 16 ? -0.679  10.039  -13.831 1.00 39.23 ? 16  LYS A C   1 
ATOM   674  O O   . LYS B 1 16 ? 0.258   10.815  -14.042 1.00 42.88 ? 16  LYS A O   1 
ATOM   675  C CB  . LYS B 1 16 ? -0.387  7.653   -14.493 1.00 40.36 ? 16  LYS A CB  1 
ATOM   676  C CG  . LYS B 1 16 ? 0.468   6.415   -14.315 1.00 40.05 ? 16  LYS A CG  1 
ATOM   677  C CD  . LYS B 1 16 ? 0.250   5.488   -15.504 1.00 42.56 ? 16  LYS A CD  1 
ATOM   678  C CE  . LYS B 1 16 ? 0.929   4.136   -15.344 1.00 38.40 ? 16  LYS A CE  1 
ATOM   679  N NZ  . LYS B 1 16 ? 0.723   3.310   -16.566 1.00 44.05 ? 16  LYS A NZ  1 
ATOM   680  N N   . LYS B 1 17 ? -1.953  10.394  -14.015 1.00 42.73 ? 17  LYS A N   1 
ATOM   681  C CA  . LYS B 1 17 ? -2.267  11.740  -14.490 1.00 43.52 ? 17  LYS A CA  1 
ATOM   682  C C   . LYS B 1 17 ? -1.909  12.826  -13.480 1.00 45.01 ? 17  LYS A C   1 
ATOM   683  O O   . LYS B 1 17 ? -1.685  13.975  -13.880 1.00 43.65 ? 17  LYS A O   1 
ATOM   684  C CB  . LYS B 1 17 ? -3.742  11.826  -14.878 1.00 40.84 ? 17  LYS A CB  1 
ATOM   685  C CG  . LYS B 1 17 ? -4.065  10.955  -16.092 1.00 48.06 ? 17  LYS A CG  1 
ATOM   686  C CD  . LYS B 1 17 ? -5.382  11.332  -16.748 1.00 49.35 ? 17  LYS A CD  1 
ATOM   687  C CE  . LYS B 1 17 ? -5.988  10.131  -17.457 1.00 45.82 ? 17  LYS A CE  1 
ATOM   688  N NZ  . LYS B 1 17 ? -7.237  9.667   -16.781 1.00 48.02 ? 17  LYS A NZ  1 
ATOM   689  N N   . LEU B 1 18 ? -1.848  12.496  -12.190 1.00 43.70 ? 18  LEU A N   1 
ATOM   690  C CA  . LEU B 1 18 ? -1.643  13.505  -11.156 1.00 39.34 ? 18  LEU A CA  1 
ATOM   691  C C   . LEU B 1 18 ? -0.191  13.951  -11.031 1.00 43.27 ? 18  LEU A C   1 
ATOM   692  O O   . LEU B 1 18 ? 0.065   15.109  -10.675 1.00 43.63 ? 18  LEU A O   1 
ATOM   693  C CB  . LEU B 1 18 ? -2.135  12.966  -9.817  1.00 38.34 ? 18  LEU A CB  1 
ATOM   694  C CG  . LEU B 1 18 ? -3.569  13.280  -9.409  1.00 34.95 ? 18  LEU A CG  1 
ATOM   695  C CD1 . LEU B 1 18 ? -4.535  12.874  -10.493 1.00 46.53 ? 18  LEU A CD1 1 
ATOM   696  C CD2 . LEU B 1 18 ? -3.877  12.530  -8.129  1.00 39.35 ? 18  LEU A CD2 1 
ATOM   697  N N   . ASN B 1 19 ? 0.763   13.063  -11.303 1.00 44.37 ? 19  ASN A N   1 
ATOM   698  C CA  . ASN B 1 19 ? 2.184   13.403  -11.343 1.00 41.98 ? 19  ASN A CA  1 
ATOM   699  C C   . ASN B 1 19 ? 2.638   14.170  -10.096 1.00 37.94 ? 19  ASN A C   1 
ATOM   700  O O   . ASN B 1 19 ? 3.085   15.317  -10.168 1.00 44.20 ? 19  ASN A O   1 
ATOM   701  C CB  . ASN B 1 19 ? 2.492   14.199  -12.615 1.00 46.95 ? 19  ASN A CB  1 
ATOM   702  C CG  . ASN B 1 19 ? 3.978   14.269  -12.924 1.00 50.23 ? 19  ASN A CG  1 
ATOM   703  O OD1 . ASN B 1 19 ? 4.810   13.760  -12.170 1.00 55.05 ? 19  ASN A OD1 1 
ATOM   704  N ND2 . ASN B 1 19 ? 4.317   14.917  -14.030 1.00 47.03 ? 19  ASN A ND2 1 
ATOM   705  N N   . THR B 1 20 ? 2.495   13.531  -8.939  1.00 35.35 ? 20  THR A N   1 
ATOM   706  C CA  . THR B 1 20 ? 3.026   14.019  -7.675  1.00 32.33 ? 20  THR A CA  1 
ATOM   707  C C   . THR B 1 20 ? 3.548   12.834  -6.869  1.00 32.50 ? 20  THR A C   1 
ATOM   708  O O   . THR B 1 20 ? 3.162   11.692  -7.125  1.00 31.46 ? 20  THR A O   1 
ATOM   709  C CB  . THR B 1 20 ? 1.976   14.773  -6.839  1.00 35.31 ? 20  THR A CB  1 
ATOM   710  O OG1 . THR B 1 20 ? 0.885   13.898  -6.518  1.00 34.78 ? 20  THR A OG1 1 
ATOM   711  C CG2 . THR B 1 20 ? 1.455   16.001  -7.579  1.00 34.78 ? 20  THR A CG2 1 
ATOM   712  N N   . PRO B 1 21 ? 4.434   13.079  -5.900  1.00 27.29 ? 21  PRO A N   1 
ATOM   713  C CA  . PRO B 1 21 ? 4.942   11.953  -5.093  1.00 30.80 ? 21  PRO A CA  1 
ATOM   714  C C   . PRO B 1 21 ? 3.856   11.155  -4.392  1.00 27.17 ? 21  PRO A C   1 
ATOM   715  O O   . PRO B 1 21 ? 3.949   9.924   -4.318  1.00 22.71 ? 21  PRO A O   1 
ATOM   716  C CB  . PRO B 1 21 ? 5.861   12.639  -4.072  1.00 31.24 ? 21  PRO A CB  1 
ATOM   717  C CG  . PRO B 1 21 ? 6.193   13.994  -4.645  1.00 32.07 ? 21  PRO A CG  1 
ATOM   718  C CD  . PRO B 1 21 ? 5.308   14.264  -5.825  1.00 33.14 ? 21  PRO A CD  1 
ATOM   719  N N   . ALA B 1 22 ? 2.812   11.820  -3.888  1.00 30.76 ? 22  ALA A N   1 
ATOM   720  C CA  . ALA B 1 22 ? 1.730   11.104  -3.221  1.00 25.72 ? 22  ALA A CA  1 
ATOM   721  C C   . ALA B 1 22 ? 0.984   10.194  -4.191  1.00 24.98 ? 22  ALA A C   1 
ATOM   722  O O   . ALA B 1 22 ? 0.586   9.071   -3.833  1.00 24.51 ? 22  ALA A O   1 
ATOM   723  C CB  . ALA B 1 22 ? 0.778   12.100  -2.558  1.00 30.39 ? 22  ALA A CB  1 
ATOM   724  N N   . ALA B 1 23 ? 0.781   10.672  -5.423  1.00 22.19 ? 23  ALA A N   1 
ATOM   725  C CA  . ALA B 1 23 ? 0.142   9.865   -6.453  1.00 24.51 ? 23  ALA A CA  1 
ATOM   726  C C   . ALA B 1 23 ? 1.042   8.716   -6.903  1.00 21.99 ? 23  ALA A C   1 
ATOM   727  O O   . ALA B 1 23 ? 0.541   7.634   -7.219  1.00 18.28 ? 23  ALA A O   1 
ATOM   728  C CB  . ALA B 1 23 ? -0.256  10.736  -7.642  1.00 26.66 ? 23  ALA A CB  1 
ATOM   729  N N   . LYS B 1 24 ? 2.368   8.934   -6.961  1.00 21.43 ? 24  LYS A N   1 
ATOM   730  C CA  . LYS B 1 24 ? 3.284   7.824   -7.254  1.00 22.92 ? 24  LYS A CA  1 
ATOM   731  C C   . LYS B 1 24 ? 3.222   6.755   -6.163  1.00 19.13 ? 24  LYS A C   1 
ATOM   732  O O   . LYS B 1 24 ? 3.294   5.548   -6.445  1.00 18.19 ? 24  LYS A O   1 
ATOM   733  C CB  . LYS B 1 24 ? 4.737   8.314   -7.367  1.00 22.17 ? 24  LYS A CB  1 
ATOM   734  C CG  . LYS B 1 24 ? 5.014   9.560   -8.225  1.00 27.48 ? 24  LYS A CG  1 
ATOM   735  C CD  . LYS B 1 24 ? 4.815   9.281   -9.688  1.00 34.56 ? 24  LYS A CD  1 
ATOM   736  C CE  . LYS B 1 24 ? 4.397   10.558  -10.419 1.00 43.98 ? 24  LYS A CE  1 
ATOM   737  N NZ  . LYS B 1 24 ? 3.784   10.273  -11.739 1.00 41.72 ? 24  LYS A NZ  1 
ATOM   738  N N   . VAL B 1 25 ? 3.113   7.187   -4.905  1.00 20.01 ? 25  VAL A N   1 
ATOM   739  C CA  . VAL B 1 25 ? 3.010   6.240   -3.799  1.00 18.86 ? 25  VAL A CA  1 
ATOM   740  C C   . VAL B 1 25 ? 1.738   5.408   -3.935  1.00 20.62 ? 25  VAL A C   1 
ATOM   741  O O   . VAL B 1 25 ? 1.758   4.178   -3.768  1.00 17.68 ? 25  VAL A O   1 
ATOM   742  C CB  . VAL B 1 25 ? 3.080   6.988   -2.455  1.00 18.48 ? 25  VAL A CB  1 
ATOM   743  C CG1 . VAL B 1 25 ? 2.550   6.124   -1.309  1.00 18.02 ? 25  VAL A CG1 1 
ATOM   744  C CG2 . VAL B 1 25 ? 4.507   7.395   -2.153  1.00 19.26 ? 25  VAL A CG2 1 
ATOM   745  N N   . ILE B 1 26 ? 0.620   6.060   -4.270  1.00 22.04 ? 26  ILE A N   1 
ATOM   746  C CA  . ILE B 1 26 ? -0.640  5.331   -4.440  1.00 18.16 ? 26  ILE A CA  1 
ATOM   747  C C   . ILE B 1 26 ? -0.570  4.391   -5.640  1.00 17.25 ? 26  ILE A C   1 
ATOM   748  O O   . ILE B 1 26 ? -1.072  3.260   -5.593  1.00 17.53 ? 26  ILE A O   1 
ATOM   749  C CB  . ILE B 1 26 ? -1.810  6.326   -4.565  1.00 17.86 ? 26  ILE A CB  1 
ATOM   750  C CG1 . ILE B 1 26 ? -2.048  7.018   -3.222  1.00 19.88 ? 26  ILE A CG1 1 
ATOM   751  C CG2 . ILE B 1 26 ? -3.060  5.645   -5.063  1.00 20.54 ? 26  ILE A CG2 1 
ATOM   752  C CD1 . ILE B 1 26 ? -2.633  8.399   -3.344  1.00 27.05 ? 26  ILE A CD1 1 
ATOM   753  N N   . GLU B 1 27 ? 0.047   4.841   -6.736  1.00 17.93 ? 27  GLU A N   1 
ATOM   754  C CA  . GLU B 1 27 ? 0.205   3.985   -7.908  1.00 19.16 ? 27  GLU A CA  1 
ATOM   755  C C   . GLU B 1 27 ? 0.955   2.705   -7.562  1.00 15.85 ? 27  GLU A C   1 
ATOM   756  O O   . GLU B 1 27 ? 0.542   1.605   -7.953  1.00 19.22 ? 27  GLU A O   1 
ATOM   757  C CB  . GLU B 1 27 ? 0.942   4.749   -9.006  1.00 21.72 ? 27  GLU A CB  1 
ATOM   758  C CG  . GLU B 1 27 ? 1.344   3.895   -10.183 1.00 23.12 ? 27  GLU A CG  1 
ATOM   759  C CD  . GLU B 1 27 ? 2.074   4.697   -11.229 1.00 32.32 ? 27  GLU A CD  1 
ATOM   760  O OE1 . GLU B 1 27 ? 2.753   5.680   -10.851 1.00 26.96 ? 27  GLU A OE1 1 
ATOM   761  O OE2 . GLU B 1 27 ? 1.979   4.334   -12.415 1.00 31.09 ? 27  GLU A OE2 1 
ATOM   762  N N   . GLU B 1 28 ? 2.074   2.834   -6.837  1.00 18.94 ? 28  GLU A N   1 
ATOM   763  C CA  . GLU B 1 28 ? 2.864   1.664   -6.447  1.00 19.00 ? 28  GLU A CA  1 
ATOM   764  C C   . GLU B 1 28 ? 2.064   0.716   -5.561  1.00 18.40 ? 28  GLU A C   1 
ATOM   765  O O   . GLU B 1 28 ? 2.091   -0.512  -5.755  1.00 14.41 ? 28  GLU A O   1 
ATOM   766  C CB  . GLU B 1 28 ? 4.137   2.125   -5.722  1.00 22.82 ? 28  GLU A CB  1 
ATOM   767  C CG  . GLU B 1 28 ? 4.855   1.030   -4.931  1.00 26.84 ? 28  GLU A CG  1 
ATOM   768  C CD  . GLU B 1 28 ? 5.444   -0.020  -5.837  1.00 27.09 ? 28  GLU A CD  1 
ATOM   769  O OE1 . GLU B 1 28 ? 5.618   0.285   -7.035  1.00 25.78 ? 28  GLU A OE1 1 
ATOM   770  O OE2 . GLU B 1 28 ? 5.701   -1.150  -5.365  1.00 28.66 ? 28  GLU A OE2 1 
ATOM   771  N N   . ALA B 1 29 ? 1.351   1.270   -4.573  1.00 17.20 ? 29  ALA A N   1 
ATOM   772  C CA  . ALA B 1 29 ? 0.511   0.422   -3.728  1.00 15.75 ? 29  ALA A CA  1 
ATOM   773  C C   . ALA B 1 29 ? -0.506  -0.342  -4.566  1.00 13.34 ? 29  ALA A C   1 
ATOM   774  O O   . ALA B 1 29 ? -0.767  -1.525  -4.324  1.00 15.09 ? 29  ALA A O   1 
ATOM   775  C CB  . ALA B 1 29 ? -0.206  1.278   -2.685  1.00 18.11 ? 29  ALA A CB  1 
ATOM   776  N N   . LEU B 1 30 ? -1.085  0.320   -5.568  1.00 15.29 ? 30  LEU A N   1 
ATOM   777  C CA  . LEU B 1 30 ? -2.098  -0.329  -6.401  1.00 16.93 ? 30  LEU A CA  1 
ATOM   778  C C   . LEU B 1 30 ? -1.514  -1.471  -7.224  1.00 15.89 ? 30  LEU A C   1 
ATOM   779  O O   . LEU B 1 30 ? -2.165  -2.515  -7.394  1.00 14.65 ? 30  LEU A O   1 
ATOM   780  C CB  . LEU B 1 30 ? -2.752  0.702   -7.311  1.00 15.62 ? 30  LEU A CB  1 
ATOM   781  C CG  . LEU B 1 30 ? -3.663  1.722   -6.626  1.00 16.37 ? 30  LEU A CG  1 
ATOM   782  C CD1 . LEU B 1 30 ? -3.857  2.912   -7.546  1.00 18.86 ? 30  LEU A CD1 1 
ATOM   783  C CD2 . LEU B 1 30 ? -5.005  1.098   -6.210  1.00 16.24 ? 30  LEU A CD2 1 
ATOM   784  N N   . LYS B 1 31 ? -0.305  -1.283  -7.779  1.00 14.86 ? 31  LYS A N   1 
ATOM   785  C CA  . LYS B 1 31 ? 0.366   -2.389  -8.481  1.00 17.29 ? 31  LYS A CA  1 
ATOM   786  C C   . LYS B 1 31 ? 0.573   -3.592  -7.551  1.00 17.47 ? 31  LYS A C   1 
ATOM   787  O O   . LYS B 1 31 ? 0.304   -4.763  -7.919  1.00 18.92 ? 31  LYS A O   1 
ATOM   788  C CB  . LYS B 1 31 ? 1.713   -1.908  -9.040  1.00 19.77 ? 31  LYS A CB  1 
ATOM   789  C CG  . LYS B 1 31 ? 1.628   -0.764  -10.077 1.00 23.37 ? 31  LYS A CG  1 
ATOM   790  C CD  . LYS B 1 31 ? 3.035   -0.148  -10.312 1.00 27.87 ? 31  LYS A CD  1 
ATOM   791  C CE  . LYS B 1 31 ? 3.144   0.794   -11.512 1.00 37.98 ? 31  LYS A CE  1 
ATOM   792  N NZ  . LYS B 1 31 ? 2.806   0.174   -12.815 1.00 44.93 ? 31  LYS A NZ  1 
ATOM   793  N N   . LEU B 1 32 ? 0.996   -3.315  -6.315  1.00 16.93 ? 32  LEU A N   1 
ATOM   794  C CA  . LEU B 1 32 ? 1.205   -4.374  -5.334  1.00 12.66 ? 32  LEU A CA  1 
ATOM   795  C C   . LEU B 1 32 ? -0.109  -5.092  -4.994  1.00 15.86 ? 32  LEU A C   1 
ATOM   796  O O   . LEU B 1 32 ? -0.137  -6.315  -4.819  1.00 15.18 ? 32  LEU A O   1 
ATOM   797  C CB  . LEU B 1 32 ? 1.832   -3.806  -4.048  1.00 16.60 ? 32  LEU A CB  1 
ATOM   798  C CG  . LEU B 1 32 ? 3.214   -3.179  -4.240  1.00 18.93 ? 32  LEU A CG  1 
ATOM   799  C CD1 . LEU B 1 32 ? 3.768   -2.557  -2.949  1.00 17.12 ? 32  LEU A CD1 1 
ATOM   800  C CD2 . LEU B 1 32 ? 4.173   -4.233  -4.769  1.00 19.87 ? 32  LEU A CD2 1 
HETATM 801  C C4  . OZW B 1 33 ? -2.517  2.863   2.657   1.00 23.53 ? 33  OZW A C4  1 
HETATM 802  C C5  . OZW B 1 33 ? -3.495  3.810   2.904   1.00 27.85 ? 33  OZW A C5  1 
HETATM 803  C C6  . OZW B 1 33 ? -3.803  2.021   0.779   1.00 24.52 ? 33  OZW A C6  1 
HETATM 804  C C1  . OZW B 1 33 ? -4.778  2.981   1.025   1.00 25.66 ? 33  OZW A C1  1 
HETATM 805  C C2  . OZW B 1 33 ? -2.670  1.972   1.612   1.00 21.12 ? 33  OZW A C2  1 
HETATM 806  C C3  . OZW B 1 33 ? -4.616  3.859   2.092   1.00 28.57 ? 33  OZW A C3  1 
HETATM 807  N N   . OZW B 1 33 ? -1.187  -4.329  -4.903  1.00 14.44 ? 33  OZW A N   1 
HETATM 808  C CA  . OZW B 1 33 ? -2.507  -4.896  -4.572  1.00 15.50 ? 33  OZW A CA  1 
HETATM 809  C C   . OZW B 1 33 ? -2.952  -5.823  -5.699  1.00 16.89 ? 33  OZW A C   1 
HETATM 810  O O   . OZW B 1 33 ? -3.564  -6.819  -5.455  1.00 15.26 ? 33  OZW A O   1 
HETATM 811  C CB  . OZW B 1 33 ? -3.588  -3.865  -4.386  1.00 16.59 ? 33  OZW A CB  1 
HETATM 812  C CG  . OZW B 1 33 ? -3.458  -2.860  -3.334  1.00 20.14 ? 33  OZW A CG  1 
HETATM 813  C CD1 . OZW B 1 33 ? -2.572  -3.002  -2.264  1.00 17.21 ? 33  OZW A CD1 1 
HETATM 814  C CD2 . OZW B 1 33 ? -4.234  -1.699  -3.401  1.00 19.00 ? 33  OZW A CD2 1 
HETATM 815  C CE1 . OZW B 1 33 ? -2.491  -2.013  -1.275  1.00 18.18 ? 33  OZW A CE1 1 
HETATM 816  C CE2 . OZW B 1 33 ? -4.148  -0.716  -2.442  1.00 16.23 ? 33  OZW A CE2 1 
HETATM 817  C CZ  . OZW B 1 33 ? -3.272  -0.858  -1.359  1.00 20.94 ? 33  OZW A CZ  1 
HETATM 818  N N1  . OZW B 1 33 ? -3.885  1.095   -0.260  1.00 20.96 ? 33  OZW A N1  1 
HETATM 819  N N2  . OZW B 1 33 ? -3.033  0.016   -0.260  1.00 18.72 ? 33  OZW A N2  1 
ATOM   820  N N   . ILE B 1 34 ? -2.705  -5.420  -6.937  1.00 14.91 ? 34  ILE A N   1 
ATOM   821  C CA  . ILE B 1 34 ? -3.075  -6.269  -8.076  1.00 21.26 ? 34  ILE A CA  1 
ATOM   822  C C   . ILE B 1 34 ? -2.432  -7.644  -7.921  1.00 19.90 ? 34  ILE A C   1 
ATOM   823  O O   . ILE B 1 34 ? -3.114  -8.702  -7.989  1.00 18.86 ? 34  ILE A O   1 
ATOM   824  C CB  . ILE B 1 34 ? -2.647  -5.645  -9.435  1.00 22.81 ? 34  ILE A CB  1 
ATOM   825  C CG1 . ILE B 1 34 ? -3.541  -4.457  -9.791  1.00 23.94 ? 34  ILE A CG1 1 
ATOM   826  C CG2 . ILE B 1 34 ? -2.668  -6.715  -10.532 1.00 22.84 ? 34  ILE A CG2 1 
ATOM   827  C CD1 . ILE B 1 34 ? -3.175  -3.760  -11.070 1.00 18.82 ? 34  ILE A CD1 1 
ATOM   828  N N   . GLU B 1 35 ? -1.116  -7.640  -7.683  1.00 18.12 ? 35  GLU A N   1 
ATOM   829  C CA  . GLU B 1 35 ? -0.442  -8.933  -7.550  1.00 19.18 ? 35  GLU A CA  1 
ATOM   830  C C   . GLU B 1 35 ? -0.940  -9.693  -6.317  1.00 19.57 ? 35  GLU A C   1 
ATOM   831  O O   . GLU B 1 35 ? -1.177  -10.919 -6.373  1.00 18.49 ? 35  GLU A O   1 
ATOM   832  C CB  . GLU B 1 35 ? 1.075   -8.748  -7.495  1.00 19.11 ? 35  GLU A CB  1 
ATOM   833  C CG  . GLU B 1 35 ? 1.676   -8.182  -8.780  1.00 29.42 ? 35  GLU A CG  1 
ATOM   834  C CD  . GLU B 1 35 ? 1.161   -8.889  -10.031 1.00 32.14 ? 35  GLU A CD  1 
ATOM   835  O OE1 . GLU B 1 35 ? 1.140   -10.138 -10.060 1.00 33.23 ? 35  GLU A OE1 1 
ATOM   836  O OE2 . GLU B 1 35 ? 0.743   -8.186  -10.973 1.00 31.53 ? 35  GLU A OE2 1 
ATOM   837  N N   . ALA B 1 36 ? -1.137  -8.974  -5.204  1.00 13.37 ? 36  ALA A N   1 
ATOM   838  C CA  . ALA B 1 36 ? -1.621  -9.592  -3.964  1.00 18.16 ? 36  ALA A CA  1 
ATOM   839  C C   . ALA B 1 36 ? -2.995  -10.222 -4.145  1.00 17.22 ? 36  ALA A C   1 
ATOM   840  O O   . ALA B 1 36 ? -3.273  -11.292 -3.592  1.00 17.50 ? 36  ALA A O   1 
ATOM   841  C CB  . ALA B 1 36 ? -1.694  -8.553  -2.844  1.00 12.73 ? 36  ALA A CB  1 
ATOM   842  N N   . TYR B 1 37 ? -3.867  -9.556  -4.898  1.00 15.58 ? 37  TYR A N   1 
ATOM   843  C CA  . TYR B 1 37 ? -5.232  -10.040 -5.077  1.00 20.60 ? 37  TYR A CA  1 
ATOM   844  C C   . TYR B 1 37 ? -5.253  -11.278 -5.965  1.00 24.44 ? 37  TYR A C   1 
ATOM   845  O O   . TYR B 1 37 ? -6.016  -12.223 -5.710  1.00 24.86 ? 37  TYR A O   1 
ATOM   846  C CB  . TYR B 1 37 ? -6.109  -8.920  -5.653  1.00 19.81 ? 37  TYR A CB  1 
ATOM   847  C CG  . TYR B 1 37 ? -7.567  -9.278  -5.735  1.00 19.64 ? 37  TYR A CG  1 
ATOM   848  C CD1 . TYR B 1 37 ? -8.422  -9.063  -4.658  1.00 26.34 ? 37  TYR A CD1 1 
ATOM   849  C CD2 . TYR B 1 37 ? -8.090  -9.863  -6.886  1.00 23.24 ? 37  TYR A CD2 1 
ATOM   850  C CE1 . TYR B 1 37 ? -9.764  -9.418  -4.729  1.00 26.92 ? 37  TYR A CE1 1 
ATOM   851  C CE2 . TYR B 1 37 ? -9.427  -10.222 -6.963  1.00 25.99 ? 37  TYR A CE2 1 
ATOM   852  C CZ  . TYR B 1 37 ? -10.251 -10.001 -5.887  1.00 25.91 ? 37  TYR A CZ  1 
ATOM   853  O OH  . TYR B 1 37 ? -11.570 -10.351 -5.969  1.00 33.67 ? 37  TYR A OH  1 
ATOM   854  N N   . LYS B 1 38 ? -4.419  -11.302 -7.008  1.00 22.22 ? 38  LYS A N   1 
ATOM   855  C CA  . LYS B 1 38 ? -4.307  -12.535 -7.780  1.00 25.19 ? 38  LYS A CA  1 
ATOM   856  C C   . LYS B 1 38 ? -3.853  -13.689 -6.898  1.00 25.26 ? 38  LYS A C   1 
ATOM   857  O O   . LYS B 1 38 ? -4.424  -14.792 -6.956  1.00 27.33 ? 38  LYS A O   1 
ATOM   858  C CB  . LYS B 1 38 ? -3.350  -12.350 -8.954  1.00 26.58 ? 38  LYS A CB  1 
ATOM   859  C CG  . LYS B 1 38 ? -3.783  -11.282 -9.931  1.00 29.58 ? 38  LYS A CG  1 
ATOM   860  C CD  . LYS B 1 38 ? -2.724  -11.049 -11.007 1.00 33.70 ? 38  LYS A CD  1 
ATOM   861  C CE  . LYS B 1 38 ? -3.315  -10.291 -12.191 1.00 36.92 ? 38  LYS A CE  1 
ATOM   862  N NZ  . LYS B 1 38 ? -2.273  -9.785  -13.131 1.00 41.19 ? 38  LYS A NZ  1 
ATOM   863  N N   . GLU B 1 39 ? -2.839  -13.453 -6.057  1.00 20.62 ? 39  GLU A N   1 
ATOM   864  C CA  . GLU B 1 39 ? -2.371  -14.521 -5.184  1.00 25.71 ? 39  GLU A CA  1 
ATOM   865  C C   . GLU B 1 39 ? -3.471  -14.977 -4.223  1.00 25.78 ? 39  GLU A C   1 
ATOM   866  O O   . GLU B 1 39 ? -3.650  -16.176 -4.010  1.00 26.31 ? 39  GLU A O   1 
ATOM   867  C CB  . GLU B 1 39 ? -1.126  -14.072 -4.421  1.00 30.34 ? 39  GLU A CB  1 
ATOM   868  C CG  . GLU B 1 39 ? 0.178   -14.235 -5.203  1.00 34.96 ? 39  GLU A CG  1 
ATOM   869  C CD  . GLU B 1 39 ? 0.163   -15.427 -6.154  1.00 43.11 ? 39  GLU A CD  1 
ATOM   870  O OE1 . GLU B 1 39 ? -0.137  -15.244 -7.360  1.00 45.40 ? 39  GLU A OE1 1 
ATOM   871  O OE2 . GLU B 1 39 ? 0.453   -16.553 -5.693  1.00 43.46 ? 39  GLU A OE2 1 
ATOM   872  N N   . ALA B 1 40 ? -4.222  -14.037 -3.640  1.00 22.31 ? 40  ALA A N   1 
ATOM   873  C CA  . ALA B 1 40 ? -5.271  -14.422 -2.693  1.00 23.98 ? 40  ALA A CA  1 
ATOM   874  C C   . ALA B 1 40 ? -6.383  -15.229 -3.374  1.00 25.91 ? 40  ALA A C   1 
ATOM   875  O O   . ALA B 1 40 ? -6.955  -16.141 -2.763  1.00 25.60 ? 40  ALA A O   1 
ATOM   876  C CB  . ALA B 1 40 ? -5.846  -13.179 -2.011  1.00 22.00 ? 40  ALA A CB  1 
ATOM   877  N N   . LYS B 1 41 ? -6.740  -14.867 -4.612  1.00 25.46 ? 41  LYS A N   1 
ATOM   878  C CA  . LYS B 1 41 ? -7.737  -15.623 -5.368  1.00 26.62 ? 41  LYS A CA  1 
ATOM   879  C C   . LYS B 1 41 ? -7.248  -17.040 -5.641  1.00 30.36 ? 41  LYS A C   1 
ATOM   880  O O   . LYS B 1 41 ? -7.973  -18.014 -5.417  1.00 28.56 ? 41  LYS A O   1 
ATOM   881  C CB  . LYS B 1 41 ? -8.066  -14.900 -6.674  1.00 23.56 ? 41  LYS A CB  1 
ATOM   882  C CG  . LYS B 1 41 ? -9.361  -15.387 -7.329  1.00 30.64 ? 41  LYS A CG  1 
ATOM   883  C CD  . LYS B 1 41 ? -10.490 -14.367 -7.144  1.00 35.82 ? 41  LYS A CD  1 
ATOM   884  C CE  . LYS B 1 41 ? -11.854 -15.038 -6.915  1.00 41.17 ? 41  LYS A CE  1 
ATOM   885  N NZ  . LYS B 1 41 ? -12.737 -14.215 -6.034  1.00 31.70 ? 41  LYS A NZ  1 
ATOM   886  N N   . LYS B 1 42 ? -6.018  -17.173 -6.146  1.00 28.43 ? 42  LYS A N   1 
ATOM   887  C CA  . LYS B 1 42 ? -5.427  -18.501 -6.291  1.00 28.48 ? 42  LYS A CA  1 
ATOM   888  C C   . LYS B 1 42 ? -5.382  -19.235 -4.946  1.00 30.75 ? 42  LYS A C   1 
ATOM   889  O O   . LYS B 1 42 ? -5.563  -20.463 -4.890  1.00 29.21 ? 42  LYS A O   1 
ATOM   890  C CB  . LYS B 1 42 ? -4.038  -18.390 -6.928  1.00 31.79 ? 42  LYS A CB  1 
ATOM   891  C CG  . LYS B 1 42 ? -3.389  -19.763 -7.284  1.00 32.83 ? 42  LYS A CG  1 
ATOM   892  C CD  . LYS B 1 42 ? -1.879  -19.672 -7.446  1.00 38.59 ? 42  LYS A CD  1 
ATOM   893  C CE  . LYS B 1 42 ? -1.490  -19.923 -8.894  1.00 43.41 ? 42  LYS A CE  1 
ATOM   894  N NZ  . LYS B 1 42 ? -0.305  -19.124 -9.335  1.00 51.94 ? 42  LYS A NZ  1 
ATOM   895  N N   . LYS B 1 43 ? -5.116  -18.507 -3.855  1.00 30.13 ? 43  LYS A N   1 
ATOM   896  C CA  . LYS B 1 43 ? -5.070  -19.069 -2.496  1.00 27.46 ? 43  LYS A CA  1 
ATOM   897  C C   . LYS B 1 43 ? -6.451  -19.513 -1.970  1.00 31.61 ? 43  LYS A C   1 
ATOM   898  O O   . LYS B 1 43 ? -6.557  -20.357 -1.057  1.00 24.97 ? 43  LYS A O   1 
ATOM   899  C CB  . LYS B 1 43 ? -4.636  -17.948 -1.501  1.00 36.08 ? 43  LYS A CB  1 
ATOM   900  C CG  . LYS B 1 43 ? -3.214  -17.516 -0.989  1.00 43.49 ? 43  LYS A CG  1 
ATOM   901  C CD  . LYS B 1 43 ? -2.325  -18.418 -0.225  1.00 45.82 ? 43  LYS A CD  1 
ATOM   902  C CE  . LYS B 1 43 ? -0.980  -17.716 0.018   1.00 50.16 ? 43  LYS A CE  1 
ATOM   903  N NZ  . LYS B 1 43 ? -1.227  -16.290 0.346   1.00 57.44 ? 43  LYS A NZ  1 
ATOM   904  N N   . GLY B 1 44 ? -7.512  -18.975 -2.548  1.00 26.98 ? 44  GLY A N   1 
ATOM   905  C CA  . GLY B 1 44 ? -8.828  -19.127 -1.982  1.00 31.05 ? 44  GLY A CA  1 
ATOM   906  C C   . GLY B 1 44 ? -9.022  -18.349 -0.699  1.00 31.92 ? 44  GLY A C   1 
ATOM   907  O O   . GLY B 1 44 ? -9.900  -18.704 0.095   1.00 28.08 ? 44  GLY A O   1 
ATOM   908  N N   . ASP B 1 45 ? -8.244  -17.276 -0.485  1.00 24.51 ? 45  ASP A N   1 
ATOM   909  C CA  . ASP B 1 45 ? -8.331  -16.454 0.727   1.00 27.40 ? 45  ASP A CA  1 
ATOM   910  C C   . ASP B 1 45 ? -9.311  -15.308 0.511   1.00 24.66 ? 45  ASP A C   1 
ATOM   911  O O   . ASP B 1 45 ? -8.936  -14.210 0.084   1.00 21.12 ? 45  ASP A O   1 
ATOM   912  C CB  . ASP B 1 45 ? -6.953  -15.937 1.128   1.00 23.75 ? 45  ASP A CB  1 
ATOM   913  C CG  . ASP B 1 45 ? -6.941  -15.329 2.542   1.00 25.85 ? 45  ASP A CG  1 
ATOM   914  O OD1 . ASP B 1 45 ? -8.015  -14.954 3.074   1.00 24.49 ? 45  ASP A OD1 1 
ATOM   915  O OD2 . ASP B 1 45 ? -5.855  -15.229 3.138   1.00 26.31 ? 45  ASP A OD2 1 
ATOM   916  N N   . ALA B 1 46 ? -10.576 -15.553 0.864   1.00 19.87 ? 46  ALA A N   1 
ATOM   917  C CA  . ALA B 1 46 ? -11.594 -14.523 0.720   1.00 24.49 ? 46  ALA A CA  1 
ATOM   918  C C   . ALA B 1 46 ? -11.349 -13.360 1.668   1.00 19.10 ? 46  ALA A C   1 
ATOM   919  O O   . ALA B 1 46 ? -11.666 -12.215 1.332   1.00 21.45 ? 46  ALA A O   1 
ATOM   920  C CB  . ALA B 1 46 ? -12.988 -15.102 0.954   1.00 25.62 ? 46  ALA A CB  1 
ATOM   921  N N   . LEU B 1 47 ? -10.806 -13.627 2.855   1.00 19.36 ? 47  LEU A N   1 
ATOM   922  C CA  . LEU B 1 47 ? -10.568 -12.537 3.796   1.00 19.46 ? 47  LEU A CA  1 
ATOM   923  C C   . LEU B 1 47 ? -9.548  -11.554 3.233   1.00 20.62 ? 47  LEU A C   1 
ATOM   924  O O   . LEU B 1 47 ? -9.742  -10.335 3.295   1.00 16.57 ? 47  LEU A O   1 
ATOM   925  C CB  . LEU B 1 47 ? -10.116 -13.107 5.142   1.00 19.12 ? 47  LEU A CB  1 
ATOM   926  C CG  . LEU B 1 47 ? -11.109 -14.148 5.695   1.00 20.48 ? 47  LEU A CG  1 
ATOM   927  C CD1 . LEU B 1 47 ? -10.755 -14.588 7.110   1.00 21.67 ? 47  LEU A CD1 1 
ATOM   928  C CD2 . LEU B 1 47 ? -12.531 -13.609 5.646   1.00 17.13 ? 47  LEU A CD2 1 
ATOM   929  N N   . GLN B 1 48 ? -8.467  -12.069 2.654   1.00 18.04 ? 48  GLN A N   1 
ATOM   930  C CA  . GLN B 1 48 ? -7.466  -11.188 2.074   1.00 19.22 ? 48  GLN A CA  1 
ATOM   931  C C   . GLN B 1 48 ? -8.016  -10.481 0.842   1.00 19.07 ? 48  GLN A C   1 
ATOM   932  O O   . GLN B 1 48 ? -7.717  -9.308  0.607   1.00 16.79 ? 48  GLN A O   1 
ATOM   933  C CB  . GLN B 1 48 ? -6.191  -11.983 1.754   1.00 22.42 ? 48  GLN A CB  1 
ATOM   934  C CG  . GLN B 1 48 ? -5.164  -11.233 0.894   1.00 23.53 ? 48  GLN A CG  1 
ATOM   935  C CD  . GLN B 1 48 ? -4.194  -10.380 1.697   1.00 29.00 ? 48  GLN A CD  1 
ATOM   936  O OE1 . GLN B 1 48 ? -4.466  -10.014 2.834   1.00 32.92 ? 48  GLN A OE1 1 
ATOM   937  N NE2 . GLN B 1 48 ? -3.044  -10.051 1.092   1.00 29.03 ? 48  GLN A NE2 1 
ATOM   938  N N   . GLN B 1 49 ? -8.859  -11.157 0.060   1.00 19.25 ? 49  GLN A N   1 
ATOM   939  C CA  . GLN B 1 49 ? -9.500  -10.472 -1.064  1.00 22.18 ? 49  GLN A CA  1 
ATOM   940  C C   . GLN B 1 49 ? -10.335 -9.283  -0.591  1.00 17.35 ? 49  GLN A C   1 
ATOM   941  O O   . GLN B 1 49 ? -10.283 -8.193  -1.171  1.00 19.80 ? 49  GLN A O   1 
ATOM   942  C CB  . GLN B 1 49 ? -10.360 -11.463 -1.846  1.00 20.42 ? 49  GLN A CB  1 
ATOM   943  C CG  . GLN B 1 49 ? -9.559  -12.519 -2.576  1.00 21.99 ? 49  GLN A CG  1 
ATOM   944  C CD  . GLN B 1 49 ? -10.456 -13.583 -3.170  1.00 29.69 ? 49  GLN A CD  1 
ATOM   945  O OE1 . GLN B 1 49 ? -11.212 -13.315 -4.095  1.00 31.25 ? 49  GLN A OE1 1 
ATOM   946  N NE2 . GLN B 1 49 ? -10.377 -14.793 -2.642  1.00 29.66 ? 49  GLN A NE2 1 
ATOM   947  N N   . ALA B 1 50 ? -11.114 -9.482  0.475   1.00 19.09 ? 50  ALA A N   1 
ATOM   948  C CA  . ALA B 1 50 ? -11.945 -8.415  1.024   1.00 22.24 ? 50  ALA A CA  1 
ATOM   949  C C   . ALA B 1 50 ? -11.102 -7.282  1.592   1.00 16.73 ? 50  ALA A C   1 
ATOM   950  O O   . ALA B 1 50 ? -11.440 -6.099  1.442   1.00 19.20 ? 50  ALA A O   1 
ATOM   951  C CB  . ALA B 1 50 ? -12.858 -8.985  2.111   1.00 19.84 ? 50  ALA A CB  1 
ATOM   952  N N   . LEU B 1 51 ? -10.018 -7.632  2.280   1.00 18.23 ? 51  LEU A N   1 
ATOM   953  C CA  . LEU B 1 51 ? -9.081  -6.621  2.745   1.00 18.77 ? 51  LEU A CA  1 
ATOM   954  C C   . LEU B 1 51 ? -8.537  -5.806  1.574   1.00 16.33 ? 51  LEU A C   1 
ATOM   955  O O   . LEU B 1 51 ? -8.440  -4.577  1.659   1.00 17.12 ? 51  LEU A O   1 
ATOM   956  C CB  . LEU B 1 51 ? -7.946  -7.289  3.527   1.00 20.70 ? 51  LEU A CB  1 
ATOM   957  C CG  . LEU B 1 51 ? -6.899  -6.331  4.099   1.00 20.89 ? 51  LEU A CG  1 
ATOM   958  C CD1 . LEU B 1 51 ? -7.577  -5.289  4.979   1.00 18.92 ? 51  LEU A CD1 1 
ATOM   959  C CD2 . LEU B 1 51 ? -5.816  -7.089  4.878   1.00 24.44 ? 51  LEU A CD2 1 
ATOM   960  N N   . LEU B 1 52 ? -8.206  -6.468  0.453   1.00 17.56 ? 52  LEU A N   1 
ATOM   961  C CA  . LEU B 1 52 ? -7.637  -5.732  -0.682  1.00 16.94 ? 52  LEU A CA  1 
ATOM   962  C C   . LEU B 1 52 ? -8.693  -4.880  -1.379  1.00 18.35 ? 52  LEU A C   1 
ATOM   963  O O   . LEU B 1 52 ? -8.376  -3.810  -1.910  1.00 18.18 ? 52  LEU A O   1 
ATOM   964  C CB  . LEU B 1 52 ? -6.953  -6.697  -1.659  1.00 13.95 ? 52  LEU A CB  1 
ATOM   965  C CG  . LEU B 1 52 ? -5.628  -7.244  -1.081  1.00 20.29 ? 52  LEU A CG  1 
ATOM   966  C CD1 . LEU B 1 52 ? -5.125  -8.495  -1.797  1.00 17.67 ? 52  LEU A CD1 1 
ATOM   967  C CD2 . LEU B 1 52 ? -4.504  -6.166  -1.056  1.00 15.07 ? 52  LEU A CD2 1 
ATOM   968  N N   . GLU B 1 53 ? -9.948  -5.329  -1.371  1.00 18.23 ? 53  GLU A N   1 
ATOM   969  C CA  . GLU B 1 53 ? -11.040 -4.515  -1.892  1.00 21.76 ? 53  GLU A CA  1 
ATOM   970  C C   . GLU B 1 53 ? -11.215 -3.252  -1.066  1.00 19.49 ? 53  GLU A C   1 
ATOM   971  O O   . GLU B 1 53 ? -11.448 -2.165  -1.613  1.00 21.06 ? 53  GLU A O   1 
ATOM   972  C CB  . GLU B 1 53 ? -12.354 -5.316  -1.883  1.00 22.44 ? 53  GLU A CB  1 
ATOM   973  C CG  . GLU B 1 53 ? -12.412 -6.482  -2.840  1.00 28.20 ? 53  GLU A CG  1 
ATOM   974  C CD  . GLU B 1 53 ? -12.828 -6.049  -4.223  1.00 32.19 ? 53  GLU A CD  1 
ATOM   975  O OE1 . GLU B 1 53 ? -13.097 -4.843  -4.387  1.00 32.95 ? 53  GLU A OE1 1 
ATOM   976  O OE2 . GLU B 1 53 ? -12.899 -6.905  -5.134  1.00 40.22 ? 53  GLU A OE2 1 
ATOM   977  N N   . GLU B 1 54 ? -11.095 -3.373  0.259   1.00 21.89 ? 54  GLU A N   1 
ATOM   978  C CA  . GLU B 1 54 ? -11.162 -2.182  1.102   1.00 19.03 ? 54  GLU A CA  1 
ATOM   979  C C   . GLU B 1 54 ? -9.967  -1.265  0.857   1.00 22.53 ? 54  GLU A C   1 
ATOM   980  O O   . GLU B 1 54 ? -10.109 -0.030  0.852   1.00 23.62 ? 54  GLU A O   1 
ATOM   981  C CB  . GLU B 1 54 ? -11.252 -2.594  2.568   1.00 17.56 ? 54  GLU A CB  1 
ATOM   982  C CG  . GLU B 1 54 ? -11.259 -1.455  3.547   1.00 22.54 ? 54  GLU A CG  1 
ATOM   983  C CD  . GLU B 1 54 ? -12.566 -0.668  3.548   1.00 30.79 ? 54  GLU A CD  1 
ATOM   984  O OE1 . GLU B 1 54 ? -13.600 -1.180  3.065   1.00 30.62 ? 54  GLU A OE1 1 
ATOM   985  O OE2 . GLU B 1 54 ? -12.549 0.472   4.043   1.00 41.71 ? 54  GLU A OE2 1 
ATOM   986  N N   . SER B 1 55 ? -8.779  -1.849  0.659   1.00 18.68 ? 55  SER A N   1 
ATOM   987  C CA  . SER B 1 55 ? -7.620  -1.041  0.279   1.00 20.12 ? 55  SER A CA  1 
ATOM   988  C C   . SER B 1 55 ? -7.909  -0.265  -1.000  1.00 20.46 ? 55  SER A C   1 
ATOM   989  O O   . SER B 1 55 ? -7.588  0.924   -1.102  1.00 24.21 ? 55  SER A O   1 
ATOM   990  C CB  . SER B 1 55 ? -6.383  -1.926  0.085   1.00 17.01 ? 55  SER A CB  1 
ATOM   991  O OG  . SER B 1 55 ? -6.071  -2.686  1.249   1.00 16.46 ? 55  SER A OG  1 
ATOM   992  N N   . LEU B 1 56 ? -8.515  -0.926  -1.986  1.00 22.85 ? 56  LEU A N   1 
ATOM   993  C CA  . LEU B 1 56 ? -8.832  -0.255  -3.247  1.00 23.96 ? 56  LEU A CA  1 
ATOM   994  C C   . LEU B 1 56 ? -9.788  0.909   -3.028  1.00 26.36 ? 56  LEU A C   1 
ATOM   995  O O   . LEU B 1 56 ? -9.593  2.004   -3.581  1.00 24.89 ? 56  LEU A O   1 
ATOM   996  C CB  . LEU B 1 56 ? -9.437  -1.260  -4.228  1.00 26.51 ? 56  LEU A CB  1 
ATOM   997  C CG  . LEU B 1 56 ? -9.026  -1.115  -5.685  1.00 30.02 ? 56  LEU A CG  1 
ATOM   998  C CD1 . LEU B 1 56 ? -7.506  -1.260  -5.778  1.00 30.25 ? 56  LEU A CD1 1 
ATOM   999  C CD2 . LEU B 1 56 ? -9.717  -2.156  -6.570  1.00 24.18 ? 56  LEU A CD2 1 
ATOM   1000 N N   . ALA B 1 57 ? -10.812 0.699   -2.196  1.00 27.60 ? 57  ALA A N   1 
ATOM   1001 C CA  . ALA B 1 57 ? -11.750 1.773   -1.882  1.00 26.21 ? 57  ALA A CA  1 
ATOM   1002 C C   . ALA B 1 57 ? -11.041 2.966   -1.249  1.00 26.65 ? 57  ALA A C   1 
ATOM   1003 O O   . ALA B 1 57 ? -11.298 4.124   -1.617  1.00 27.00 ? 57  ALA A O   1 
ATOM   1004 C CB  . ALA B 1 57 ? -12.848 1.248   -0.959  1.00 26.28 ? 57  ALA A CB  1 
ATOM   1005 N N   . GLN B 1 58 ? -10.133 2.708   -0.300  1.00 26.98 ? 58  GLN A N   1 
ATOM   1006 C CA  . GLN B 1 58 ? -9.466  3.816   0.389   1.00 23.90 ? 58  GLN A CA  1 
ATOM   1007 C C   . GLN B 1 58 ? -8.458  4.523   -0.516  1.00 25.09 ? 58  GLN A C   1 
ATOM   1008 O O   . GLN B 1 58 ? -8.314  5.755   -0.463  1.00 27.93 ? 58  GLN A O   1 
ATOM   1009 C CB  . GLN B 1 58 ? -8.786  3.307   1.660   1.00 23.10 ? 58  GLN A CB  1 
ATOM   1010 C CG  . GLN B 1 58 ? -9.780  2.975   2.772   1.00 33.94 ? 58  GLN A CG  1 
ATOM   1011 C CD  . GLN B 1 58 ? -9.105  2.569   4.065   1.00 32.11 ? 58  GLN A CD  1 
ATOM   1012 O OE1 . GLN B 1 58 ? -9.638  1.749   4.830   1.00 34.85 ? 58  GLN A OE1 1 
ATOM   1013 N NE2 . GLN B 1 58 ? -7.928  3.133   4.322   1.00 28.33 ? 58  GLN A NE2 1 
ATOM   1014 N N   . ALA B 1 59 ? -7.755  3.764   -1.351  1.00 25.74 ? 59  ALA A N   1 
ATOM   1015 C CA  . ALA B 1 59 ? -6.841  4.378   -2.305  1.00 27.61 ? 59  ALA A CA  1 
ATOM   1016 C C   . ALA B 1 59 ? -7.599  5.267   -3.285  1.00 25.81 ? 59  ALA A C   1 
ATOM   1017 O O   . ALA B 1 59 ? -7.152  6.377   -3.600  1.00 28.24 ? 59  ALA A O   1 
ATOM   1018 C CB  . ALA B 1 59 ? -6.053  3.290   -3.042  1.00 22.56 ? 59  ALA A CB  1 
ATOM   1019 N N   . GLU B 1 60 ? -8.759  4.802   -3.762  1.00 25.60 ? 60  GLU A N   1 
ATOM   1020 C CA  . GLU B 1 60 ? -9.566  5.611   -4.672  1.00 31.76 ? 60  GLU A CA  1 
ATOM   1021 C C   . GLU B 1 60 ? -10.054 6.887   -3.998  1.00 32.24 ? 60  GLU A C   1 
ATOM   1022 O O   . GLU B 1 60 ? -10.081 7.954   -4.624  1.00 38.84 ? 60  GLU A O   1 
ATOM   1023 C CB  . GLU B 1 60 ? -10.756 4.810   -5.194  1.00 31.17 ? 60  GLU A CB  1 
ATOM   1024 C CG  . GLU B 1 60 ? -11.707 5.634   -6.069  1.00 35.34 ? 60  GLU A CG  1 
ATOM   1025 C CD  . GLU B 1 60 ? -12.975 4.887   -6.429  1.00 39.25 ? 60  GLU A CD  1 
ATOM   1026 O OE1 . GLU B 1 60 ? -13.822 4.693   -5.531  1.00 40.65 ? 60  GLU A OE1 1 
ATOM   1027 O OE2 . GLU B 1 60 ? -13.125 4.496   -7.606  1.00 45.71 ? 60  GLU A OE2 1 
ATOM   1028 N N   . GLU B 1 61 ? -10.449 6.806   -2.726  1.00 29.74 ? 61  GLU A N   1 
ATOM   1029 C CA  . GLU B 1 61 ? -10.865 8.028   -2.043  1.00 33.05 ? 61  GLU A CA  1 
ATOM   1030 C C   . GLU B 1 61 ? -9.700  9.008   -1.929  1.00 39.11 ? 61  GLU A C   1 
ATOM   1031 O O   . GLU B 1 61 ? -9.867  10.220  -2.127  1.00 40.88 ? 61  GLU A O   1 
ATOM   1032 C CB  . GLU B 1 61 ? -11.441 7.687   -0.669  1.00 39.32 ? 61  GLU A CB  1 
ATOM   1033 C CG  . GLU B 1 61 ? -11.858 8.882   0.164   1.00 43.64 ? 61  GLU A CG  1 
ATOM   1034 C CD  . GLU B 1 61 ? -13.251 9.413   -0.189  1.00 48.60 ? 61  GLU A CD  1 
ATOM   1035 O OE1 . GLU B 1 61 ? -13.523 9.694   -1.382  1.00 40.88 ? 61  GLU A OE1 1 
ATOM   1036 O OE2 . GLU B 1 61 ? -14.078 9.545   0.739   1.00 54.08 ? 61  GLU A OE2 1 
ATOM   1037 N N   . MET B 1 62 ? -8.503  8.492   -1.640  1.00 36.17 ? 62  MET A N   1 
ATOM   1038 C CA  . MET B 1 62 ? -7.314  9.341   -1.595  1.00 35.20 ? 62  MET A CA  1 
ATOM   1039 C C   . MET B 1 62 ? -7.052  10.015  -2.932  1.00 33.45 ? 62  MET A C   1 
ATOM   1040 O O   . MET B 1 62 ? -6.734  11.212  -2.992  1.00 34.62 ? 62  MET A O   1 
ATOM   1041 C CB  . MET B 1 62 ? -6.115  8.503   -1.206  1.00 35.54 ? 62  MET A CB  1 
ATOM   1042 C CG  . MET B 1 62 ? -6.134  8.117   0.201   1.00 33.48 ? 62  MET A CG  1 
ATOM   1043 S SD  . MET B 1 62 ? -4.509  7.527   0.584   1.00 47.77 ? 62  MET A SD  1 
ATOM   1044 C CE  . MET B 1 62 ? -4.791  7.179   2.292   1.00 37.72 ? 62  MET A CE  1 
ATOM   1045 N N   . LEU B 1 63 ? -7.128  9.237   -4.009  1.00 32.59 ? 63  LEU A N   1 
ATOM   1046 C CA  . LEU B 1 63 ? -6.929  9.777   -5.345  1.00 33.30 ? 63  LEU A CA  1 
ATOM   1047 C C   . LEU B 1 63 ? -7.926  10.875  -5.631  1.00 39.53 ? 63  LEU A C   1 
ATOM   1048 O O   . LEU B 1 63 ? -7.566  11.919  -6.190  1.00 40.21 ? 63  LEU A O   1 
ATOM   1049 C CB  . LEU B 1 63 ? -7.077  8.676   -6.387  1.00 32.12 ? 63  LEU A CB  1 
ATOM   1050 C CG  . LEU B 1 63 ? -5.835  7.815   -6.536  1.00 32.81 ? 63  LEU A CG  1 
ATOM   1051 C CD1 . LEU B 1 63 ? -6.154  6.649   -7.450  1.00 26.77 ? 63  LEU A CD1 1 
ATOM   1052 C CD2 . LEU B 1 63 ? -4.647  8.668   -7.037  1.00 26.69 ? 63  LEU A CD2 1 
ATOM   1053 N N   . ARG B 1 64 ? -9.193  10.637  -5.284  1.00 35.71 ? 64  ARG A N   1 
ATOM   1054 C CA  . ARG B 1 64 ? -10.220 11.658  -5.429  1.00 43.35 ? 64  ARG A CA  1 
ATOM   1055 C C   . ARG B 1 64 ? -9.820  12.943  -4.718  1.00 44.15 ? 64  ARG A C   1 
ATOM   1056 O O   . ARG B 1 64 ? -9.852  14.030  -5.309  1.00 48.55 ? 64  ARG A O   1 
ATOM   1057 C CB  . ARG B 1 64 ? -11.546 11.125  -4.890  1.00 42.93 ? 64  ARG A CB  1 
ATOM   1058 C CG  . ARG B 1 64 ? -12.732 11.476  -5.758  1.00 46.94 ? 64  ARG A CG  1 
ATOM   1059 C CD  . ARG B 1 64 ? -14.008 11.387  -4.948  1.00 51.28 ? 64  ARG A CD  1 
ATOM   1060 N NE  . ARG B 1 64 ? -14.356 10.013  -4.606  1.00 53.09 ? 64  ARG A NE  1 
ATOM   1061 C CZ  . ARG B 1 64 ? -15.140 9.237   -5.343  1.00 58.29 ? 64  ARG A CZ  1 
ATOM   1062 N NH1 . ARG B 1 64 ? -15.663 9.664   -6.484  1.00 61.16 ? 64  ARG A NH1 1 
ATOM   1063 N NH2 . ARG B 1 64 ? -15.398 7.998   -4.932  1.00 51.79 ? 64  ARG A NH2 1 
ATOM   1064 N N   . ARG B 1 65 ? -9.427  12.834  -3.448  1.00 41.44 ? 65  ARG A N   1 
ATOM   1065 C CA  . ARG B 1 65 ? -9.007  14.014  -2.697  1.00 42.98 ? 65  ARG A CA  1 
ATOM   1066 C C   . ARG B 1 65 ? -7.875  14.755  -3.408  1.00 48.52 ? 65  ARG A C   1 
ATOM   1067 O O   . ARG B 1 65 ? -7.937  15.977  -3.591  1.00 43.54 ? 65  ARG A O   1 
ATOM   1068 C CB  . ARG B 1 65 ? -8.604  13.627  -1.272  1.00 43.75 ? 65  ARG A CB  1 
ATOM   1069 C CG  . ARG B 1 65 ? -9.763  13.579  -0.260  1.00 46.01 ? 65  ARG A CG  1 
ATOM   1070 C CD  . ARG B 1 65 ? -10.946 12.741  -0.767  1.00 46.10 ? 65  ARG A CD  1 
ATOM   1071 N NE  . ARG B 1 65 ? -12.016 12.499  0.201   1.00 53.25 ? 65  ARG A NE  1 
ATOM   1072 C CZ  . ARG B 1 65 ? -11.868 11.936  1.397   1.00 54.29 ? 65  ARG A CZ  1 
ATOM   1073 N NH1 . ARG B 1 65 ? -10.684 11.543  1.840   1.00 54.46 ? 65  ARG A NH1 1 
ATOM   1074 N NH2 . ARG B 1 65 ? -12.940 11.744  2.162   1.00 55.98 ? 65  ARG A NH2 1 
ATOM   1075 N N   . LEU B 1 66 ? -6.838  14.025  -3.842  1.00 41.81 ? 66  LEU A N   1 
ATOM   1076 C CA  . LEU B 1 66 ? -5.746  14.692  -4.552  1.00 41.62 ? 66  LEU A CA  1 
ATOM   1077 C C   . LEU B 1 66 ? -6.241  15.341  -5.839  1.00 44.31 ? 66  LEU A C   1 
ATOM   1078 O O   . LEU B 1 66 ? -5.752  16.409  -6.230  1.00 45.83 ? 66  LEU A O   1 
ATOM   1079 C CB  . LEU B 1 66 ? -4.616  13.711  -4.863  1.00 38.38 ? 66  LEU A CB  1 
ATOM   1080 C CG  . LEU B 1 66 ? -3.864  13.062  -3.699  1.00 38.30 ? 66  LEU A CG  1 
ATOM   1081 C CD1 . LEU B 1 66 ? -2.820  12.096  -4.247  1.00 38.54 ? 66  LEU A CD1 1 
ATOM   1082 C CD2 . LEU B 1 66 ? -3.236  14.094  -2.768  1.00 36.46 ? 66  LEU A CD2 1 
ATOM   1083 N N   . GLU B 1 67 ? -7.228  14.731  -6.491  1.00 42.49 ? 67  GLU A N   1 
ATOM   1084 C CA  . GLU B 1 67 ? -7.766  15.259  -7.737  1.00 48.93 ? 67  GLU A CA  1 
ATOM   1085 C C   . GLU B 1 67 ? -8.583  16.526  -7.512  1.00 52.78 ? 67  GLU A C   1 
ATOM   1086 O O   . GLU B 1 67 ? -8.853  17.253  -8.475  1.00 52.09 ? 67  GLU A O   1 
ATOM   1087 C CB  . GLU B 1 67 ? -8.622  14.191  -8.428  1.00 47.41 ? 67  GLU A CB  1 
ATOM   1088 C CG  . GLU B 1 67 ? -7.817  13.110  -9.155  1.00 43.97 ? 67  GLU A CG  1 
ATOM   1089 C CD  . GLU B 1 67 ? -8.652  11.894  -9.494  1.00 40.07 ? 67  GLU A CD  1 
ATOM   1090 O OE1 . GLU B 1 67 ? -9.753  11.767  -8.923  1.00 45.58 ? 67  GLU A OE1 1 
ATOM   1091 N N   . HIS B 1 68 ? -8.958  16.812  -6.266  1.00 50.41 ? 68  HIS A N   1 
ATOM   1092 C CA  . HIS B 1 68 ? -9.630  18.056  -5.901  1.00 53.54 ? 68  HIS A CA  1 
ATOM   1093 C C   . HIS B 1 68 ? -8.629  19.187  -5.756  1.00 50.58 ? 68  HIS A C   1 
ATOM   1094 O O   . HIS B 1 68 ? -7.742  19.130  -4.909  1.00 50.46 ? 68  HIS A O   1 
ATOM   1095 C CB  . HIS B 1 68 ? -10.397 17.872  -4.590  1.00 54.87 ? 68  HIS A CB  1 
HETATM 1096 O O   . HOH C 2 .  ? 19.112  1.970   11.834  1.00 38.32 ? 101 HOH B O   1 
HETATM 1097 O O   . HOH C 2 .  ? 9.216   -10.318 7.198   1.00 37.76 ? 102 HOH B O   1 
HETATM 1098 O O   . HOH C 2 .  ? 20.636  -3.736  -3.745  1.00 53.38 ? 103 HOH B O   1 
HETATM 1099 O O   . HOH C 2 .  ? 4.894   11.165  10.615  1.00 37.11 ? 104 HOH B O   1 
HETATM 1100 O O   . HOH C 2 .  ? 10.264  -10.981 4.242   1.00 44.44 ? 105 HOH B O   1 
HETATM 1101 O O   . HOH C 2 .  ? -4.538  -6.710  12.179  1.00 28.84 ? 106 HOH B O   1 
HETATM 1102 O O   . HOH C 2 .  ? 0.724   -4.792  17.964  1.00 34.96 ? 107 HOH B O   1 
HETATM 1103 O O   . HOH C 2 .  ? 11.092  9.463   1.415   1.00 25.73 ? 108 HOH B O   1 
HETATM 1104 O O   . HOH C 2 .  ? -4.741  15.683  9.268   1.00 41.76 ? 109 HOH B O   1 
HETATM 1105 O O   . HOH C 2 .  ? 0.186   10.331  1.858   1.00 35.06 ? 110 HOH B O   1 
HETATM 1106 O O   . HOH C 2 .  ? 16.746  -2.322  4.533   1.00 32.87 ? 111 HOH B O   1 
HETATM 1107 O O   . HOH C 2 .  ? -3.371  -2.551  1.971   1.00 26.36 ? 112 HOH B O   1 
HETATM 1108 O O   . HOH C 2 .  ? -4.626  8.757   8.900   1.00 43.30 ? 113 HOH B O   1 
HETATM 1109 O O   . HOH C 2 .  ? 17.305  4.657   -3.013  1.00 27.21 ? 114 HOH B O   1 
HETATM 1110 O O   . HOH C 2 .  ? -1.538  11.897  6.198   1.00 41.43 ? 115 HOH B O   1 
HETATM 1111 O O   . HOH C 2 .  ? 15.127  -7.210  6.068   1.00 35.01 ? 116 HOH B O   1 
HETATM 1112 O O   . HOH C 2 .  ? 11.416  6.597   -6.914  1.00 21.20 ? 117 HOH B O   1 
HETATM 1113 O O   . HOH C 2 .  ? -4.553  -5.980  7.990   1.00 24.02 ? 118 HOH B O   1 
HETATM 1114 O O   . HOH C 2 .  ? 17.394  -3.453  15.728  1.00 34.95 ? 119 HOH B O   1 
HETATM 1115 O O   . HOH C 2 .  ? 6.586   10.042  8.204   1.00 29.36 ? 120 HOH B O   1 
HETATM 1116 O O   . HOH C 2 .  ? -0.940  2.723   17.453  1.00 35.04 ? 121 HOH B O   1 
HETATM 1117 O O   . HOH C 2 .  ? 12.229  1.523   -10.710 1.00 38.05 ? 122 HOH B O   1 
HETATM 1118 O O   . HOH C 2 .  ? 5.825   -8.975  4.370   1.00 21.13 ? 123 HOH B O   1 
HETATM 1119 O O   . HOH C 2 .  ? -2.684  -7.726  6.885   1.00 24.08 ? 124 HOH B O   1 
HETATM 1120 O O   . HOH C 2 .  ? 4.786   -7.060  -2.321  1.00 18.83 ? 125 HOH B O   1 
HETATM 1121 O O   . HOH C 2 .  ? 9.835   -3.963  -5.771  1.00 20.36 ? 126 HOH B O   1 
HETATM 1122 O O   . HOH C 2 .  ? 9.033   2.617   12.253  1.00 44.47 ? 127 HOH B O   1 
HETATM 1123 O O   . HOH C 2 .  ? 17.227  2.512   -9.684  1.00 27.74 ? 128 HOH B O   1 
HETATM 1124 O O   . HOH C 2 .  ? 16.682  -8.672  -0.435  1.00 29.84 ? 129 HOH B O   1 
HETATM 1125 O O   . HOH C 2 .  ? 10.377  2.597   -9.208  1.00 37.11 ? 130 HOH B O   1 
HETATM 1126 O O   . HOH C 2 .  ? 5.362   -6.360  13.223  1.00 24.09 ? 131 HOH B O   1 
HETATM 1127 O O   . HOH C 2 .  ? 1.657   9.178   17.347  1.00 43.40 ? 132 HOH B O   1 
HETATM 1128 O O   . HOH C 2 .  ? -6.099  -5.404  14.763  1.00 43.24 ? 133 HOH B O   1 
HETATM 1129 O O   . HOH C 2 .  ? 12.741  8.306   -0.509  1.00 24.60 ? 134 HOH B O   1 
HETATM 1130 O O   . HOH C 2 .  ? 11.740  -5.116  3.861   1.00 26.03 ? 135 HOH B O   1 
HETATM 1131 O O   . HOH C 2 .  ? 9.628   4.912   11.295  1.00 40.65 ? 136 HOH B O   1 
HETATM 1132 O O   . HOH C 2 .  ? 22.041  -6.112  -7.204  1.00 36.76 ? 137 HOH B O   1 
HETATM 1133 O O   . HOH C 2 .  ? 10.007  -10.659 -1.529  1.00 47.46 ? 138 HOH B O   1 
HETATM 1134 O O   . HOH C 2 .  ? 11.660  -4.011  -7.823  1.00 30.81 ? 139 HOH B O   1 
HETATM 1135 O O   . HOH C 2 .  ? 8.066   -4.126  15.315  1.00 29.24 ? 140 HOH B O   1 
HETATM 1136 O O   . HOH C 2 .  ? 4.196   13.723  -1.033  1.00 33.02 ? 141 HOH B O   1 
HETATM 1137 O O   . HOH C 2 .  ? 0.237   10.670  4.427   1.00 32.47 ? 142 HOH B O   1 
HETATM 1138 O O   . HOH C 2 .  ? 16.039  5.225   4.508   1.00 46.55 ? 143 HOH B O   1 
HETATM 1139 O O   . HOH C 2 .  ? 8.533   -7.566  -8.427  1.00 39.00 ? 144 HOH B O   1 
HETATM 1140 O O   . HOH C 2 .  ? 1.179   -8.664  17.410  1.00 46.40 ? 145 HOH B O   1 
HETATM 1141 O O   . HOH C 2 .  ? -4.506  8.989   22.082  1.00 41.64 ? 146 HOH B O   1 
HETATM 1142 O O   . HOH C 2 .  ? 14.834  -4.638  4.615   1.00 24.38 ? 147 HOH B O   1 
HETATM 1143 O O   . HOH C 2 .  ? -10.116 -7.390  9.925   1.00 36.53 ? 148 HOH B O   1 
HETATM 1144 O O   . HOH C 2 .  ? 8.664   -4.710  -9.570  1.00 45.22 ? 149 HOH B O   1 
HETATM 1145 O O   . HOH C 2 .  ? 6.516   -7.226  -4.468  1.00 25.56 ? 150 HOH B O   1 
HETATM 1146 O O   . HOH C 2 .  ? 3.903   13.567  16.146  1.00 41.83 ? 151 HOH B O   1 
HETATM 1147 O O   . HOH C 2 .  ? 4.179   -10.672 3.656   1.00 37.03 ? 152 HOH B O   1 
HETATM 1148 O O   . HOH C 2 .  ? 19.619  -8.542  -1.366  1.00 51.30 ? 153 HOH B O   1 
HETATM 1149 O O   . HOH C 2 .  ? 10.110  -2.718  -10.522 1.00 37.55 ? 154 HOH B O   1 
HETATM 1150 O O   . HOH C 2 .  ? 8.017   -10.192 -4.144  1.00 38.35 ? 155 HOH B O   1 
HETATM 1151 O O   . HOH C 2 .  ? 6.614   -9.202  7.224   1.00 32.40 ? 156 HOH B O   1 
HETATM 1152 O O   . HOH C 2 .  ? 3.850   -10.264 0.718   1.00 39.15 ? 157 HOH B O   1 
HETATM 1153 O O   . HOH C 2 .  ? 9.992   6.030   -8.923  1.00 39.12 ? 158 HOH B O   1 
HETATM 1154 O O   . HOH C 2 .  ? 4.547   -8.404  11.340  1.00 37.30 ? 159 HOH B O   1 
HETATM 1155 O O   . HOH C 2 .  ? 7.311   -5.504  -6.275  1.00 31.05 ? 160 HOH B O   1 
HETATM 1156 O O   . HOH C 2 .  ? -2.721  4.090   18.995  1.00 39.39 ? 161 HOH B O   1 
HETATM 1157 O O   . HOH C 2 .  ? -6.487  -8.436  11.286  1.00 31.02 ? 162 HOH B O   1 
HETATM 1158 O O   . HOH C 2 .  ? -6.544  -7.810  8.518   1.00 27.92 ? 163 HOH B O   1 
HETATM 1159 O O   . HOH C 2 .  ? 4.017   -9.651  -1.507  1.00 19.62 ? 164 HOH B O   1 
HETATM 1160 O O   . HOH C 2 .  ? 13.450  11.015  2.673   1.00 38.82 ? 165 HOH B O   1 
HETATM 1161 O O   . HOH C 2 .  ? 5.905   -11.445 -2.801  1.00 35.55 ? 166 HOH B O   1 
HETATM 1162 O O   . HOH D 2 .  ? -12.832 -9.296  -4.798  1.00 29.22 ? 101 HOH A O   1 
HETATM 1163 O O   . HOH D 2 .  ? -1.152  14.615  -6.878  1.00 33.09 ? 102 HOH A O   1 
HETATM 1164 O O   . HOH D 2 .  ? -13.242 3.050   -9.298  1.00 41.52 ? 103 HOH A O   1 
HETATM 1165 O O   . HOH D 2 .  ? 2.457   10.452  -14.292 1.00 39.48 ? 104 HOH A O   1 
HETATM 1166 O O   . HOH D 2 .  ? -13.100 -2.045  -3.839  1.00 31.41 ? 105 HOH A O   1 
HETATM 1167 O O   . HOH D 2 .  ? -9.852  -9.492  -16.313 1.00 37.35 ? 106 HOH A O   1 
HETATM 1168 O O   . HOH D 2 .  ? -5.526  12.277  -1.158  1.00 38.45 ? 107 HOH A O   1 
HETATM 1169 O O   . HOH D 2 .  ? -7.063  -10.141 -13.323 1.00 36.36 ? 108 HOH A O   1 
HETATM 1170 O O   . HOH D 2 .  ? -2.745  -14.472 -0.420  1.00 28.23 ? 109 HOH A O   1 
HETATM 1171 O O   . HOH D 2 .  ? 0.012   9.240   -1.368  1.00 28.92 ? 110 HOH A O   1 
HETATM 1172 O O   . HOH D 2 .  ? -13.604 5.139   -2.965  1.00 39.22 ? 111 HOH A O   1 
HETATM 1173 O O   . HOH D 2 .  ? -3.189  -3.791  -18.786 1.00 46.05 ? 112 HOH A O   1 
HETATM 1174 O O   . HOH D 2 .  ? 2.070   -7.607  -4.116  1.00 15.62 ? 113 HOH A O   1 
HETATM 1175 O O   . HOH D 2 .  ? -2.353  -11.861 -1.130  1.00 23.83 ? 114 HOH A O   1 
HETATM 1176 O O   . HOH D 2 .  ? 0.971   -5.318  -10.467 1.00 20.82 ? 115 HOH A O   1 
HETATM 1177 O O   . HOH D 2 .  ? -11.726 -17.100 -2.999  1.00 29.08 ? 116 HOH A O   1 
HETATM 1178 O O   . HOH D 2 .  ? 4.568   4.944   -8.762  1.00 26.33 ? 117 HOH A O   1 
HETATM 1179 O O   . HOH D 2 .  ? -1.145  -16.209 3.058   1.00 49.04 ? 118 HOH A O   1 
HETATM 1180 O O   . HOH D 2 .  ? -8.835  6.982   1.922   1.00 34.70 ? 119 HOH A O   1 
HETATM 1181 O O   . HOH D 2 .  ? -8.566  5.557   -15.416 1.00 34.33 ? 120 HOH A O   1 
HETATM 1182 O O   . HOH D 2 .  ? -13.565 8.163   -7.537  1.00 51.30 ? 121 HOH A O   1 
HETATM 1183 O O   . HOH D 2 .  ? -8.721  -0.928  -16.507 1.00 33.27 ? 122 HOH A O   1 
HETATM 1184 O O   . HOH D 2 .  ? -5.219  -15.772 -9.488  1.00 29.82 ? 123 HOH A O   1 
HETATM 1185 O O   . HOH D 2 .  ? -4.580  -22.156 -0.100  1.00 26.01 ? 124 HOH A O   1 
HETATM 1186 O O   . HOH D 2 .  ? -10.371 -9.010  5.788   1.00 19.22 ? 125 HOH A O   1 
HETATM 1187 O O   . HOH D 2 .  ? -14.253 -5.424  1.276   1.00 34.50 ? 126 HOH A O   1 
HETATM 1188 O O   . HOH D 2 .  ? -10.771 -18.112 -4.654  1.00 31.40 ? 127 HOH A O   1 
HETATM 1189 O O   . HOH D 2 .  ? -3.192  0.900   -15.554 1.00 32.29 ? 128 HOH A O   1 
HETATM 1190 O O   . HOH D 2 .  ? -13.536 -3.140  -6.747  1.00 41.31 ? 129 HOH A O   1 
HETATM 1191 O O   . HOH D 2 .  ? 6.029   -3.250  -7.415  1.00 30.49 ? 130 HOH A O   1 
HETATM 1192 O O   . HOH D 2 .  ? -11.117 -17.471 3.043   1.00 28.64 ? 131 HOH A O   1 
HETATM 1193 O O   . HOH D 2 .  ? -6.385  -13.730 5.686   1.00 27.23 ? 132 HOH A O   1 
HETATM 1194 O O   . HOH D 2 .  ? -7.100  -19.697 1.834   1.00 33.49 ? 133 HOH A O   1 
HETATM 1195 O O   . HOH D 2 .  ? -5.817  -8.517  -9.310  1.00 30.92 ? 134 HOH A O   1 
HETATM 1196 O O   . HOH D 2 .  ? -12.753 -18.844 -0.991  1.00 34.31 ? 135 HOH A O   1 
HETATM 1197 O O   . HOH D 2 .  ? 5.055   2.290   -9.376  1.00 27.72 ? 136 HOH A O   1 
HETATM 1198 O O   . HOH D 2 .  ? 3.042   14.906  -3.153  1.00 32.27 ? 137 HOH A O   1 
HETATM 1199 O O   . HOH D 2 .  ? -0.614  -6.093  -14.475 1.00 35.05 ? 138 HOH A O   1 
HETATM 1200 O O   . HOH D 2 .  ? -14.658 12.730  -2.582  1.00 55.77 ? 139 HOH A O   1 
HETATM 1201 O O   . HOH D 2 .  ? -6.751  -11.108 5.450   1.00 32.32 ? 140 HOH A O   1 
HETATM 1202 O O   . HOH D 2 .  ? -8.299  -9.687  -10.727 1.00 32.92 ? 141 HOH A O   1 
HETATM 1203 O O   . HOH D 2 .  ? -2.183  -20.675 -3.600  1.00 27.74 ? 142 HOH A O   1 
HETATM 1204 O O   . HOH D 2 .  ? 1.742   -10.087 -3.111  1.00 21.23 ? 143 HOH A O   1 
HETATM 1205 O O   . HOH D 2 .  ? -16.813 6.951   0.104   1.00 45.79 ? 144 HOH A O   1 
HETATM 1206 O O   . HOH D 2 .  ? -6.314  -18.634 -9.673  1.00 43.16 ? 145 HOH A O   1 
HETATM 1207 O O   . HOH D 2 .  ? -15.292 1.200   -10.326 1.00 47.25 ? 146 HOH A O   1 
HETATM 1208 O O   . HOH D 2 .  ? 6.751   7.758   -11.955 1.00 34.27 ? 147 HOH A O   1 
HETATM 1209 O O   . HOH D 2 .  ? -0.481  -4.432  -12.831 1.00 31.49 ? 148 HOH A O   1 
HETATM 1210 O O   . HOH D 2 .  ? -0.929  -0.468  -15.175 1.00 47.32 ? 149 HOH A O   1 
HETATM 1211 O O   . HOH D 2 .  ? 0.075   15.467  -2.650  1.00 31.59 ? 150 HOH A O   1 
HETATM 1212 O O   . HOH D 2 .  ? 0.425   -11.235 -1.211  1.00 23.42 ? 151 HOH A O   1 
HETATM 1213 O O   . HOH D 2 .  ? 6.976   5.779   -9.772  1.00 25.21 ? 152 HOH A O   1 
HETATM 1214 O O   . HOH D 2 .  ? -11.989 -18.748 -7.220  1.00 41.44 ? 153 HOH A O   1 
HETATM 1215 O O   . HOH D 2 .  ? -15.545 5.012   -0.443  1.00 54.63 ? 154 HOH A O   1 
HETATM 1216 O O   . HOH D 2 .  ? 4.103   -7.768  -6.120  1.00 23.51 ? 155 HOH A O   1 
HETATM 1217 O O   . HOH D 2 .  ? -5.035  6.770   5.106   1.00 46.18 ? 156 HOH A O   1 
HETATM 1218 O O   . HOH D 2 .  ? -8.941  -7.232  7.527   1.00 33.49 ? 157 HOH A O   1 
# 
